data_1X5Y
#
_entry.id   1X5Y
#
_entity_poly.entity_id   1
_entity_poly.type   'polypeptide(L)'
_entity_poly.pdbx_seq_one_letter_code
;GSSGSSGPTSAPQHLTVEDVTDTTTTLKWRPPDRIGAGGIDGYLVEYCLEGSEEWVPANKEPVERCGFTVKDLPTGARIL
FRVVGVNIAGRSEPATLLQPVTIRESGPSSG
;
_entity_poly.pdbx_strand_id   A
#
# COMPACT_ATOMS: atom_id res chain seq x y z
N GLY A 1 20.72 -8.20 27.83
CA GLY A 1 19.32 -8.39 28.19
C GLY A 1 18.39 -7.79 27.13
N SER A 2 17.13 -8.19 27.20
CA SER A 2 16.14 -7.70 26.26
C SER A 2 14.74 -8.19 26.68
N SER A 3 13.74 -7.43 26.25
CA SER A 3 12.36 -7.77 26.57
C SER A 3 11.41 -6.91 25.74
N GLY A 4 10.64 -7.59 24.89
CA GLY A 4 9.69 -6.90 24.04
C GLY A 4 10.40 -5.98 23.04
N SER A 5 10.10 -6.19 21.78
CA SER A 5 10.69 -5.40 20.72
C SER A 5 10.26 -3.94 20.86
N SER A 6 11.06 -3.05 20.27
CA SER A 6 10.77 -1.64 20.31
C SER A 6 10.92 -1.02 18.92
N GLY A 7 9.89 -0.31 18.50
CA GLY A 7 9.89 0.33 17.19
C GLY A 7 9.03 -0.46 16.20
N PRO A 8 8.59 0.27 15.14
CA PRO A 8 7.76 -0.35 14.11
C PRO A 8 8.61 -1.24 13.19
N THR A 9 8.01 -2.35 12.79
CA THR A 9 8.69 -3.29 11.91
C THR A 9 9.31 -2.56 10.72
N SER A 10 10.03 -3.32 9.91
CA SER A 10 10.67 -2.75 8.73
C SER A 10 9.63 -2.43 7.66
N ALA A 11 9.72 -1.23 7.12
CA ALA A 11 8.80 -0.78 6.09
C ALA A 11 8.61 -1.90 5.07
N PRO A 12 7.50 -1.79 4.30
CA PRO A 12 7.19 -2.78 3.27
C PRO A 12 8.10 -2.61 2.05
N GLN A 13 8.22 -3.69 1.29
CA GLN A 13 9.06 -3.67 0.10
C GLN A 13 8.45 -4.56 -0.98
N HIS A 14 8.99 -4.42 -2.19
CA HIS A 14 8.50 -5.20 -3.32
C HIS A 14 7.05 -4.83 -3.62
N LEU A 15 6.75 -3.56 -3.41
CA LEU A 15 5.41 -3.05 -3.66
C LEU A 15 5.33 -2.51 -5.09
N THR A 16 4.59 -3.23 -5.92
CA THR A 16 4.41 -2.84 -7.30
C THR A 16 2.97 -3.06 -7.75
N VAL A 17 2.66 -2.56 -8.95
CA VAL A 17 1.33 -2.70 -9.50
C VAL A 17 1.26 -3.98 -10.34
N GLU A 18 0.49 -4.94 -9.84
CA GLU A 18 0.33 -6.20 -10.54
C GLU A 18 -0.63 -6.04 -11.71
N ASP A 19 -1.82 -5.55 -11.40
CA ASP A 19 -2.84 -5.35 -12.41
C ASP A 19 -3.55 -4.01 -12.18
N VAL A 20 -4.28 -3.57 -13.19
CA VAL A 20 -4.99 -2.31 -13.09
C VAL A 20 -6.32 -2.43 -13.86
N THR A 21 -7.40 -2.05 -13.18
CA THR A 21 -8.72 -2.11 -13.79
C THR A 21 -9.20 -0.70 -14.14
N ASP A 22 -10.51 -0.57 -14.25
CA ASP A 22 -11.12 0.71 -14.59
C ASP A 22 -11.32 1.52 -13.31
N THR A 23 -11.95 0.86 -12.33
CA THR A 23 -12.21 1.51 -11.05
C THR A 23 -11.62 0.69 -9.91
N THR A 24 -10.67 -0.16 -10.26
CA THR A 24 -10.02 -1.01 -9.28
C THR A 24 -8.56 -1.25 -9.66
N THR A 25 -7.74 -1.44 -8.64
CA THR A 25 -6.32 -1.68 -8.85
C THR A 25 -5.81 -2.75 -7.89
N THR A 26 -4.73 -3.40 -8.31
CA THR A 26 -4.14 -4.45 -7.49
C THR A 26 -2.74 -4.04 -7.03
N LEU A 27 -2.40 -4.48 -5.82
CA LEU A 27 -1.10 -4.16 -5.25
C LEU A 27 -0.52 -5.41 -4.59
N LYS A 28 0.78 -5.58 -4.74
CA LYS A 28 1.47 -6.72 -4.17
C LYS A 28 2.79 -6.27 -3.56
N TRP A 29 2.94 -6.53 -2.27
CA TRP A 29 4.15 -6.16 -1.57
C TRP A 29 4.68 -7.39 -0.84
N ARG A 30 5.80 -7.22 -0.14
CA ARG A 30 6.41 -8.31 0.59
C ARG A 30 6.57 -7.92 2.07
N PRO A 31 6.60 -8.97 2.93
CA PRO A 31 6.75 -8.76 4.36
C PRO A 31 8.18 -8.37 4.71
N PRO A 32 8.34 -7.76 5.93
CA PRO A 32 9.65 -7.34 6.39
C PRO A 32 10.48 -8.54 6.84
N ASP A 33 11.74 -8.26 7.16
CA ASP A 33 12.65 -9.29 7.60
C ASP A 33 12.91 -9.13 9.10
N ARG A 34 12.92 -7.87 9.53
CA ARG A 34 13.15 -7.57 10.93
C ARG A 34 11.82 -7.39 11.66
N ILE A 35 11.22 -8.51 12.03
CA ILE A 35 9.95 -8.49 12.74
C ILE A 35 10.19 -8.80 14.21
N GLY A 36 10.66 -10.01 14.45
CA GLY A 36 10.95 -10.45 15.82
C GLY A 36 9.65 -10.75 16.56
N ALA A 37 9.69 -10.55 17.88
CA ALA A 37 8.53 -10.80 18.72
C ALA A 37 7.49 -9.73 18.45
N GLY A 38 6.23 -10.11 18.66
CA GLY A 38 5.12 -9.18 18.45
C GLY A 38 4.39 -9.51 17.15
N GLY A 39 5.11 -9.40 16.04
CA GLY A 39 4.54 -9.68 14.74
C GLY A 39 3.77 -8.47 14.20
N ILE A 40 3.83 -8.30 12.89
CA ILE A 40 3.15 -7.19 12.25
C ILE A 40 1.64 -7.45 12.24
N ASP A 41 0.88 -6.39 12.47
CA ASP A 41 -0.57 -6.50 12.49
C ASP A 41 -1.09 -6.58 11.05
N GLY A 42 -0.54 -5.73 10.20
CA GLY A 42 -0.93 -5.70 8.81
C GLY A 42 -0.28 -4.53 8.08
N TYR A 43 -1.06 -3.92 7.19
CA TYR A 43 -0.58 -2.78 6.42
C TYR A 43 -1.72 -1.83 6.08
N LEU A 44 -1.41 -0.54 6.11
CA LEU A 44 -2.40 0.47 5.79
C LEU A 44 -2.13 1.05 4.40
N VAL A 45 -3.07 0.82 3.51
CA VAL A 45 -2.95 1.30 2.14
C VAL A 45 -3.70 2.62 2.00
N GLU A 46 -2.97 3.63 1.53
CA GLU A 46 -3.55 4.94 1.35
C GLU A 46 -3.13 5.53 0.00
N TYR A 47 -4.10 6.12 -0.68
CA TYR A 47 -3.84 6.72 -1.98
C TYR A 47 -4.13 8.22 -1.96
N CYS A 48 -3.35 8.96 -2.74
CA CYS A 48 -3.51 10.40 -2.82
C CYS A 48 -3.74 10.78 -4.28
N LEU A 49 -4.92 11.33 -4.54
CA LEU A 49 -5.27 11.73 -5.89
C LEU A 49 -4.35 12.87 -6.34
N GLU A 50 -3.90 12.77 -7.59
CA GLU A 50 -3.01 13.79 -8.13
C GLU A 50 -3.57 15.18 -7.86
N GLY A 51 -2.72 16.02 -7.29
CA GLY A 51 -3.11 17.38 -6.97
C GLY A 51 -3.51 17.50 -5.50
N SER A 52 -4.03 16.41 -4.96
CA SER A 52 -4.46 16.38 -3.57
C SER A 52 -3.25 16.16 -2.66
N GLU A 53 -3.42 16.59 -1.41
CA GLU A 53 -2.35 16.45 -0.44
C GLU A 53 -2.82 15.60 0.75
N GLU A 54 -3.95 14.94 0.55
CA GLU A 54 -4.52 14.10 1.58
C GLU A 54 -4.57 12.64 1.11
N TRP A 55 -3.84 11.80 1.83
CA TRP A 55 -3.79 10.39 1.50
C TRP A 55 -5.03 9.71 2.09
N VAL A 56 -5.90 9.24 1.20
CA VAL A 56 -7.12 8.59 1.62
C VAL A 56 -6.83 7.11 1.91
N PRO A 57 -7.49 6.59 2.97
CA PRO A 57 -7.31 5.21 3.36
C PRO A 57 -8.05 4.26 2.41
N ALA A 58 -7.26 3.49 1.67
CA ALA A 58 -7.84 2.54 0.72
C ALA A 58 -8.61 1.46 1.47
N ASN A 59 -7.98 0.95 2.52
CA ASN A 59 -8.59 -0.08 3.34
C ASN A 59 -8.71 0.41 4.78
N LYS A 60 -9.97 0.59 5.21
CA LYS A 60 -10.23 1.06 6.56
C LYS A 60 -9.32 0.32 7.54
N GLU A 61 -9.33 -1.00 7.42
CA GLU A 61 -8.51 -1.83 8.29
C GLU A 61 -7.30 -2.38 7.52
N PRO A 62 -6.20 -2.62 8.27
CA PRO A 62 -4.98 -3.14 7.68
C PRO A 62 -5.12 -4.62 7.34
N VAL A 63 -4.92 -4.94 6.07
CA VAL A 63 -5.02 -6.31 5.61
C VAL A 63 -3.98 -7.17 6.33
N GLU A 64 -4.06 -8.47 6.09
CA GLU A 64 -3.13 -9.41 6.71
C GLU A 64 -2.13 -9.90 5.67
N ARG A 65 -2.62 -10.09 4.46
CA ARG A 65 -1.78 -10.57 3.38
C ARG A 65 -0.94 -9.43 2.81
N CYS A 66 0.06 -9.80 2.03
CA CYS A 66 0.95 -8.81 1.42
C CYS A 66 0.38 -8.43 0.06
N GLY A 67 -0.89 -8.06 0.07
CA GLY A 67 -1.57 -7.67 -1.16
C GLY A 67 -3.01 -7.23 -0.87
N PHE A 68 -3.47 -6.26 -1.68
CA PHE A 68 -4.81 -5.75 -1.52
C PHE A 68 -5.35 -5.21 -2.85
N THR A 69 -6.63 -4.87 -2.84
CA THR A 69 -7.26 -4.33 -4.03
C THR A 69 -8.04 -3.06 -3.69
N VAL A 70 -7.62 -1.97 -4.32
CA VAL A 70 -8.26 -0.68 -4.11
C VAL A 70 -9.39 -0.50 -5.11
N LYS A 71 -10.55 -0.10 -4.60
CA LYS A 71 -11.71 0.11 -5.44
C LYS A 71 -12.12 1.59 -5.37
N ASP A 72 -13.07 1.94 -6.21
CA ASP A 72 -13.57 3.31 -6.27
C ASP A 72 -12.42 4.24 -6.62
N LEU A 73 -12.17 4.37 -7.92
CA LEU A 73 -11.10 5.22 -8.41
C LEU A 73 -11.52 5.84 -9.75
N PRO A 74 -11.07 7.10 -9.96
CA PRO A 74 -11.39 7.81 -11.19
C PRO A 74 -10.55 7.27 -12.37
N THR A 75 -11.26 6.76 -13.36
CA THR A 75 -10.61 6.21 -14.54
C THR A 75 -9.81 7.31 -15.26
N GLY A 76 -8.50 7.10 -15.30
CA GLY A 76 -7.63 8.05 -15.96
C GLY A 76 -7.14 9.12 -14.98
N ALA A 77 -6.76 8.67 -13.80
CA ALA A 77 -6.28 9.58 -12.76
C ALA A 77 -4.97 9.04 -12.20
N ARG A 78 -3.99 9.93 -12.13
CA ARG A 78 -2.68 9.58 -11.60
C ARG A 78 -2.71 9.54 -10.08
N ILE A 79 -3.10 8.38 -9.55
CA ILE A 79 -3.18 8.20 -8.11
C ILE A 79 -1.93 7.46 -7.62
N LEU A 80 -1.39 7.94 -6.51
CA LEU A 80 -0.20 7.34 -5.93
C LEU A 80 -0.61 6.44 -4.76
N PHE A 81 -0.14 5.20 -4.82
CA PHE A 81 -0.43 4.24 -3.78
C PHE A 81 0.75 4.05 -2.84
N ARG A 82 0.45 3.90 -1.56
CA ARG A 82 1.48 3.71 -0.55
C ARG A 82 1.01 2.69 0.49
N VAL A 83 1.95 1.85 0.91
CA VAL A 83 1.67 0.83 1.91
C VAL A 83 2.55 1.06 3.14
N VAL A 84 1.90 1.06 4.29
CA VAL A 84 2.61 1.26 5.54
C VAL A 84 2.26 0.13 6.52
N GLY A 85 3.30 -0.49 7.05
CA GLY A 85 3.11 -1.59 8.00
C GLY A 85 2.74 -1.06 9.37
N VAL A 86 1.56 -1.46 9.83
CA VAL A 86 1.08 -1.05 11.14
C VAL A 86 1.53 -2.05 12.19
N ASN A 87 1.53 -1.59 13.44
CA ASN A 87 1.94 -2.45 14.55
C ASN A 87 1.73 -1.68 15.87
N ILE A 88 1.89 -2.41 16.96
CA ILE A 88 1.73 -1.82 18.28
C ILE A 88 2.60 -0.57 18.39
N ALA A 89 3.68 -0.58 17.63
CA ALA A 89 4.59 0.55 17.61
C ALA A 89 3.96 1.73 16.88
N GLY A 90 3.11 1.38 15.92
CA GLY A 90 2.42 2.39 15.12
C GLY A 90 2.47 2.05 13.63
N ARG A 91 3.19 2.87 12.89
CA ARG A 91 3.32 2.67 11.45
C ARG A 91 4.79 2.75 11.03
N SER A 92 5.06 2.27 9.83
CA SER A 92 6.41 2.29 9.30
C SER A 92 6.47 3.15 8.04
N GLU A 93 7.68 3.31 7.53
CA GLU A 93 7.89 4.11 6.33
C GLU A 93 6.97 3.65 5.21
N PRO A 94 6.37 4.63 4.50
CA PRO A 94 5.47 4.33 3.40
C PRO A 94 6.25 3.87 2.16
N ALA A 95 5.87 2.70 1.68
CA ALA A 95 6.52 2.13 0.51
C ALA A 95 5.91 2.75 -0.76
N THR A 96 5.89 4.07 -0.79
CA THR A 96 5.34 4.79 -1.92
C THR A 96 5.71 4.08 -3.23
N LEU A 97 4.80 4.17 -4.20
CA LEU A 97 5.03 3.56 -5.49
C LEU A 97 6.03 4.39 -6.29
N LEU A 98 6.88 3.69 -7.03
CA LEU A 98 7.88 4.34 -7.84
C LEU A 98 7.20 5.17 -8.92
N GLN A 99 6.03 4.71 -9.32
CA GLN A 99 5.26 5.39 -10.35
C GLN A 99 3.77 5.36 -10.01
N PRO A 100 3.07 6.44 -10.45
CA PRO A 100 1.63 6.55 -10.20
C PRO A 100 0.85 5.61 -11.12
N VAL A 101 -0.45 5.53 -10.85
CA VAL A 101 -1.32 4.68 -11.64
C VAL A 101 -2.35 5.55 -12.37
N THR A 102 -2.53 5.25 -13.64
CA THR A 102 -3.48 6.00 -14.45
C THR A 102 -4.90 5.49 -14.22
N ILE A 103 -4.99 4.23 -13.79
CA ILE A 103 -6.28 3.61 -13.52
C ILE A 103 -7.04 3.45 -14.84
N ARG A 104 -7.04 2.23 -15.34
CA ARG A 104 -7.72 1.93 -16.59
C ARG A 104 -7.58 0.43 -16.92
N GLU A 105 -8.60 -0.09 -17.58
CA GLU A 105 -8.60 -1.49 -17.96
C GLU A 105 -8.16 -1.64 -19.42
N SER A 106 -7.20 -2.53 -19.63
CA SER A 106 -6.67 -2.77 -20.96
C SER A 106 -6.37 -4.27 -21.13
N GLY A 107 -7.16 -4.90 -21.99
CA GLY A 107 -6.99 -6.32 -22.25
C GLY A 107 -6.20 -6.55 -23.54
N PRO A 108 -5.97 -7.84 -23.85
CA PRO A 108 -5.23 -8.21 -25.06
C PRO A 108 -6.10 -8.03 -26.30
N SER A 109 -5.47 -8.19 -27.45
CA SER A 109 -6.17 -8.06 -28.71
C SER A 109 -5.40 -8.79 -29.82
N SER A 110 -6.12 -9.10 -30.89
CA SER A 110 -5.51 -9.79 -32.02
C SER A 110 -4.84 -11.08 -31.54
N GLY A 111 -5.62 -12.15 -31.52
CA GLY A 111 -5.12 -13.44 -31.08
C GLY A 111 -5.06 -14.42 -32.26
N GLY A 1 24.73 -7.63 28.63
CA GLY A 1 23.54 -6.83 28.79
C GLY A 1 22.72 -6.78 27.50
N SER A 2 21.41 -6.59 27.67
CA SER A 2 20.52 -6.53 26.54
C SER A 2 20.23 -5.07 26.18
N SER A 3 21.11 -4.52 25.35
CA SER A 3 20.96 -3.14 24.92
C SER A 3 20.45 -3.09 23.49
N GLY A 4 19.81 -1.97 23.16
CA GLY A 4 19.27 -1.79 21.83
C GLY A 4 17.80 -1.36 21.89
N SER A 5 17.44 -0.46 20.98
CA SER A 5 16.08 0.04 20.92
C SER A 5 15.35 -0.56 19.72
N SER A 6 14.10 -0.94 19.95
CA SER A 6 13.29 -1.53 18.90
C SER A 6 12.06 -0.66 18.64
N GLY A 7 11.84 -0.37 17.37
CA GLY A 7 10.71 0.45 16.97
C GLY A 7 9.75 -0.33 16.06
N PRO A 8 9.18 0.39 15.07
CA PRO A 8 8.25 -0.22 14.13
C PRO A 8 9.00 -1.09 13.11
N THR A 9 8.39 -2.21 12.78
CA THR A 9 8.99 -3.13 11.82
C THR A 9 9.50 -2.38 10.60
N SER A 10 10.31 -3.07 9.81
CA SER A 10 10.87 -2.47 8.60
C SER A 10 9.76 -2.20 7.58
N ALA A 11 9.81 -1.02 6.99
CA ALA A 11 8.83 -0.63 6.00
C ALA A 11 8.67 -1.77 4.98
N PRO A 12 7.54 -1.70 4.22
CA PRO A 12 7.26 -2.70 3.21
C PRO A 12 8.15 -2.52 1.98
N GLN A 13 8.25 -3.57 1.19
CA GLN A 13 9.06 -3.54 -0.01
C GLN A 13 8.44 -4.43 -1.09
N HIS A 14 8.98 -4.30 -2.30
CA HIS A 14 8.49 -5.09 -3.42
C HIS A 14 7.04 -4.73 -3.72
N LEU A 15 6.73 -3.45 -3.53
CA LEU A 15 5.38 -2.96 -3.76
C LEU A 15 5.26 -2.51 -5.23
N THR A 16 4.42 -3.24 -5.97
CA THR A 16 4.21 -2.92 -7.37
C THR A 16 2.74 -3.14 -7.73
N VAL A 17 2.42 -2.78 -8.97
CA VAL A 17 1.06 -2.94 -9.47
C VAL A 17 0.97 -4.19 -10.33
N GLU A 18 0.31 -5.20 -9.78
CA GLU A 18 0.15 -6.45 -10.49
C GLU A 18 -0.82 -6.29 -11.66
N ASP A 19 -1.96 -5.68 -11.36
CA ASP A 19 -2.98 -5.45 -12.36
C ASP A 19 -3.70 -4.13 -12.06
N VAL A 20 -4.44 -3.66 -13.06
CA VAL A 20 -5.18 -2.42 -12.91
C VAL A 20 -6.55 -2.57 -13.57
N THR A 21 -7.55 -1.96 -12.93
CA THR A 21 -8.90 -2.03 -13.44
C THR A 21 -9.39 -0.63 -13.83
N ASP A 22 -10.71 -0.49 -13.91
CA ASP A 22 -11.31 0.78 -14.26
C ASP A 22 -11.47 1.63 -13.01
N THR A 23 -12.04 1.03 -11.97
CA THR A 23 -12.25 1.72 -10.71
C THR A 23 -11.57 0.96 -9.57
N THR A 24 -10.71 0.02 -9.95
CA THR A 24 -9.99 -0.77 -8.97
C THR A 24 -8.55 -1.02 -9.42
N THR A 25 -7.75 -1.51 -8.50
CA THR A 25 -6.35 -1.79 -8.78
C THR A 25 -5.80 -2.84 -7.82
N THR A 26 -4.81 -3.58 -8.29
CA THR A 26 -4.19 -4.61 -7.48
C THR A 26 -2.80 -4.18 -7.03
N LEU A 27 -2.39 -4.69 -5.89
CA LEU A 27 -1.09 -4.37 -5.34
C LEU A 27 -0.45 -5.63 -4.76
N LYS A 28 0.87 -5.62 -4.70
CA LYS A 28 1.61 -6.75 -4.16
C LYS A 28 2.92 -6.27 -3.54
N TRP A 29 3.05 -6.51 -2.24
CA TRP A 29 4.24 -6.10 -1.53
C TRP A 29 4.81 -7.33 -0.82
N ARG A 30 5.88 -7.10 -0.07
CA ARG A 30 6.53 -8.18 0.65
C ARG A 30 6.74 -7.77 2.12
N PRO A 31 6.82 -8.81 3.00
CA PRO A 31 7.03 -8.59 4.41
C PRO A 31 8.48 -8.18 4.71
N PRO A 32 8.66 -7.51 5.86
CA PRO A 32 9.99 -7.05 6.27
C PRO A 32 10.83 -8.23 6.78
N ASP A 33 12.09 -7.93 7.07
CA ASP A 33 13.00 -8.95 7.57
C ASP A 33 13.21 -8.76 9.07
N ARG A 34 13.05 -7.51 9.50
CA ARG A 34 13.22 -7.18 10.91
C ARG A 34 11.85 -6.95 11.56
N ILE A 35 11.15 -8.04 11.81
CA ILE A 35 9.83 -7.96 12.43
C ILE A 35 9.98 -7.47 13.86
N GLY A 36 10.74 -8.23 14.64
CA GLY A 36 10.97 -7.88 16.04
C GLY A 36 9.76 -8.26 16.90
N ALA A 37 8.73 -7.45 16.82
CA ALA A 37 7.52 -7.69 17.58
C ALA A 37 6.97 -9.07 17.23
N GLY A 38 6.07 -9.55 18.08
CA GLY A 38 5.47 -10.86 17.88
C GLY A 38 5.14 -11.08 16.40
N GLY A 39 4.68 -10.01 15.76
CA GLY A 39 4.32 -10.07 14.36
C GLY A 39 3.52 -8.84 13.94
N ILE A 40 3.82 -8.34 12.75
CA ILE A 40 3.14 -7.17 12.22
C ILE A 40 1.64 -7.47 12.12
N ASP A 41 0.85 -6.48 12.51
CA ASP A 41 -0.60 -6.62 12.46
C ASP A 41 -1.06 -6.73 11.00
N GLY A 42 -0.55 -5.81 10.20
CA GLY A 42 -0.90 -5.77 8.78
C GLY A 42 -0.28 -4.56 8.09
N TYR A 43 -0.98 -4.08 7.07
CA TYR A 43 -0.52 -2.93 6.32
C TYR A 43 -1.69 -2.02 5.94
N LEU A 44 -1.44 -0.73 6.05
CA LEU A 44 -2.47 0.26 5.72
C LEU A 44 -2.18 0.85 4.34
N VAL A 45 -3.15 0.67 3.45
CA VAL A 45 -3.02 1.17 2.09
C VAL A 45 -3.74 2.51 1.98
N GLU A 46 -3.04 3.48 1.40
CA GLU A 46 -3.61 4.81 1.22
C GLU A 46 -3.18 5.39 -0.12
N TYR A 47 -4.12 6.09 -0.76
CA TYR A 47 -3.84 6.70 -2.05
C TYR A 47 -4.09 8.21 -2.00
N CYS A 48 -3.27 8.93 -2.76
CA CYS A 48 -3.38 10.38 -2.81
C CYS A 48 -3.59 10.79 -4.26
N LEU A 49 -4.75 11.37 -4.52
CA LEU A 49 -5.09 11.82 -5.86
C LEU A 49 -4.15 12.96 -6.27
N GLU A 50 -3.64 12.87 -7.49
CA GLU A 50 -2.74 13.88 -8.00
C GLU A 50 -3.31 15.28 -7.75
N GLY A 51 -2.54 16.08 -7.02
CA GLY A 51 -2.95 17.43 -6.71
C GLY A 51 -3.41 17.54 -5.25
N SER A 52 -3.89 16.41 -4.73
CA SER A 52 -4.37 16.37 -3.37
C SER A 52 -3.18 16.22 -2.40
N GLU A 53 -3.36 16.75 -1.20
CA GLU A 53 -2.32 16.67 -0.19
C GLU A 53 -2.79 15.83 1.00
N GLU A 54 -3.85 15.08 0.75
CA GLU A 54 -4.41 14.22 1.79
C GLU A 54 -4.50 12.78 1.29
N TRP A 55 -3.76 11.90 1.94
CA TRP A 55 -3.74 10.50 1.57
C TRP A 55 -4.99 9.85 2.16
N VAL A 56 -5.84 9.33 1.27
CA VAL A 56 -7.06 8.68 1.69
C VAL A 56 -6.78 7.21 1.98
N PRO A 57 -7.45 6.70 3.04
CA PRO A 57 -7.28 5.31 3.44
C PRO A 57 -8.02 4.37 2.49
N ALA A 58 -7.24 3.61 1.73
CA ALA A 58 -7.81 2.67 0.78
C ALA A 58 -8.59 1.59 1.54
N ASN A 59 -7.97 1.09 2.59
CA ASN A 59 -8.59 0.05 3.40
C ASN A 59 -8.73 0.55 4.85
N LYS A 60 -9.96 0.63 5.30
CA LYS A 60 -10.25 1.09 6.64
C LYS A 60 -9.38 0.30 7.63
N GLU A 61 -9.39 -1.02 7.46
CA GLU A 61 -8.62 -1.89 8.33
C GLU A 61 -7.43 -2.47 7.57
N PRO A 62 -6.36 -2.79 8.34
CA PRO A 62 -5.15 -3.36 7.75
C PRO A 62 -5.37 -4.83 7.37
N VAL A 63 -4.90 -5.17 6.18
CA VAL A 63 -5.04 -6.53 5.68
C VAL A 63 -4.03 -7.43 6.41
N GLU A 64 -3.99 -8.69 5.99
CA GLU A 64 -3.09 -9.65 6.58
C GLU A 64 -2.05 -10.10 5.56
N ARG A 65 -2.53 -10.34 4.35
CA ARG A 65 -1.66 -10.79 3.27
C ARG A 65 -0.85 -9.62 2.72
N CYS A 66 0.18 -9.95 1.96
CA CYS A 66 1.04 -8.94 1.37
C CYS A 66 0.46 -8.54 0.01
N GLY A 67 -0.83 -8.20 0.03
CA GLY A 67 -1.51 -7.80 -1.19
C GLY A 67 -2.94 -7.32 -0.89
N PHE A 68 -3.39 -6.40 -1.72
CA PHE A 68 -4.73 -5.84 -1.55
C PHE A 68 -5.24 -5.26 -2.87
N THR A 69 -6.52 -4.89 -2.86
CA THR A 69 -7.14 -4.31 -4.03
C THR A 69 -7.98 -3.09 -3.66
N VAL A 70 -7.66 -1.98 -4.31
CA VAL A 70 -8.36 -0.74 -4.04
C VAL A 70 -9.54 -0.61 -5.02
N LYS A 71 -10.55 0.13 -4.58
CA LYS A 71 -11.74 0.34 -5.40
C LYS A 71 -12.13 1.82 -5.35
N ASP A 72 -13.14 2.15 -6.13
CA ASP A 72 -13.63 3.52 -6.19
C ASP A 72 -12.47 4.45 -6.57
N LEU A 73 -12.17 4.49 -7.86
CA LEU A 73 -11.09 5.32 -8.36
C LEU A 73 -11.49 5.94 -9.70
N PRO A 74 -11.03 7.19 -9.93
CA PRO A 74 -11.34 7.89 -11.17
C PRO A 74 -10.51 7.34 -12.33
N THR A 75 -11.22 6.84 -13.33
CA THR A 75 -10.57 6.28 -14.50
C THR A 75 -9.75 7.35 -15.22
N GLY A 76 -8.46 7.09 -15.35
CA GLY A 76 -7.57 8.02 -16.02
C GLY A 76 -7.12 9.12 -15.06
N ALA A 77 -6.74 8.71 -13.86
CA ALA A 77 -6.30 9.65 -12.85
C ALA A 77 -5.00 9.15 -12.23
N ARG A 78 -4.02 10.04 -12.16
CA ARG A 78 -2.73 9.70 -11.59
C ARG A 78 -2.82 9.63 -10.07
N ILE A 79 -2.97 8.41 -9.57
CA ILE A 79 -3.07 8.20 -8.14
C ILE A 79 -1.84 7.44 -7.65
N LEU A 80 -1.33 7.88 -6.51
CA LEU A 80 -0.15 7.25 -5.93
C LEU A 80 -0.57 6.36 -4.75
N PHE A 81 -0.16 5.10 -4.81
CA PHE A 81 -0.49 4.15 -3.77
C PHE A 81 0.71 3.92 -2.84
N ARG A 82 0.43 4.02 -1.55
CA ARG A 82 1.47 3.83 -0.54
C ARG A 82 1.00 2.84 0.53
N VAL A 83 1.88 1.92 0.87
CA VAL A 83 1.57 0.92 1.88
C VAL A 83 2.42 1.18 3.12
N VAL A 84 1.78 1.06 4.28
CA VAL A 84 2.46 1.27 5.55
C VAL A 84 2.11 0.13 6.50
N GLY A 85 3.14 -0.39 7.16
CA GLY A 85 2.95 -1.48 8.10
C GLY A 85 2.56 -0.93 9.49
N VAL A 86 1.35 -1.26 9.90
CA VAL A 86 0.86 -0.82 11.20
C VAL A 86 1.30 -1.81 12.27
N ASN A 87 1.28 -1.34 13.51
CA ASN A 87 1.67 -2.17 14.64
C ASN A 87 1.60 -1.35 15.92
N ILE A 88 1.80 -2.04 17.04
CA ILE A 88 1.77 -1.39 18.34
C ILE A 88 2.65 -0.13 18.29
N ALA A 89 3.80 -0.28 17.66
CA ALA A 89 4.74 0.83 17.54
C ALA A 89 4.07 1.97 16.79
N GLY A 90 3.14 1.61 15.92
CA GLY A 90 2.42 2.60 15.13
C GLY A 90 2.43 2.22 13.65
N ARG A 91 3.14 3.03 12.87
CA ARG A 91 3.22 2.79 11.44
C ARG A 91 4.69 2.83 10.99
N SER A 92 4.91 2.33 9.78
CA SER A 92 6.26 2.30 9.23
C SER A 92 6.31 3.15 7.96
N GLU A 93 7.54 3.44 7.53
CA GLU A 93 7.74 4.23 6.34
C GLU A 93 6.86 3.74 5.20
N PRO A 94 6.22 4.71 4.49
CA PRO A 94 5.34 4.38 3.38
C PRO A 94 6.14 3.97 2.15
N ALA A 95 5.77 2.82 1.60
CA ALA A 95 6.45 2.29 0.43
C ALA A 95 5.81 2.88 -0.83
N THR A 96 5.77 4.21 -0.87
CA THR A 96 5.19 4.90 -2.00
C THR A 96 5.61 4.24 -3.32
N LEU A 97 4.69 4.23 -4.27
CA LEU A 97 4.95 3.63 -5.56
C LEU A 97 5.94 4.52 -6.33
N LEU A 98 6.84 3.86 -7.04
CA LEU A 98 7.84 4.57 -7.82
C LEU A 98 7.14 5.44 -8.87
N GLN A 99 6.03 4.92 -9.38
CA GLN A 99 5.26 5.64 -10.38
C GLN A 99 3.77 5.57 -10.06
N PRO A 100 3.03 6.63 -10.49
CA PRO A 100 1.60 6.70 -10.25
C PRO A 100 0.84 5.74 -11.17
N VAL A 101 -0.47 5.68 -10.97
CA VAL A 101 -1.31 4.82 -11.77
C VAL A 101 -2.37 5.67 -12.48
N THR A 102 -2.55 5.39 -13.76
CA THR A 102 -3.53 6.11 -14.56
C THR A 102 -4.94 5.58 -14.29
N ILE A 103 -4.98 4.35 -13.79
CA ILE A 103 -6.25 3.72 -13.49
C ILE A 103 -7.03 3.50 -14.79
N ARG A 104 -6.98 2.26 -15.27
CA ARG A 104 -7.69 1.92 -16.50
C ARG A 104 -7.49 0.43 -16.81
N GLU A 105 -8.53 -0.16 -17.39
CA GLU A 105 -8.48 -1.56 -17.74
C GLU A 105 -8.07 -1.73 -19.20
N SER A 106 -7.94 -2.99 -19.61
CA SER A 106 -7.55 -3.29 -20.98
C SER A 106 -8.48 -4.36 -21.56
N GLY A 107 -8.77 -4.21 -22.84
CA GLY A 107 -9.64 -5.15 -23.52
C GLY A 107 -11.06 -4.60 -23.64
N PRO A 108 -11.39 -4.10 -24.86
CA PRO A 108 -12.72 -3.55 -25.11
C PRO A 108 -13.76 -4.65 -25.24
N SER A 109 -14.47 -4.87 -24.14
CA SER A 109 -15.51 -5.90 -24.12
C SER A 109 -14.88 -7.28 -24.28
N SER A 110 -14.49 -7.57 -25.52
CA SER A 110 -13.87 -8.85 -25.83
C SER A 110 -12.35 -8.74 -25.72
N GLY A 111 -11.87 -8.95 -24.49
CA GLY A 111 -10.44 -8.87 -24.24
C GLY A 111 -10.04 -9.77 -23.06
N GLY A 1 28.96 -2.49 27.86
CA GLY A 1 28.30 -2.53 26.58
C GLY A 1 26.85 -2.07 26.69
N SER A 2 26.59 -0.90 26.14
CA SER A 2 25.24 -0.33 26.18
C SER A 2 24.67 -0.25 24.75
N SER A 3 23.88 -1.25 24.42
CA SER A 3 23.26 -1.30 23.10
C SER A 3 21.83 -1.84 23.22
N GLY A 4 21.01 -1.44 22.25
CA GLY A 4 19.62 -1.87 22.23
C GLY A 4 18.72 -0.77 21.68
N SER A 5 17.90 -1.15 20.70
CA SER A 5 16.98 -0.21 20.08
C SER A 5 15.89 -0.97 19.32
N SER A 6 14.65 -0.67 19.65
CA SER A 6 13.52 -1.31 19.01
C SER A 6 12.45 -0.26 18.66
N GLY A 7 11.68 -0.58 17.63
CA GLY A 7 10.62 0.32 17.20
C GLY A 7 9.65 -0.40 16.27
N PRO A 8 9.15 0.36 15.26
CA PRO A 8 8.20 -0.19 14.29
C PRO A 8 8.91 -1.10 13.30
N THR A 9 8.19 -2.11 12.84
CA THR A 9 8.74 -3.06 11.88
C THR A 9 9.39 -2.32 10.72
N SER A 10 9.97 -3.10 9.82
CA SER A 10 10.64 -2.54 8.66
C SER A 10 9.61 -2.24 7.57
N ALA A 11 9.70 -1.03 7.02
CA ALA A 11 8.79 -0.61 5.97
C ALA A 11 8.65 -1.74 4.95
N PRO A 12 7.51 -1.70 4.21
CA PRO A 12 7.24 -2.71 3.20
C PRO A 12 8.10 -2.50 1.96
N GLN A 13 8.30 -3.57 1.21
CA GLN A 13 9.10 -3.51 0.00
C GLN A 13 8.49 -4.41 -1.08
N HIS A 14 9.00 -4.24 -2.30
CA HIS A 14 8.53 -5.03 -3.42
C HIS A 14 7.07 -4.66 -3.72
N LEU A 15 6.75 -3.41 -3.45
CA LEU A 15 5.40 -2.91 -3.69
C LEU A 15 5.27 -2.46 -5.14
N THR A 16 4.52 -3.24 -5.91
CA THR A 16 4.32 -2.93 -7.31
C THR A 16 2.86 -3.21 -7.71
N VAL A 17 2.51 -2.77 -8.91
CA VAL A 17 1.17 -2.96 -9.41
C VAL A 17 1.13 -4.24 -10.25
N GLU A 18 0.26 -5.15 -9.84
CA GLU A 18 0.10 -6.41 -10.55
C GLU A 18 -0.89 -6.26 -11.70
N ASP A 19 -2.04 -5.69 -11.38
CA ASP A 19 -3.07 -5.48 -12.38
C ASP A 19 -3.81 -4.18 -12.07
N VAL A 20 -4.41 -3.61 -13.11
CA VAL A 20 -5.14 -2.36 -12.97
C VAL A 20 -6.49 -2.50 -13.68
N THR A 21 -7.55 -2.20 -12.94
CA THR A 21 -8.89 -2.27 -13.49
C THR A 21 -9.39 -0.88 -13.90
N ASP A 22 -10.70 -0.75 -13.96
CA ASP A 22 -11.31 0.52 -14.34
C ASP A 22 -11.55 1.35 -13.08
N THR A 23 -12.04 0.68 -12.05
CA THR A 23 -12.34 1.34 -10.79
C THR A 23 -11.66 0.60 -9.63
N THR A 24 -10.77 -0.30 -10.00
CA THR A 24 -10.04 -1.09 -9.00
C THR A 24 -8.61 -1.37 -9.47
N THR A 25 -7.74 -1.58 -8.50
CA THR A 25 -6.35 -1.86 -8.79
C THR A 25 -5.80 -2.91 -7.83
N THR A 26 -4.83 -3.67 -8.33
CA THR A 26 -4.22 -4.71 -7.52
C THR A 26 -2.81 -4.29 -7.11
N LEU A 27 -2.46 -4.65 -5.88
CA LEU A 27 -1.14 -4.32 -5.35
C LEU A 27 -0.52 -5.58 -4.75
N LYS A 28 0.81 -5.57 -4.69
CA LYS A 28 1.55 -6.70 -4.14
C LYS A 28 2.86 -6.20 -3.54
N TRP A 29 3.06 -6.54 -2.28
CA TRP A 29 4.27 -6.13 -1.57
C TRP A 29 4.85 -7.37 -0.87
N ARG A 30 5.95 -7.15 -0.17
CA ARG A 30 6.60 -8.23 0.54
C ARG A 30 6.75 -7.87 2.03
N PRO A 31 6.84 -8.94 2.86
CA PRO A 31 6.98 -8.75 4.29
C PRO A 31 8.40 -8.30 4.65
N PRO A 32 8.51 -7.66 5.84
CA PRO A 32 9.80 -7.18 6.31
C PRO A 32 10.67 -8.32 6.82
N ASP A 33 11.88 -7.97 7.22
CA ASP A 33 12.81 -8.97 7.72
C ASP A 33 13.05 -8.74 9.21
N ARG A 34 12.99 -7.47 9.60
CA ARG A 34 13.19 -7.09 10.99
C ARG A 34 11.84 -6.89 11.68
N ILE A 35 11.27 -8.00 12.12
CA ILE A 35 9.98 -7.97 12.80
C ILE A 35 10.19 -8.22 14.29
N GLY A 36 10.36 -9.50 14.62
CA GLY A 36 10.58 -9.90 16.00
C GLY A 36 9.69 -9.07 16.94
N ALA A 37 8.45 -9.51 17.07
CA ALA A 37 7.51 -8.84 17.94
C ALA A 37 6.12 -9.46 17.76
N GLY A 38 6.11 -10.79 17.72
CA GLY A 38 4.87 -11.52 17.56
C GLY A 38 4.50 -11.66 16.08
N GLY A 39 4.66 -10.56 15.36
CA GLY A 39 4.35 -10.55 13.94
C GLY A 39 3.53 -9.31 13.56
N ILE A 40 3.90 -8.71 12.45
CA ILE A 40 3.21 -7.53 11.97
C ILE A 40 1.71 -7.78 11.95
N ASP A 41 0.95 -6.77 12.35
CA ASP A 41 -0.50 -6.88 12.39
C ASP A 41 -1.03 -6.87 10.95
N GLY A 42 -0.49 -5.98 10.15
CA GLY A 42 -0.91 -5.86 8.76
C GLY A 42 -0.28 -4.63 8.10
N TYR A 43 -0.96 -4.15 7.07
CA TYR A 43 -0.49 -2.98 6.35
C TYR A 43 -1.66 -2.06 5.96
N LEU A 44 -1.40 -0.77 6.03
CA LEU A 44 -2.42 0.21 5.69
C LEU A 44 -2.10 0.81 4.31
N VAL A 45 -3.07 0.73 3.43
CA VAL A 45 -2.89 1.26 2.08
C VAL A 45 -3.63 2.60 1.97
N GLU A 46 -2.93 3.58 1.42
CA GLU A 46 -3.50 4.90 1.25
C GLU A 46 -3.07 5.49 -0.09
N TYR A 47 -4.03 6.10 -0.77
CA TYR A 47 -3.78 6.72 -2.06
C TYR A 47 -4.06 8.22 -2.03
N CYS A 48 -3.27 8.96 -2.78
CA CYS A 48 -3.43 10.41 -2.85
C CYS A 48 -3.63 10.80 -4.31
N LEU A 49 -4.78 11.41 -4.57
CA LEU A 49 -5.10 11.83 -5.92
C LEU A 49 -4.17 12.98 -6.33
N GLU A 50 -3.69 12.90 -7.56
CA GLU A 50 -2.79 13.92 -8.08
C GLU A 50 -3.36 15.32 -7.82
N GLY A 51 -2.54 16.15 -7.20
CA GLY A 51 -2.94 17.51 -6.88
C GLY A 51 -3.39 17.62 -5.43
N SER A 52 -3.90 16.52 -4.91
CA SER A 52 -4.37 16.48 -3.53
C SER A 52 -3.18 16.28 -2.59
N GLU A 53 -3.32 16.85 -1.40
CA GLU A 53 -2.27 16.74 -0.40
C GLU A 53 -2.74 15.90 0.79
N GLU A 54 -3.84 15.18 0.56
CA GLU A 54 -4.41 14.34 1.59
C GLU A 54 -4.45 12.89 1.11
N TRP A 55 -3.82 12.02 1.90
CA TRP A 55 -3.77 10.61 1.57
C TRP A 55 -5.05 9.95 2.11
N VAL A 56 -5.80 9.35 1.20
CA VAL A 56 -7.04 8.69 1.57
C VAL A 56 -6.75 7.22 1.89
N PRO A 57 -7.46 6.71 2.94
CA PRO A 57 -7.29 5.32 3.35
C PRO A 57 -7.98 4.37 2.38
N ALA A 58 -7.16 3.57 1.70
CA ALA A 58 -7.69 2.62 0.74
C ALA A 58 -8.51 1.56 1.47
N ASN A 59 -7.93 1.06 2.56
CA ASN A 59 -8.60 0.05 3.36
C ASN A 59 -8.80 0.57 4.78
N LYS A 60 -10.06 0.65 5.19
CA LYS A 60 -10.39 1.13 6.52
C LYS A 60 -9.55 0.38 7.55
N GLU A 61 -9.28 -0.88 7.26
CA GLU A 61 -8.49 -1.71 8.15
C GLU A 61 -7.29 -2.30 7.40
N PRO A 62 -6.24 -2.66 8.18
CA PRO A 62 -5.04 -3.24 7.61
C PRO A 62 -5.27 -4.69 7.18
N VAL A 63 -4.66 -5.04 6.06
CA VAL A 63 -4.79 -6.39 5.53
C VAL A 63 -3.65 -7.27 6.07
N GLU A 64 -3.89 -8.56 6.08
CA GLU A 64 -2.90 -9.51 6.56
C GLU A 64 -2.01 -9.99 5.41
N ARG A 65 -2.62 -10.06 4.23
CA ARG A 65 -1.90 -10.50 3.05
C ARG A 65 -0.86 -9.45 2.63
N CYS A 66 0.02 -9.86 1.74
CA CYS A 66 1.06 -8.98 1.26
C CYS A 66 0.55 -8.27 0.00
N GLY A 67 -0.65 -7.72 0.11
CA GLY A 67 -1.26 -7.02 -0.99
C GLY A 67 -2.68 -6.57 -0.65
N PHE A 68 -3.34 -5.99 -1.64
CA PHE A 68 -4.70 -5.51 -1.45
C PHE A 68 -5.29 -5.02 -2.78
N THR A 69 -6.58 -4.74 -2.74
CA THR A 69 -7.29 -4.26 -3.93
C THR A 69 -8.10 -3.01 -3.59
N VAL A 70 -7.77 -1.93 -4.28
CA VAL A 70 -8.46 -0.68 -4.07
C VAL A 70 -9.68 -0.60 -4.99
N LYS A 71 -10.66 0.19 -4.57
CA LYS A 71 -11.88 0.35 -5.35
C LYS A 71 -12.28 1.82 -5.35
N ASP A 72 -13.26 2.14 -6.18
CA ASP A 72 -13.76 3.50 -6.28
C ASP A 72 -12.60 4.43 -6.66
N LEU A 73 -12.30 4.46 -7.95
CA LEU A 73 -11.22 5.30 -8.44
C LEU A 73 -11.62 5.87 -9.80
N PRO A 74 -11.13 7.11 -10.06
CA PRO A 74 -11.44 7.79 -11.32
C PRO A 74 -10.61 7.20 -12.47
N THR A 75 -11.32 6.67 -13.45
CA THR A 75 -10.68 6.06 -14.60
C THR A 75 -9.87 7.11 -15.37
N GLY A 76 -8.57 6.89 -15.43
CA GLY A 76 -7.69 7.81 -16.11
C GLY A 76 -7.21 8.94 -15.18
N ALA A 77 -6.81 8.54 -13.99
CA ALA A 77 -6.33 9.50 -13.01
C ALA A 77 -5.03 8.97 -12.38
N ARG A 78 -4.05 9.85 -12.35
CA ARG A 78 -2.75 9.50 -11.78
C ARG A 78 -2.83 9.51 -10.25
N ILE A 79 -3.00 8.32 -9.69
CA ILE A 79 -3.08 8.18 -8.25
C ILE A 79 -1.86 7.41 -7.75
N LEU A 80 -1.32 7.88 -6.62
CA LEU A 80 -0.16 7.26 -6.02
C LEU A 80 -0.60 6.39 -4.85
N PHE A 81 -0.14 5.14 -4.88
CA PHE A 81 -0.48 4.20 -3.82
C PHE A 81 0.68 4.03 -2.85
N ARG A 82 0.33 3.85 -1.58
CA ARG A 82 1.33 3.67 -0.54
C ARG A 82 0.86 2.63 0.48
N VAL A 83 1.83 1.93 1.04
CA VAL A 83 1.53 0.90 2.02
C VAL A 83 2.40 1.12 3.27
N VAL A 84 1.77 0.97 4.42
CA VAL A 84 2.47 1.15 5.68
C VAL A 84 2.10 0.01 6.62
N GLY A 85 3.13 -0.59 7.21
CA GLY A 85 2.94 -1.68 8.14
C GLY A 85 2.50 -1.18 9.51
N VAL A 86 1.29 -1.58 9.91
CA VAL A 86 0.75 -1.16 11.19
C VAL A 86 1.17 -2.17 12.26
N ASN A 87 1.13 -1.71 13.50
CA ASN A 87 1.50 -2.56 14.62
C ASN A 87 1.50 -1.72 15.90
N ILE A 88 1.77 -2.40 17.01
CA ILE A 88 1.80 -1.73 18.31
C ILE A 88 2.70 -0.50 18.22
N ALA A 89 3.82 -0.67 17.55
CA ALA A 89 4.76 0.42 17.38
C ALA A 89 4.09 1.58 16.63
N GLY A 90 3.05 1.22 15.88
CA GLY A 90 2.31 2.21 15.11
C GLY A 90 2.42 1.93 13.61
N ARG A 91 2.94 2.92 12.90
CA ARG A 91 3.10 2.79 11.46
C ARG A 91 4.58 2.96 11.08
N SER A 92 4.92 2.45 9.91
CA SER A 92 6.28 2.53 9.41
C SER A 92 6.33 3.41 8.17
N GLU A 93 7.52 3.47 7.57
CA GLU A 93 7.71 4.26 6.38
C GLU A 93 6.82 3.76 5.24
N PRO A 94 6.13 4.73 4.57
CA PRO A 94 5.24 4.39 3.48
C PRO A 94 6.04 4.02 2.21
N ALA A 95 5.84 2.79 1.78
CA ALA A 95 6.52 2.30 0.59
C ALA A 95 5.86 2.89 -0.65
N THR A 96 5.90 4.21 -0.74
CA THR A 96 5.31 4.90 -1.86
C THR A 96 5.73 4.25 -3.18
N LEU A 97 4.80 4.23 -4.13
CA LEU A 97 5.07 3.64 -5.42
C LEU A 97 6.05 4.52 -6.18
N LEU A 98 6.82 3.88 -7.05
CA LEU A 98 7.81 4.58 -7.86
C LEU A 98 7.10 5.41 -8.92
N GLN A 99 6.00 4.86 -9.42
CA GLN A 99 5.22 5.54 -10.44
C GLN A 99 3.74 5.48 -10.10
N PRO A 100 3.00 6.53 -10.55
CA PRO A 100 1.57 6.61 -10.29
C PRO A 100 0.80 5.64 -11.18
N VAL A 101 -0.50 5.57 -10.94
CA VAL A 101 -1.36 4.70 -11.72
C VAL A 101 -2.43 5.53 -12.42
N THR A 102 -2.62 5.24 -13.71
CA THR A 102 -3.60 5.96 -14.50
C THR A 102 -5.00 5.41 -14.22
N ILE A 103 -5.04 4.15 -13.80
CA ILE A 103 -6.30 3.51 -13.50
C ILE A 103 -7.08 3.29 -14.81
N ARG A 104 -7.02 2.06 -15.29
CA ARG A 104 -7.71 1.71 -16.52
C ARG A 104 -7.56 0.22 -16.81
N GLU A 105 -8.61 -0.34 -17.40
CA GLU A 105 -8.60 -1.76 -17.75
C GLU A 105 -8.12 -1.95 -19.19
N SER A 106 -7.59 -3.14 -19.44
CA SER A 106 -7.10 -3.47 -20.76
C SER A 106 -8.19 -4.16 -21.57
N GLY A 107 -8.18 -3.89 -22.87
CA GLY A 107 -9.17 -4.48 -23.76
C GLY A 107 -8.78 -5.91 -24.14
N PRO A 108 -9.72 -6.60 -24.84
CA PRO A 108 -9.49 -7.97 -25.27
C PRO A 108 -8.52 -8.03 -26.45
N SER A 109 -7.26 -7.75 -26.14
CA SER A 109 -6.23 -7.77 -27.16
C SER A 109 -5.34 -9.00 -26.99
N SER A 110 -5.75 -10.08 -27.63
CA SER A 110 -5.01 -11.33 -27.57
C SER A 110 -5.53 -12.31 -28.62
N GLY A 111 -4.86 -12.28 -29.77
CA GLY A 111 -5.25 -13.16 -30.87
C GLY A 111 -5.63 -12.34 -32.11
N GLY A 1 19.09 -3.64 33.11
CA GLY A 1 17.64 -3.62 33.16
C GLY A 1 17.05 -3.56 31.76
N SER A 2 16.94 -2.34 31.25
CA SER A 2 16.39 -2.13 29.92
C SER A 2 17.50 -2.27 28.87
N SER A 3 17.23 -3.12 27.90
CA SER A 3 18.19 -3.36 26.82
C SER A 3 17.45 -3.68 25.53
N GLY A 4 17.91 -3.05 24.45
CA GLY A 4 17.31 -3.26 23.15
C GLY A 4 16.84 -1.93 22.54
N SER A 5 17.12 -1.77 21.26
CA SER A 5 16.73 -0.56 20.56
C SER A 5 16.04 -0.92 19.25
N SER A 6 14.71 -0.86 19.28
CA SER A 6 13.92 -1.18 18.11
C SER A 6 12.61 -0.38 18.13
N GLY A 7 11.83 -0.54 17.07
CA GLY A 7 10.57 0.14 16.96
C GLY A 7 9.60 -0.61 16.04
N PRO A 8 9.04 0.14 15.05
CA PRO A 8 8.11 -0.45 14.10
C PRO A 8 8.85 -1.32 13.06
N THR A 9 8.32 -2.51 12.85
CA THR A 9 8.92 -3.43 11.90
C THR A 9 9.38 -2.68 10.65
N SER A 10 10.27 -3.33 9.90
CA SER A 10 10.80 -2.73 8.69
C SER A 10 9.66 -2.42 7.72
N ALA A 11 9.76 -1.25 7.10
CA ALA A 11 8.75 -0.82 6.15
C ALA A 11 8.57 -1.90 5.08
N PRO A 12 7.45 -1.77 4.31
CA PRO A 12 7.16 -2.72 3.25
C PRO A 12 8.07 -2.49 2.03
N GLN A 13 8.26 -3.56 1.28
CA GLN A 13 9.10 -3.49 0.09
C GLN A 13 8.54 -4.41 -1.01
N HIS A 14 9.04 -4.21 -2.21
CA HIS A 14 8.61 -5.00 -3.35
C HIS A 14 7.13 -4.72 -3.64
N LEU A 15 6.76 -3.46 -3.46
CA LEU A 15 5.39 -3.06 -3.69
C LEU A 15 5.24 -2.56 -5.14
N THR A 16 4.49 -3.32 -5.92
CA THR A 16 4.27 -2.97 -7.31
C THR A 16 2.81 -3.22 -7.71
N VAL A 17 2.45 -2.75 -8.88
CA VAL A 17 1.10 -2.91 -9.38
C VAL A 17 1.05 -4.16 -10.27
N GLU A 18 0.30 -5.15 -9.79
CA GLU A 18 0.16 -6.40 -10.53
C GLU A 18 -0.84 -6.22 -11.68
N ASP A 19 -1.96 -5.60 -11.36
CA ASP A 19 -2.99 -5.36 -12.36
C ASP A 19 -3.72 -4.05 -12.03
N VAL A 20 -4.43 -3.54 -13.03
CA VAL A 20 -5.16 -2.30 -12.86
C VAL A 20 -6.53 -2.44 -13.54
N THR A 21 -7.55 -1.96 -12.85
CA THR A 21 -8.91 -2.02 -13.37
C THR A 21 -9.38 -0.62 -13.76
N ASP A 22 -10.70 -0.47 -13.80
CA ASP A 22 -11.30 0.80 -14.17
C ASP A 22 -11.45 1.66 -12.92
N THR A 23 -12.03 1.06 -11.88
CA THR A 23 -12.24 1.76 -10.63
C THR A 23 -11.55 1.02 -9.49
N THR A 24 -10.74 0.03 -9.86
CA THR A 24 -10.02 -0.76 -8.89
C THR A 24 -8.61 -1.07 -9.38
N THR A 25 -7.77 -1.51 -8.45
CA THR A 25 -6.39 -1.84 -8.78
C THR A 25 -5.87 -2.93 -7.84
N THR A 26 -4.78 -3.56 -8.27
CA THR A 26 -4.17 -4.61 -7.47
C THR A 26 -2.77 -4.19 -7.02
N LEU A 27 -2.40 -4.65 -5.83
CA LEU A 27 -1.10 -4.33 -5.28
C LEU A 27 -0.49 -5.59 -4.66
N LYS A 28 0.83 -5.65 -4.68
CA LYS A 28 1.54 -6.79 -4.11
C LYS A 28 2.87 -6.31 -3.53
N TRP A 29 3.01 -6.48 -2.23
CA TRP A 29 4.22 -6.09 -1.54
C TRP A 29 4.82 -7.32 -0.87
N ARG A 30 5.90 -7.10 -0.14
CA ARG A 30 6.58 -8.18 0.56
C ARG A 30 6.72 -7.85 2.04
N PRO A 31 6.81 -8.92 2.87
CA PRO A 31 6.95 -8.75 4.31
C PRO A 31 8.37 -8.31 4.67
N PRO A 32 8.50 -7.69 5.88
CA PRO A 32 9.78 -7.23 6.34
C PRO A 32 10.65 -8.39 6.82
N ASP A 33 11.89 -8.06 7.16
CA ASP A 33 12.83 -9.07 7.64
C ASP A 33 13.10 -8.86 9.13
N ARG A 34 12.86 -7.62 9.56
CA ARG A 34 13.07 -7.27 10.95
C ARG A 34 11.74 -7.12 11.68
N ILE A 35 11.18 -8.26 12.09
CA ILE A 35 9.91 -8.26 12.79
C ILE A 35 10.15 -8.55 14.27
N GLY A 36 10.69 -9.72 14.54
CA GLY A 36 10.98 -10.13 15.90
C GLY A 36 9.69 -10.55 16.63
N ALA A 37 9.75 -10.50 17.95
CA ALA A 37 8.61 -10.87 18.77
C ALA A 37 7.50 -9.83 18.58
N GLY A 38 6.27 -10.28 18.80
CA GLY A 38 5.12 -9.41 18.65
C GLY A 38 4.42 -9.65 17.32
N GLY A 39 5.18 -9.49 16.25
CA GLY A 39 4.64 -9.69 14.91
C GLY A 39 3.96 -8.42 14.41
N ILE A 40 3.71 -8.40 13.11
CA ILE A 40 3.06 -7.25 12.49
C ILE A 40 1.56 -7.51 12.40
N ASP A 41 0.80 -6.43 12.58
CA ASP A 41 -0.64 -6.52 12.52
C ASP A 41 -1.09 -6.66 11.07
N GLY A 42 -0.48 -5.84 10.22
CA GLY A 42 -0.81 -5.86 8.80
C GLY A 42 -0.19 -4.66 8.08
N TYR A 43 -0.95 -4.09 7.16
CA TYR A 43 -0.50 -2.94 6.40
C TYR A 43 -1.67 -2.04 6.02
N LEU A 44 -1.41 -0.74 6.07
CA LEU A 44 -2.44 0.25 5.73
C LEU A 44 -2.16 0.78 4.33
N VAL A 45 -3.19 0.71 3.49
CA VAL A 45 -3.08 1.19 2.12
C VAL A 45 -3.81 2.53 2.00
N GLU A 46 -3.11 3.49 1.42
CA GLU A 46 -3.67 4.81 1.23
C GLU A 46 -3.23 5.39 -0.11
N TYR A 47 -4.18 6.02 -0.80
CA TYR A 47 -3.90 6.62 -2.09
C TYR A 47 -4.16 8.13 -2.06
N CYS A 48 -3.34 8.85 -2.80
CA CYS A 48 -3.47 10.30 -2.87
C CYS A 48 -3.63 10.70 -4.34
N LEU A 49 -4.77 11.30 -4.63
CA LEU A 49 -5.05 11.74 -6.00
C LEU A 49 -4.07 12.83 -6.40
N GLU A 50 -3.53 12.69 -7.60
CA GLU A 50 -2.57 13.66 -8.11
C GLU A 50 -3.11 15.08 -7.94
N GLY A 51 -2.41 15.84 -7.11
CA GLY A 51 -2.80 17.22 -6.85
C GLY A 51 -3.30 17.38 -5.41
N SER A 52 -3.81 16.27 -4.87
CA SER A 52 -4.33 16.28 -3.51
C SER A 52 -3.18 16.15 -2.52
N GLU A 53 -3.39 16.72 -1.33
CA GLU A 53 -2.38 16.67 -0.29
C GLU A 53 -2.88 15.83 0.89
N GLU A 54 -3.94 15.08 0.64
CA GLU A 54 -4.53 14.24 1.66
C GLU A 54 -4.63 12.80 1.17
N TRP A 55 -3.90 11.91 1.84
CA TRP A 55 -3.91 10.51 1.47
C TRP A 55 -5.19 9.88 2.03
N VAL A 56 -5.95 9.27 1.14
CA VAL A 56 -7.19 8.63 1.52
C VAL A 56 -6.92 7.16 1.86
N PRO A 57 -7.63 6.67 2.92
CA PRO A 57 -7.47 5.29 3.35
C PRO A 57 -8.18 4.34 2.39
N ALA A 58 -7.39 3.52 1.72
CA ALA A 58 -7.92 2.55 0.77
C ALA A 58 -8.66 1.46 1.55
N ASN A 59 -8.04 1.01 2.62
CA ASN A 59 -8.63 -0.04 3.45
C ASN A 59 -8.82 0.49 4.87
N LYS A 60 -10.07 0.52 5.29
CA LYS A 60 -10.40 1.00 6.62
C LYS A 60 -9.55 0.24 7.65
N GLU A 61 -9.29 -1.02 7.34
CA GLU A 61 -8.50 -1.86 8.22
C GLU A 61 -7.31 -2.45 7.46
N PRO A 62 -6.26 -2.82 8.24
CA PRO A 62 -5.05 -3.40 7.67
C PRO A 62 -5.29 -4.84 7.23
N VAL A 63 -4.85 -5.14 6.01
CA VAL A 63 -5.00 -6.48 5.47
C VAL A 63 -3.98 -7.41 6.11
N GLU A 64 -4.12 -8.70 5.81
CA GLU A 64 -3.22 -9.71 6.36
C GLU A 64 -2.26 -10.19 5.27
N ARG A 65 -2.79 -10.29 4.06
CA ARG A 65 -1.99 -10.74 2.93
C ARG A 65 -0.96 -9.67 2.54
N CYS A 66 -0.05 -10.07 1.67
CA CYS A 66 0.99 -9.16 1.21
C CYS A 66 0.49 -8.46 -0.05
N GLY A 67 -0.73 -7.94 0.04
CA GLY A 67 -1.32 -7.25 -1.09
C GLY A 67 -2.74 -6.79 -0.75
N PHE A 68 -3.33 -6.05 -1.68
CA PHE A 68 -4.68 -5.55 -1.51
C PHE A 68 -5.24 -5.00 -2.82
N THR A 69 -6.55 -4.76 -2.82
CA THR A 69 -7.21 -4.23 -4.00
C THR A 69 -7.99 -2.96 -3.64
N VAL A 70 -7.60 -1.87 -4.29
CA VAL A 70 -8.26 -0.60 -4.06
C VAL A 70 -9.50 -0.48 -4.95
N LYS A 71 -10.46 0.30 -4.49
CA LYS A 71 -11.69 0.50 -5.24
C LYS A 71 -12.06 1.98 -5.22
N ASP A 72 -13.10 2.31 -5.98
CA ASP A 72 -13.56 3.68 -6.06
C ASP A 72 -12.40 4.59 -6.47
N LEU A 73 -12.12 4.58 -7.77
CA LEU A 73 -11.05 5.39 -8.31
C LEU A 73 -11.46 5.94 -9.67
N PRO A 74 -11.02 7.20 -9.94
CA PRO A 74 -11.34 7.85 -11.21
C PRO A 74 -10.50 7.27 -12.34
N THR A 75 -11.20 6.77 -13.36
CA THR A 75 -10.53 6.20 -14.51
C THR A 75 -9.73 7.27 -15.25
N GLY A 76 -8.42 7.05 -15.30
CA GLY A 76 -7.53 7.98 -15.97
C GLY A 76 -7.11 9.11 -15.04
N ALA A 77 -6.76 8.73 -13.81
CA ALA A 77 -6.35 9.70 -12.82
C ALA A 77 -5.00 9.25 -12.21
N ARG A 78 -4.11 10.22 -12.05
CA ARG A 78 -2.80 9.94 -11.50
C ARG A 78 -2.89 9.81 -9.97
N ILE A 79 -2.95 8.56 -9.52
CA ILE A 79 -3.05 8.29 -8.10
C ILE A 79 -1.80 7.51 -7.65
N LEU A 80 -1.34 7.84 -6.46
CA LEU A 80 -0.16 7.18 -5.91
C LEU A 80 -0.59 6.27 -4.76
N PHE A 81 -0.16 5.02 -4.85
CA PHE A 81 -0.49 4.03 -3.83
C PHE A 81 0.70 3.80 -2.89
N ARG A 82 0.43 3.93 -1.60
CA ARG A 82 1.47 3.73 -0.60
C ARG A 82 0.98 2.76 0.48
N VAL A 83 1.88 1.86 0.86
CA VAL A 83 1.56 0.87 1.88
C VAL A 83 2.42 1.13 3.12
N VAL A 84 1.77 1.00 4.27
CA VAL A 84 2.45 1.22 5.53
C VAL A 84 2.10 0.08 6.51
N GLY A 85 3.14 -0.56 7.02
CA GLY A 85 2.96 -1.65 7.96
C GLY A 85 2.58 -1.13 9.34
N VAL A 86 1.37 -1.46 9.75
CA VAL A 86 0.88 -1.03 11.06
C VAL A 86 1.35 -2.02 12.13
N ASN A 87 1.33 -1.56 13.36
CA ASN A 87 1.75 -2.39 14.48
C ASN A 87 1.60 -1.61 15.78
N ILE A 88 1.97 -2.26 16.88
CA ILE A 88 1.88 -1.63 18.19
C ILE A 88 2.66 -0.31 18.18
N ALA A 89 3.82 -0.37 17.54
CA ALA A 89 4.67 0.82 17.45
C ALA A 89 3.91 1.92 16.72
N GLY A 90 3.02 1.51 15.83
CA GLY A 90 2.23 2.45 15.06
C GLY A 90 2.28 2.12 13.57
N ARG A 91 3.06 2.92 12.84
CA ARG A 91 3.21 2.73 11.42
C ARG A 91 4.67 2.82 11.01
N SER A 92 4.95 2.39 9.79
CA SER A 92 6.31 2.43 9.27
C SER A 92 6.36 3.25 7.99
N GLU A 93 7.57 3.42 7.49
CA GLU A 93 7.78 4.19 6.27
C GLU A 93 6.83 3.69 5.16
N PRO A 94 6.18 4.68 4.49
CA PRO A 94 5.25 4.35 3.41
C PRO A 94 5.99 3.93 2.15
N ALA A 95 5.78 2.68 1.75
CA ALA A 95 6.42 2.15 0.58
C ALA A 95 5.70 2.66 -0.67
N THR A 96 5.61 3.98 -0.77
CA THR A 96 4.96 4.61 -1.90
C THR A 96 5.45 3.99 -3.22
N LEU A 97 4.62 4.15 -4.24
CA LEU A 97 4.97 3.61 -5.56
C LEU A 97 5.95 4.56 -6.24
N LEU A 98 6.86 3.96 -6.99
CA LEU A 98 7.86 4.72 -7.71
C LEU A 98 7.18 5.53 -8.83
N GLN A 99 5.97 5.10 -9.17
CA GLN A 99 5.21 5.76 -10.21
C GLN A 99 3.71 5.66 -9.93
N PRO A 100 2.96 6.70 -10.38
CA PRO A 100 1.53 6.74 -10.17
C PRO A 100 0.81 5.76 -11.12
N VAL A 101 -0.50 5.70 -10.96
CA VAL A 101 -1.30 4.81 -11.78
C VAL A 101 -2.38 5.63 -12.49
N THR A 102 -2.52 5.37 -13.79
CA THR A 102 -3.51 6.08 -14.59
C THR A 102 -4.91 5.53 -14.30
N ILE A 103 -4.95 4.32 -13.77
CA ILE A 103 -6.21 3.69 -13.44
C ILE A 103 -7.00 3.46 -14.73
N ARG A 104 -6.98 2.22 -15.20
CA ARG A 104 -7.69 1.87 -16.41
C ARG A 104 -7.51 0.38 -16.71
N GLU A 105 -8.56 -0.20 -17.29
CA GLU A 105 -8.53 -1.61 -17.64
C GLU A 105 -8.12 -1.81 -19.09
N SER A 106 -8.03 -3.06 -19.49
CA SER A 106 -7.65 -3.39 -20.86
C SER A 106 -8.75 -4.21 -21.53
N GLY A 107 -9.46 -3.56 -22.45
CA GLY A 107 -10.54 -4.23 -23.16
C GLY A 107 -11.08 -3.33 -24.27
N PRO A 108 -11.53 -4.00 -25.38
CA PRO A 108 -12.08 -3.26 -26.51
C PRO A 108 -13.49 -2.75 -26.21
N SER A 109 -14.38 -3.70 -25.94
CA SER A 109 -15.76 -3.35 -25.62
C SER A 109 -16.04 -3.59 -24.14
N SER A 110 -15.80 -4.83 -23.72
CA SER A 110 -16.03 -5.20 -22.33
C SER A 110 -15.46 -6.59 -22.07
N GLY A 111 -15.96 -7.56 -22.84
CA GLY A 111 -15.52 -8.93 -22.70
C GLY A 111 -16.55 -9.90 -23.27
N GLY A 1 19.80 14.24 22.12
CA GLY A 1 19.16 13.34 21.18
C GLY A 1 17.87 12.75 21.79
N SER A 2 17.36 11.73 21.12
CA SER A 2 16.15 11.07 21.58
C SER A 2 16.40 9.56 21.72
N SER A 3 16.34 9.10 22.96
CA SER A 3 16.54 7.69 23.24
C SER A 3 15.39 6.87 22.68
N GLY A 4 15.70 5.62 22.36
CA GLY A 4 14.69 4.72 21.81
C GLY A 4 14.65 3.40 22.59
N SER A 5 13.64 2.60 22.29
CA SER A 5 13.49 1.31 22.94
C SER A 5 12.70 0.35 22.03
N SER A 6 11.48 0.75 21.72
CA SER A 6 10.63 -0.06 20.87
C SER A 6 10.28 0.71 19.60
N GLY A 7 10.76 0.20 18.47
CA GLY A 7 10.51 0.83 17.19
C GLY A 7 9.67 -0.08 16.29
N PRO A 8 9.13 0.53 15.20
CA PRO A 8 8.31 -0.21 14.26
C PRO A 8 9.18 -1.11 13.37
N THR A 9 8.50 -2.02 12.68
CA THR A 9 9.20 -2.94 11.79
C THR A 9 9.79 -2.19 10.60
N SER A 10 10.33 -2.96 9.66
CA SER A 10 10.93 -2.39 8.48
C SER A 10 9.85 -2.12 7.43
N ALA A 11 9.95 -0.95 6.81
CA ALA A 11 8.99 -0.55 5.80
C ALA A 11 8.81 -1.69 4.80
N PRO A 12 7.65 -1.65 4.09
CA PRO A 12 7.34 -2.68 3.11
C PRO A 12 8.17 -2.49 1.84
N GLN A 13 8.26 -3.57 1.06
CA GLN A 13 9.02 -3.54 -0.18
C GLN A 13 8.36 -4.45 -1.22
N HIS A 14 8.91 -4.38 -2.43
CA HIS A 14 8.39 -5.19 -3.52
C HIS A 14 6.96 -4.77 -3.83
N LEU A 15 6.65 -3.52 -3.51
CA LEU A 15 5.33 -2.99 -3.76
C LEU A 15 5.21 -2.53 -5.22
N THR A 16 4.44 -3.28 -5.99
CA THR A 16 4.25 -2.95 -7.39
C THR A 16 2.78 -3.17 -7.78
N VAL A 17 2.44 -2.65 -8.96
CA VAL A 17 1.09 -2.78 -9.47
C VAL A 17 0.99 -4.04 -10.34
N GLU A 18 0.40 -5.07 -9.77
CA GLU A 18 0.25 -6.34 -10.48
C GLU A 18 -0.70 -6.16 -11.67
N ASP A 19 -1.91 -5.70 -11.36
CA ASP A 19 -2.90 -5.48 -12.39
C ASP A 19 -3.59 -4.14 -12.14
N VAL A 20 -4.35 -3.70 -13.15
CA VAL A 20 -5.06 -2.45 -13.06
C VAL A 20 -6.39 -2.56 -13.80
N THR A 21 -7.46 -2.29 -13.08
CA THR A 21 -8.79 -2.37 -13.66
C THR A 21 -9.29 -0.97 -14.02
N ASP A 22 -10.61 -0.85 -14.13
CA ASP A 22 -11.22 0.42 -14.46
C ASP A 22 -11.59 1.17 -13.18
N THR A 23 -11.99 0.40 -12.19
CA THR A 23 -12.37 0.97 -10.90
C THR A 23 -11.78 0.15 -9.76
N THR A 24 -10.73 -0.59 -10.08
CA THR A 24 -10.06 -1.42 -9.09
C THR A 24 -8.60 -1.66 -9.49
N THR A 25 -7.73 -1.59 -8.49
CA THR A 25 -6.31 -1.80 -8.73
C THR A 25 -5.76 -2.84 -7.75
N THR A 26 -4.80 -3.61 -8.24
CA THR A 26 -4.18 -4.64 -7.42
C THR A 26 -2.78 -4.21 -6.98
N LEU A 27 -2.38 -4.68 -5.81
CA LEU A 27 -1.08 -4.35 -5.26
C LEU A 27 -0.47 -5.59 -4.62
N LYS A 28 0.85 -5.66 -4.66
CA LYS A 28 1.57 -6.79 -4.09
C LYS A 28 2.89 -6.30 -3.49
N TRP A 29 3.03 -6.51 -2.19
CA TRP A 29 4.23 -6.09 -1.49
C TRP A 29 4.79 -7.31 -0.76
N ARG A 30 5.91 -7.09 -0.08
CA ARG A 30 6.56 -8.16 0.66
C ARG A 30 6.77 -7.74 2.12
N PRO A 31 6.87 -8.77 3.00
CA PRO A 31 7.07 -8.52 4.42
C PRO A 31 8.52 -8.11 4.70
N PRO A 32 8.70 -7.43 5.87
CA PRO A 32 10.03 -6.98 6.26
C PRO A 32 10.89 -8.15 6.76
N ASP A 33 12.12 -7.83 7.07
CA ASP A 33 13.06 -8.84 7.56
C ASP A 33 13.24 -8.67 9.07
N ARG A 34 13.03 -7.45 9.53
CA ARG A 34 13.18 -7.14 10.94
C ARG A 34 11.80 -6.86 11.56
N ILE A 35 11.12 -7.94 11.91
CA ILE A 35 9.80 -7.82 12.51
C ILE A 35 9.94 -7.37 13.96
N GLY A 36 10.66 -8.17 14.73
CA GLY A 36 10.89 -7.87 16.13
C GLY A 36 9.83 -8.55 17.02
N ALA A 37 9.76 -9.86 16.90
CA ALA A 37 8.81 -10.64 17.68
C ALA A 37 7.42 -10.04 17.50
N GLY A 38 6.46 -10.62 18.22
CA GLY A 38 5.08 -10.16 18.14
C GLY A 38 4.48 -10.47 16.77
N GLY A 39 4.97 -9.75 15.78
CA GLY A 39 4.49 -9.94 14.41
C GLY A 39 3.63 -8.74 13.97
N ILE A 40 3.86 -8.33 12.73
CA ILE A 40 3.13 -7.22 12.17
C ILE A 40 1.65 -7.58 12.05
N ASP A 41 0.80 -6.62 12.38
CA ASP A 41 -0.64 -6.83 12.32
C ASP A 41 -1.07 -6.91 10.85
N GLY A 42 -0.61 -5.93 10.09
CA GLY A 42 -0.94 -5.87 8.67
C GLY A 42 -0.32 -4.64 8.01
N TYR A 43 -1.09 -4.02 7.13
CA TYR A 43 -0.62 -2.84 6.43
C TYR A 43 -1.78 -1.88 6.13
N LEU A 44 -1.45 -0.60 6.06
CA LEU A 44 -2.44 0.42 5.78
C LEU A 44 -2.18 1.03 4.41
N VAL A 45 -3.10 0.77 3.49
CA VAL A 45 -2.97 1.29 2.13
C VAL A 45 -3.73 2.62 2.03
N GLU A 46 -3.11 3.56 1.33
CA GLU A 46 -3.70 4.88 1.14
C GLU A 46 -3.23 5.49 -0.18
N TYR A 47 -4.15 6.19 -0.81
CA TYR A 47 -3.85 6.84 -2.08
C TYR A 47 -4.09 8.35 -2.00
N CYS A 48 -3.25 9.09 -2.71
CA CYS A 48 -3.37 10.54 -2.73
C CYS A 48 -3.52 10.99 -4.19
N LEU A 49 -4.69 11.53 -4.48
CA LEU A 49 -4.98 12.01 -5.82
C LEU A 49 -3.99 13.12 -6.19
N GLU A 50 -3.50 13.05 -7.43
CA GLU A 50 -2.56 14.04 -7.91
C GLU A 50 -3.07 15.45 -7.63
N GLY A 51 -2.23 16.24 -6.98
CA GLY A 51 -2.59 17.61 -6.65
C GLY A 51 -3.05 17.72 -5.20
N SER A 52 -3.61 16.62 -4.71
CA SER A 52 -4.10 16.58 -3.34
C SER A 52 -2.95 16.31 -2.38
N GLU A 53 -3.14 16.70 -1.13
CA GLU A 53 -2.13 16.51 -0.11
C GLU A 53 -2.64 15.55 0.98
N GLU A 54 -3.90 15.15 0.81
CA GLU A 54 -4.52 14.25 1.77
C GLU A 54 -4.49 12.81 1.25
N TRP A 55 -4.01 11.91 2.09
CA TRP A 55 -3.92 10.51 1.72
C TRP A 55 -5.15 9.80 2.29
N VAL A 56 -6.01 9.34 1.38
CA VAL A 56 -7.21 8.64 1.78
C VAL A 56 -6.87 7.17 2.07
N PRO A 57 -7.53 6.63 3.13
CA PRO A 57 -7.32 5.25 3.52
C PRO A 57 -8.01 4.29 2.55
N ALA A 58 -7.20 3.55 1.82
CA ALA A 58 -7.72 2.59 0.84
C ALA A 58 -8.50 1.51 1.58
N ASN A 59 -7.91 1.03 2.67
CA ASN A 59 -8.54 -0.01 3.46
C ASN A 59 -8.73 0.50 4.90
N LYS A 60 -9.98 0.42 5.36
CA LYS A 60 -10.31 0.87 6.70
C LYS A 60 -9.43 0.13 7.71
N GLU A 61 -9.32 -1.18 7.51
CA GLU A 61 -8.50 -2.00 8.39
C GLU A 61 -7.30 -2.57 7.63
N PRO A 62 -6.25 -2.93 8.42
CA PRO A 62 -5.04 -3.47 7.83
C PRO A 62 -5.24 -4.92 7.39
N VAL A 63 -4.92 -5.18 6.13
CA VAL A 63 -5.06 -6.51 5.57
C VAL A 63 -4.13 -7.47 6.30
N GLU A 64 -4.19 -8.73 5.90
CA GLU A 64 -3.36 -9.76 6.50
C GLU A 64 -2.29 -10.21 5.52
N ARG A 65 -2.68 -10.29 4.26
CA ARG A 65 -1.76 -10.72 3.21
C ARG A 65 -0.96 -9.52 2.69
N CYS A 66 0.12 -9.83 2.00
CA CYS A 66 0.98 -8.79 1.44
C CYS A 66 0.40 -8.38 0.08
N GLY A 67 -0.83 -7.91 0.12
CA GLY A 67 -1.50 -7.47 -1.09
C GLY A 67 -2.91 -6.97 -0.80
N PHE A 68 -3.39 -6.09 -1.66
CA PHE A 68 -4.73 -5.53 -1.50
C PHE A 68 -5.29 -5.06 -2.84
N THR A 69 -6.58 -4.79 -2.83
CA THR A 69 -7.26 -4.33 -4.03
C THR A 69 -8.00 -3.02 -3.78
N VAL A 70 -7.42 -1.94 -4.24
CA VAL A 70 -8.01 -0.62 -4.06
C VAL A 70 -9.13 -0.43 -5.09
N LYS A 71 -10.29 -0.01 -4.59
CA LYS A 71 -11.43 0.21 -5.44
C LYS A 71 -11.91 1.66 -5.29
N ASP A 72 -12.94 2.00 -6.05
CA ASP A 72 -13.50 3.33 -6.00
C ASP A 72 -12.42 4.34 -6.40
N LEU A 73 -12.05 4.29 -7.68
CA LEU A 73 -11.04 5.19 -8.20
C LEU A 73 -11.53 5.79 -9.51
N PRO A 74 -11.10 7.05 -9.77
CA PRO A 74 -11.48 7.75 -10.98
C PRO A 74 -10.72 7.21 -12.20
N THR A 75 -11.48 6.68 -13.13
CA THR A 75 -10.90 6.12 -14.35
C THR A 75 -10.12 7.19 -15.11
N GLY A 76 -8.82 6.96 -15.24
CA GLY A 76 -7.96 7.89 -15.94
C GLY A 76 -7.52 9.04 -15.01
N ALA A 77 -6.96 8.65 -13.88
CA ALA A 77 -6.50 9.62 -12.90
C ALA A 77 -5.17 9.15 -12.30
N ARG A 78 -4.21 10.06 -12.28
CA ARG A 78 -2.89 9.75 -11.74
C ARG A 78 -2.95 9.71 -10.20
N ILE A 79 -3.05 8.52 -9.67
CA ILE A 79 -3.12 8.33 -8.23
C ILE A 79 -1.90 7.52 -7.76
N LEU A 80 -1.36 7.92 -6.63
CA LEU A 80 -0.20 7.25 -6.07
C LEU A 80 -0.65 6.38 -4.88
N PHE A 81 -0.16 5.15 -4.90
CA PHE A 81 -0.50 4.21 -3.83
C PHE A 81 0.68 4.03 -2.87
N ARG A 82 0.35 3.92 -1.59
CA ARG A 82 1.36 3.74 -0.57
C ARG A 82 0.91 2.69 0.45
N VAL A 83 1.88 1.92 0.92
CA VAL A 83 1.59 0.88 1.90
C VAL A 83 2.46 1.10 3.14
N VAL A 84 1.83 0.94 4.30
CA VAL A 84 2.54 1.12 5.56
C VAL A 84 2.15 -0.02 6.52
N GLY A 85 3.17 -0.57 7.16
CA GLY A 85 2.95 -1.67 8.09
C GLY A 85 2.58 -1.13 9.47
N VAL A 86 1.37 -1.47 9.89
CA VAL A 86 0.87 -1.04 11.19
C VAL A 86 1.24 -2.08 12.25
N ASN A 87 1.23 -1.64 13.49
CA ASN A 87 1.56 -2.53 14.61
C ASN A 87 1.55 -1.73 15.90
N ILE A 88 1.88 -2.41 16.99
CA ILE A 88 1.91 -1.78 18.29
C ILE A 88 2.82 -0.55 18.24
N ALA A 89 3.95 -0.73 17.58
CA ALA A 89 4.92 0.35 17.44
C ALA A 89 4.24 1.56 16.80
N GLY A 90 3.39 1.27 15.82
CA GLY A 90 2.67 2.32 15.11
C GLY A 90 2.65 2.04 13.61
N ARG A 91 3.40 2.87 12.88
CA ARG A 91 3.46 2.73 11.44
C ARG A 91 4.92 2.83 10.97
N SER A 92 5.15 2.34 9.76
CA SER A 92 6.49 2.35 9.19
C SER A 92 6.49 3.18 7.89
N GLU A 93 7.68 3.61 7.49
CA GLU A 93 7.83 4.39 6.29
C GLU A 93 6.95 3.82 5.17
N PRO A 94 6.25 4.76 4.46
CA PRO A 94 5.37 4.35 3.37
C PRO A 94 6.18 3.97 2.14
N ALA A 95 5.88 2.79 1.61
CA ALA A 95 6.57 2.30 0.43
C ALA A 95 5.90 2.86 -0.82
N THR A 96 5.74 4.18 -0.82
CA THR A 96 5.12 4.86 -1.95
C THR A 96 5.61 4.26 -3.27
N LEU A 97 4.69 4.16 -4.21
CA LEU A 97 5.01 3.61 -5.52
C LEU A 97 6.02 4.53 -6.22
N LEU A 98 6.81 3.92 -7.10
CA LEU A 98 7.81 4.66 -7.83
C LEU A 98 7.14 5.47 -8.94
N GLN A 99 5.96 5.00 -9.34
CA GLN A 99 5.20 5.66 -10.39
C GLN A 99 3.71 5.64 -10.06
N PRO A 100 3.00 6.70 -10.54
CA PRO A 100 1.58 6.81 -10.30
C PRO A 100 0.79 5.85 -11.17
N VAL A 101 -0.52 5.82 -10.95
CA VAL A 101 -1.39 4.94 -11.71
C VAL A 101 -2.47 5.78 -12.39
N THR A 102 -2.68 5.50 -13.67
CA THR A 102 -3.68 6.20 -14.45
C THR A 102 -5.07 5.61 -14.20
N ILE A 103 -5.08 4.36 -13.76
CA ILE A 103 -6.32 3.67 -13.49
C ILE A 103 -7.08 3.44 -14.81
N ARG A 104 -6.96 2.23 -15.31
CA ARG A 104 -7.63 1.87 -16.56
C ARG A 104 -7.35 0.40 -16.90
N GLU A 105 -8.35 -0.23 -17.49
CA GLU A 105 -8.24 -1.62 -17.88
C GLU A 105 -7.77 -1.73 -19.33
N SER A 106 -7.06 -2.81 -19.61
CA SER A 106 -6.55 -3.06 -20.95
C SER A 106 -6.25 -4.54 -21.13
N GLY A 107 -6.42 -4.99 -22.37
CA GLY A 107 -6.17 -6.39 -22.69
C GLY A 107 -5.52 -6.52 -24.08
N PRO A 108 -4.83 -7.68 -24.27
CA PRO A 108 -4.17 -7.95 -25.54
C PRO A 108 -5.17 -8.32 -26.62
N SER A 109 -4.91 -7.84 -27.83
CA SER A 109 -5.77 -8.11 -28.95
C SER A 109 -5.18 -9.24 -29.82
N SER A 110 -5.83 -10.39 -29.75
CA SER A 110 -5.39 -11.54 -30.52
C SER A 110 -6.57 -12.40 -30.92
N GLY A 111 -6.70 -12.59 -32.23
CA GLY A 111 -7.80 -13.39 -32.77
C GLY A 111 -7.28 -14.44 -33.75
N GLY A 1 17.91 -11.80 29.42
CA GLY A 1 17.41 -10.66 30.18
C GLY A 1 16.02 -10.26 29.70
N SER A 2 15.92 -9.02 29.22
CA SER A 2 14.66 -8.51 28.72
C SER A 2 14.86 -7.12 28.10
N SER A 3 14.92 -7.10 26.79
CA SER A 3 15.10 -5.85 26.06
C SER A 3 13.75 -5.26 25.67
N GLY A 4 12.99 -6.05 24.93
CA GLY A 4 11.67 -5.62 24.48
C GLY A 4 11.76 -4.94 23.11
N SER A 5 10.60 -4.84 22.46
CA SER A 5 10.53 -4.22 21.15
C SER A 5 10.79 -2.71 21.28
N SER A 6 11.48 -2.18 20.26
CA SER A 6 11.80 -0.76 20.25
C SER A 6 11.82 -0.25 18.81
N GLY A 7 10.74 0.42 18.44
CA GLY A 7 10.62 0.97 17.09
C GLY A 7 9.73 0.08 16.23
N PRO A 8 9.23 0.69 15.11
CA PRO A 8 8.37 -0.03 14.19
C PRO A 8 9.18 -1.00 13.33
N THR A 9 8.45 -1.92 12.70
CA THR A 9 9.08 -2.92 11.86
C THR A 9 9.70 -2.25 10.62
N SER A 10 10.17 -3.08 9.71
CA SER A 10 10.79 -2.60 8.49
C SER A 10 9.71 -2.27 7.45
N ALA A 11 9.86 -1.10 6.85
CA ALA A 11 8.91 -0.66 5.83
C ALA A 11 8.68 -1.78 4.82
N PRO A 12 7.56 -1.66 4.07
CA PRO A 12 7.22 -2.65 3.06
C PRO A 12 8.11 -2.53 1.83
N GLN A 13 8.24 -3.62 1.10
CA GLN A 13 9.05 -3.63 -0.10
C GLN A 13 8.42 -4.53 -1.16
N HIS A 14 8.91 -4.41 -2.38
CA HIS A 14 8.41 -5.19 -3.49
C HIS A 14 6.96 -4.79 -3.78
N LEU A 15 6.65 -3.54 -3.47
CA LEU A 15 5.31 -3.02 -3.69
C LEU A 15 5.21 -2.52 -5.13
N THR A 16 4.39 -3.23 -5.91
CA THR A 16 4.19 -2.87 -7.30
C THR A 16 2.75 -3.16 -7.73
N VAL A 17 2.39 -2.63 -8.89
CA VAL A 17 1.05 -2.82 -9.41
C VAL A 17 1.03 -4.07 -10.30
N GLU A 18 0.37 -5.10 -9.81
CA GLU A 18 0.27 -6.36 -10.54
C GLU A 18 -0.69 -6.21 -11.72
N ASP A 19 -1.83 -5.59 -11.44
CA ASP A 19 -2.84 -5.37 -12.46
C ASP A 19 -3.55 -4.03 -12.19
N VAL A 20 -4.29 -3.59 -13.20
CA VAL A 20 -5.02 -2.34 -13.09
C VAL A 20 -6.36 -2.47 -13.81
N THR A 21 -7.42 -2.13 -13.09
CA THR A 21 -8.76 -2.21 -13.65
C THR A 21 -9.25 -0.81 -14.04
N ASP A 22 -10.57 -0.69 -14.12
CA ASP A 22 -11.18 0.59 -14.48
C ASP A 22 -11.50 1.36 -13.21
N THR A 23 -11.90 0.63 -12.18
CA THR A 23 -12.23 1.24 -10.90
C THR A 23 -11.63 0.44 -9.75
N THR A 24 -10.65 -0.39 -10.09
CA THR A 24 -9.98 -1.22 -9.10
C THR A 24 -8.53 -1.48 -9.52
N THR A 25 -7.67 -1.57 -8.52
CA THR A 25 -6.26 -1.81 -8.77
C THR A 25 -5.75 -2.93 -7.86
N THR A 26 -4.60 -3.48 -8.24
CA THR A 26 -4.00 -4.55 -7.46
C THR A 26 -2.59 -4.15 -7.02
N LEU A 27 -2.27 -4.52 -5.78
CA LEU A 27 -0.97 -4.21 -5.22
C LEU A 27 -0.39 -5.45 -4.57
N LYS A 28 0.91 -5.63 -4.73
CA LYS A 28 1.61 -6.78 -4.16
C LYS A 28 2.94 -6.32 -3.58
N TRP A 29 3.08 -6.55 -2.28
CA TRP A 29 4.30 -6.17 -1.58
C TRP A 29 4.84 -7.41 -0.88
N ARG A 30 5.93 -7.21 -0.15
CA ARG A 30 6.56 -8.30 0.58
C ARG A 30 6.67 -7.95 2.07
N PRO A 31 6.74 -9.03 2.90
CA PRO A 31 6.84 -8.85 4.34
C PRO A 31 8.26 -8.39 4.74
N PRO A 32 8.32 -7.71 5.91
CA PRO A 32 9.60 -7.22 6.41
C PRO A 32 10.44 -8.37 6.98
N ASP A 33 11.68 -8.04 7.33
CA ASP A 33 12.59 -9.02 7.88
C ASP A 33 12.79 -8.74 9.38
N ARG A 34 12.48 -7.50 9.75
CA ARG A 34 12.63 -7.09 11.13
C ARG A 34 11.27 -6.75 11.73
N ILE A 35 10.47 -7.79 11.97
CA ILE A 35 9.15 -7.61 12.54
C ILE A 35 9.26 -7.51 14.06
N GLY A 36 9.54 -8.64 14.68
CA GLY A 36 9.68 -8.69 16.13
C GLY A 36 8.35 -8.37 16.81
N ALA A 37 8.44 -8.05 18.09
CA ALA A 37 7.26 -7.73 18.87
C ALA A 37 6.18 -8.79 18.63
N GLY A 38 4.95 -8.42 18.97
CA GLY A 38 3.83 -9.32 18.80
C GLY A 38 3.39 -9.38 17.34
N GLY A 39 4.36 -9.62 16.47
CA GLY A 39 4.08 -9.70 15.05
C GLY A 39 3.42 -8.41 14.55
N ILE A 40 3.47 -8.23 13.23
CA ILE A 40 2.89 -7.06 12.61
C ILE A 40 1.38 -7.28 12.44
N ASP A 41 0.62 -6.29 12.85
CA ASP A 41 -0.83 -6.36 12.74
C ASP A 41 -1.22 -6.51 11.27
N GLY A 42 -0.55 -5.73 10.43
CA GLY A 42 -0.80 -5.76 9.00
C GLY A 42 -0.21 -4.54 8.31
N TYR A 43 -0.87 -4.12 7.24
CA TYR A 43 -0.41 -2.96 6.48
C TYR A 43 -1.58 -2.06 6.10
N LEU A 44 -1.34 -0.77 6.18
CA LEU A 44 -2.36 0.22 5.85
C LEU A 44 -2.14 0.71 4.43
N VAL A 45 -3.22 0.69 3.65
CA VAL A 45 -3.15 1.14 2.27
C VAL A 45 -3.91 2.46 2.13
N GLU A 46 -3.35 3.34 1.30
CA GLU A 46 -3.95 4.64 1.08
C GLU A 46 -3.48 5.23 -0.26
N TYR A 47 -4.33 6.07 -0.83
CA TYR A 47 -4.00 6.70 -2.10
C TYR A 47 -4.20 8.21 -2.03
N CYS A 48 -3.33 8.92 -2.74
CA CYS A 48 -3.39 10.38 -2.76
C CYS A 48 -3.52 10.83 -4.22
N LEU A 49 -4.70 11.36 -4.53
CA LEU A 49 -4.96 11.83 -5.89
C LEU A 49 -3.94 12.91 -6.25
N GLU A 50 -3.49 12.86 -7.49
CA GLU A 50 -2.53 13.83 -7.97
C GLU A 50 -3.02 15.25 -7.72
N GLY A 51 -2.19 16.04 -7.05
CA GLY A 51 -2.54 17.41 -6.74
C GLY A 51 -3.03 17.53 -5.30
N SER A 52 -3.60 16.45 -4.79
CA SER A 52 -4.11 16.42 -3.44
C SER A 52 -2.97 16.18 -2.45
N GLU A 53 -3.18 16.63 -1.22
CA GLU A 53 -2.19 16.49 -0.18
C GLU A 53 -2.70 15.55 0.92
N GLU A 54 -3.97 15.18 0.79
CA GLU A 54 -4.59 14.30 1.76
C GLU A 54 -4.59 12.87 1.25
N TRP A 55 -4.02 11.98 2.05
CA TRP A 55 -3.94 10.57 1.70
C TRP A 55 -5.19 9.88 2.25
N VAL A 56 -6.01 9.38 1.33
CA VAL A 56 -7.23 8.70 1.72
C VAL A 56 -6.92 7.22 1.97
N PRO A 57 -7.59 6.66 3.01
CA PRO A 57 -7.40 5.26 3.36
C PRO A 57 -8.11 4.35 2.37
N ALA A 58 -7.38 3.35 1.90
CA ALA A 58 -7.93 2.40 0.95
C ALA A 58 -8.67 1.29 1.71
N ASN A 59 -8.03 0.81 2.77
CA ASN A 59 -8.61 -0.24 3.58
C ASN A 59 -8.75 0.26 5.03
N LYS A 60 -9.99 0.48 5.43
CA LYS A 60 -10.27 0.95 6.77
C LYS A 60 -9.34 0.24 7.76
N GLU A 61 -9.28 -1.08 7.60
CA GLU A 61 -8.44 -1.89 8.47
C GLU A 61 -7.27 -2.49 7.68
N PRO A 62 -6.19 -2.84 8.43
CA PRO A 62 -5.01 -3.41 7.81
C PRO A 62 -5.25 -4.86 7.42
N VAL A 63 -4.89 -5.17 6.17
CA VAL A 63 -5.07 -6.53 5.66
C VAL A 63 -4.13 -7.47 6.42
N GLU A 64 -4.12 -8.72 5.97
CA GLU A 64 -3.29 -9.73 6.59
C GLU A 64 -2.23 -10.23 5.60
N ARG A 65 -2.67 -10.41 4.36
CA ARG A 65 -1.78 -10.88 3.31
C ARG A 65 -0.94 -9.72 2.78
N CYS A 66 -0.04 -10.06 1.86
CA CYS A 66 0.84 -9.05 1.26
C CYS A 66 0.25 -8.67 -0.09
N GLY A 67 -0.98 -8.19 -0.05
CA GLY A 67 -1.67 -7.78 -1.27
C GLY A 67 -3.08 -7.26 -0.96
N PHE A 68 -3.51 -6.30 -1.76
CA PHE A 68 -4.83 -5.71 -1.59
C PHE A 68 -5.32 -5.07 -2.88
N THR A 69 -6.58 -4.65 -2.87
CA THR A 69 -7.17 -4.02 -4.02
C THR A 69 -7.87 -2.73 -3.62
N VAL A 70 -7.56 -1.66 -4.36
CA VAL A 70 -8.15 -0.36 -4.08
C VAL A 70 -9.27 -0.09 -5.09
N LYS A 71 -10.47 0.05 -4.56
CA LYS A 71 -11.63 0.32 -5.40
C LYS A 71 -12.02 1.79 -5.28
N ASP A 72 -13.04 2.17 -6.04
CA ASP A 72 -13.52 3.54 -6.04
C ASP A 72 -12.38 4.48 -6.45
N LEU A 73 -12.12 4.50 -7.75
CA LEU A 73 -11.07 5.35 -8.28
C LEU A 73 -11.53 5.94 -9.61
N PRO A 74 -11.10 7.21 -9.86
CA PRO A 74 -11.46 7.90 -11.09
C PRO A 74 -10.66 7.38 -12.27
N THR A 75 -11.38 6.93 -13.29
CA THR A 75 -10.74 6.40 -14.49
C THR A 75 -9.90 7.47 -15.17
N GLY A 76 -8.62 7.17 -15.31
CA GLY A 76 -7.71 8.11 -15.94
C GLY A 76 -7.32 9.23 -14.98
N ALA A 77 -6.83 8.84 -13.82
CA ALA A 77 -6.43 9.81 -12.81
C ALA A 77 -5.10 9.36 -12.19
N ARG A 78 -4.18 10.30 -12.11
CA ARG A 78 -2.86 10.03 -11.55
C ARG A 78 -2.97 9.90 -10.03
N ILE A 79 -3.03 8.66 -9.57
CA ILE A 79 -3.12 8.39 -8.15
C ILE A 79 -1.90 7.60 -7.69
N LEU A 80 -1.43 7.92 -6.50
CA LEU A 80 -0.26 7.26 -5.95
C LEU A 80 -0.70 6.34 -4.80
N PHE A 81 -0.16 5.13 -4.81
CA PHE A 81 -0.48 4.16 -3.78
C PHE A 81 0.72 3.88 -2.89
N ARG A 82 0.49 3.96 -1.59
CA ARG A 82 1.55 3.72 -0.63
C ARG A 82 1.05 2.80 0.49
N VAL A 83 1.89 1.84 0.85
CA VAL A 83 1.55 0.90 1.89
C VAL A 83 2.44 1.14 3.11
N VAL A 84 1.83 1.03 4.28
CA VAL A 84 2.56 1.25 5.53
C VAL A 84 2.22 0.13 6.51
N GLY A 85 3.26 -0.40 7.14
CA GLY A 85 3.08 -1.48 8.10
C GLY A 85 2.68 -0.94 9.46
N VAL A 86 1.44 -1.22 9.85
CA VAL A 86 0.92 -0.77 11.12
C VAL A 86 1.37 -1.73 12.22
N ASN A 87 1.32 -1.24 13.45
CA ASN A 87 1.72 -2.05 14.59
C ASN A 87 1.69 -1.17 15.86
N ILE A 88 1.96 -1.81 16.98
CA ILE A 88 1.97 -1.12 18.26
C ILE A 88 2.88 0.11 18.15
N ALA A 89 3.99 -0.07 17.45
CA ALA A 89 4.94 1.01 17.27
C ALA A 89 4.28 2.14 16.48
N GLY A 90 3.22 1.78 15.77
CA GLY A 90 2.49 2.76 14.96
C GLY A 90 2.51 2.37 13.49
N ARG A 91 3.30 3.12 12.72
CA ARG A 91 3.41 2.87 11.29
C ARG A 91 4.88 2.96 10.86
N SER A 92 5.14 2.43 9.68
CA SER A 92 6.49 2.43 9.13
C SER A 92 6.53 3.24 7.83
N GLU A 93 7.72 3.58 7.41
CA GLU A 93 7.91 4.34 6.19
C GLU A 93 7.00 3.80 5.08
N PRO A 94 6.33 4.74 4.38
CA PRO A 94 5.43 4.37 3.30
C PRO A 94 6.21 3.95 2.05
N ALA A 95 5.85 2.78 1.53
CA ALA A 95 6.50 2.26 0.34
C ALA A 95 5.86 2.87 -0.91
N THR A 96 5.79 4.20 -0.90
CA THR A 96 5.20 4.91 -2.02
C THR A 96 5.66 4.29 -3.35
N LEU A 97 4.71 4.19 -4.27
CA LEU A 97 5.00 3.62 -5.58
C LEU A 97 6.00 4.51 -6.30
N LEU A 98 6.83 3.87 -7.12
CA LEU A 98 7.84 4.59 -7.88
C LEU A 98 7.17 5.48 -8.91
N GLN A 99 5.97 5.07 -9.31
CA GLN A 99 5.20 5.83 -10.29
C GLN A 99 3.72 5.77 -9.97
N PRO A 100 2.98 6.82 -10.42
CA PRO A 100 1.54 6.89 -10.18
C PRO A 100 0.79 5.92 -11.10
N VAL A 101 -0.52 5.89 -10.92
CA VAL A 101 -1.37 5.02 -11.71
C VAL A 101 -2.44 5.85 -12.41
N THR A 102 -2.63 5.58 -13.69
CA THR A 102 -3.62 6.30 -14.48
C THR A 102 -5.01 5.70 -14.23
N ILE A 103 -5.02 4.47 -13.77
CA ILE A 103 -6.28 3.79 -13.50
C ILE A 103 -7.02 3.55 -14.81
N ARG A 104 -6.92 2.33 -15.31
CA ARG A 104 -7.58 1.97 -16.56
C ARG A 104 -7.37 0.48 -16.86
N GLU A 105 -8.39 -0.10 -17.47
CA GLU A 105 -8.34 -1.51 -17.82
C GLU A 105 -7.98 -1.68 -19.29
N SER A 106 -7.40 -2.84 -19.59
CA SER A 106 -7.01 -3.15 -20.96
C SER A 106 -7.98 -4.15 -21.57
N GLY A 107 -8.07 -4.11 -22.90
CA GLY A 107 -8.96 -5.00 -23.62
C GLY A 107 -8.20 -5.77 -24.70
N PRO A 108 -8.95 -6.63 -25.43
CA PRO A 108 -8.36 -7.43 -26.50
C PRO A 108 -8.07 -6.57 -27.73
N SER A 109 -6.81 -6.17 -27.85
CA SER A 109 -6.39 -5.36 -28.97
C SER A 109 -7.12 -4.01 -28.94
N SER A 110 -6.37 -2.98 -28.60
CA SER A 110 -6.93 -1.64 -28.52
C SER A 110 -7.97 -1.57 -27.40
N GLY A 111 -8.18 -0.35 -26.91
CA GLY A 111 -9.14 -0.13 -25.84
C GLY A 111 -10.08 1.02 -26.19
N GLY A 1 11.28 12.14 24.71
CA GLY A 1 12.10 12.15 25.91
C GLY A 1 12.88 10.84 26.05
N SER A 2 12.42 10.01 26.97
CA SER A 2 13.08 8.73 27.21
C SER A 2 12.04 7.60 27.19
N SER A 3 11.73 7.14 25.99
CA SER A 3 10.76 6.08 25.82
C SER A 3 10.91 5.44 24.44
N GLY A 4 10.84 4.12 24.41
CA GLY A 4 10.97 3.38 23.17
C GLY A 4 11.59 2.00 23.40
N SER A 5 10.73 1.00 23.43
CA SER A 5 11.17 -0.36 23.65
C SER A 5 10.99 -1.19 22.37
N SER A 6 9.74 -1.26 21.93
CA SER A 6 9.41 -2.00 20.73
C SER A 6 9.11 -1.04 19.58
N GLY A 7 9.83 -1.24 18.48
CA GLY A 7 9.67 -0.40 17.30
C GLY A 7 8.71 -1.05 16.30
N PRO A 8 8.28 -0.23 15.30
CA PRO A 8 7.37 -0.72 14.28
C PRO A 8 8.10 -1.60 13.27
N THR A 9 7.49 -2.73 12.96
CA THR A 9 8.07 -3.66 12.02
C THR A 9 8.66 -2.91 10.81
N SER A 10 9.65 -3.54 10.19
CA SER A 10 10.30 -2.95 9.03
C SER A 10 9.25 -2.55 7.99
N ALA A 11 9.55 -1.47 7.29
CA ALA A 11 8.65 -0.97 6.26
C ALA A 11 8.49 -2.03 5.16
N PRO A 12 7.42 -1.86 4.36
CA PRO A 12 7.14 -2.79 3.28
C PRO A 12 8.09 -2.55 2.10
N GLN A 13 8.29 -3.61 1.32
CA GLN A 13 9.17 -3.53 0.16
C GLN A 13 8.64 -4.41 -0.97
N HIS A 14 9.13 -4.14 -2.17
CA HIS A 14 8.72 -4.90 -3.34
C HIS A 14 7.24 -4.65 -3.61
N LEU A 15 6.85 -3.39 -3.47
CA LEU A 15 5.47 -3.01 -3.71
C LEU A 15 5.32 -2.53 -5.14
N THR A 16 4.56 -3.29 -5.92
CA THR A 16 4.33 -2.95 -7.31
C THR A 16 2.86 -3.17 -7.67
N VAL A 17 2.51 -2.78 -8.90
CA VAL A 17 1.15 -2.93 -9.38
C VAL A 17 1.06 -4.18 -10.25
N GLU A 18 0.43 -5.20 -9.70
CA GLU A 18 0.26 -6.45 -10.41
C GLU A 18 -0.69 -6.27 -11.59
N ASP A 19 -1.85 -5.70 -11.28
CA ASP A 19 -2.87 -5.47 -12.30
C ASP A 19 -3.56 -4.13 -12.03
N VAL A 20 -4.29 -3.66 -13.02
CA VAL A 20 -5.01 -2.41 -12.90
C VAL A 20 -6.37 -2.53 -13.58
N THR A 21 -7.41 -2.20 -12.82
CA THR A 21 -8.77 -2.27 -13.34
C THR A 21 -9.27 -0.87 -13.71
N ASP A 22 -10.58 -0.77 -13.86
CA ASP A 22 -11.20 0.50 -14.21
C ASP A 22 -11.40 1.33 -12.94
N THR A 23 -12.10 0.73 -11.99
CA THR A 23 -12.38 1.40 -10.73
C THR A 23 -11.70 0.68 -9.58
N THR A 24 -10.80 -0.23 -9.93
CA THR A 24 -10.07 -1.00 -8.94
C THR A 24 -8.65 -1.30 -9.43
N THR A 25 -7.78 -1.59 -8.47
CA THR A 25 -6.40 -1.89 -8.79
C THR A 25 -5.85 -2.96 -7.84
N THR A 26 -4.81 -3.64 -8.29
CA THR A 26 -4.19 -4.68 -7.49
C THR A 26 -2.78 -4.26 -7.06
N LEU A 27 -2.42 -4.68 -5.86
CA LEU A 27 -1.11 -4.35 -5.32
C LEU A 27 -0.47 -5.61 -4.72
N LYS A 28 0.85 -5.61 -4.67
CA LYS A 28 1.58 -6.73 -4.12
C LYS A 28 2.90 -6.25 -3.53
N TRP A 29 3.06 -6.48 -2.23
CA TRP A 29 4.26 -6.07 -1.54
C TRP A 29 4.87 -7.30 -0.86
N ARG A 30 5.93 -7.08 -0.12
CA ARG A 30 6.62 -8.15 0.58
C ARG A 30 6.71 -7.83 2.08
N PRO A 31 6.82 -8.92 2.89
CA PRO A 31 6.92 -8.77 4.32
C PRO A 31 8.30 -8.29 4.73
N PRO A 32 8.37 -7.68 5.95
CA PRO A 32 9.64 -7.18 6.46
C PRO A 32 10.53 -8.32 6.94
N ASP A 33 11.76 -7.95 7.31
CA ASP A 33 12.72 -8.94 7.79
C ASP A 33 12.88 -8.79 9.30
N ARG A 34 12.67 -7.56 9.77
CA ARG A 34 12.78 -7.27 11.19
C ARG A 34 11.41 -7.21 11.84
N ILE A 35 10.70 -8.33 11.76
CA ILE A 35 9.36 -8.42 12.33
C ILE A 35 9.39 -7.89 13.76
N GLY A 36 10.10 -8.62 14.62
CA GLY A 36 10.22 -8.23 16.01
C GLY A 36 9.51 -9.22 16.93
N ALA A 37 8.75 -8.69 17.87
CA ALA A 37 8.01 -9.52 18.80
C ALA A 37 6.52 -9.41 18.51
N GLY A 38 5.82 -10.52 18.69
CA GLY A 38 4.39 -10.56 18.44
C GLY A 38 4.10 -10.83 16.96
N GLY A 39 4.59 -9.93 16.12
CA GLY A 39 4.39 -10.06 14.69
C GLY A 39 3.63 -8.85 14.13
N ILE A 40 3.69 -8.71 12.81
CA ILE A 40 3.02 -7.61 12.15
C ILE A 40 1.51 -7.85 12.18
N ASP A 41 0.77 -6.76 12.34
CA ASP A 41 -0.69 -6.85 12.38
C ASP A 41 -1.24 -6.85 10.96
N GLY A 42 -0.59 -6.06 10.10
CA GLY A 42 -1.01 -5.97 8.71
C GLY A 42 -0.38 -4.74 8.04
N TYR A 43 -1.13 -4.18 7.10
CA TYR A 43 -0.66 -3.01 6.38
C TYR A 43 -1.82 -2.09 6.01
N LEU A 44 -1.56 -0.80 6.09
CA LEU A 44 -2.58 0.20 5.77
C LEU A 44 -2.30 0.78 4.37
N VAL A 45 -3.26 0.59 3.49
CA VAL A 45 -3.15 1.09 2.13
C VAL A 45 -3.85 2.43 2.02
N GLU A 46 -3.18 3.37 1.35
CA GLU A 46 -3.74 4.70 1.17
C GLU A 46 -3.26 5.29 -0.16
N TYR A 47 -4.17 6.01 -0.81
CA TYR A 47 -3.85 6.63 -2.08
C TYR A 47 -4.10 8.15 -2.03
N CYS A 48 -3.28 8.87 -2.77
CA CYS A 48 -3.39 10.32 -2.82
C CYS A 48 -3.60 10.74 -4.28
N LEU A 49 -4.75 11.33 -4.54
CA LEU A 49 -5.08 11.78 -5.88
C LEU A 49 -4.10 12.89 -6.29
N GLU A 50 -3.66 12.83 -7.54
CA GLU A 50 -2.73 13.82 -8.06
C GLU A 50 -3.28 15.22 -7.83
N GLY A 51 -2.45 16.04 -7.21
CA GLY A 51 -2.84 17.42 -6.91
C GLY A 51 -3.27 17.57 -5.47
N SER A 52 -3.76 16.48 -4.91
CA SER A 52 -4.21 16.47 -3.53
C SER A 52 -3.04 16.24 -2.59
N GLU A 53 -3.15 16.83 -1.40
CA GLU A 53 -2.10 16.70 -0.40
C GLU A 53 -2.58 15.83 0.77
N GLU A 54 -3.70 15.17 0.55
CA GLU A 54 -4.27 14.30 1.57
C GLU A 54 -4.36 12.86 1.05
N TRP A 55 -3.70 11.97 1.78
CA TRP A 55 -3.69 10.56 1.42
C TRP A 55 -4.98 9.93 1.95
N VAL A 56 -5.80 9.46 1.03
CA VAL A 56 -7.05 8.82 1.40
C VAL A 56 -6.79 7.35 1.73
N PRO A 57 -7.52 6.86 2.78
CA PRO A 57 -7.39 5.49 3.20
C PRO A 57 -8.09 4.54 2.23
N ALA A 58 -7.31 3.61 1.70
CA ALA A 58 -7.85 2.64 0.75
C ALA A 58 -8.60 1.54 1.52
N ASN A 59 -7.97 1.09 2.60
CA ASN A 59 -8.56 0.05 3.42
C ASN A 59 -8.73 0.58 4.85
N LYS A 60 -9.92 0.35 5.39
CA LYS A 60 -10.22 0.79 6.74
C LYS A 60 -9.31 0.07 7.73
N GLU A 61 -9.23 -1.24 7.58
CA GLU A 61 -8.40 -2.05 8.44
C GLU A 61 -7.20 -2.60 7.66
N PRO A 62 -6.14 -2.96 8.42
CA PRO A 62 -4.93 -3.50 7.82
C PRO A 62 -5.14 -4.95 7.38
N VAL A 63 -4.71 -5.22 6.15
CA VAL A 63 -4.84 -6.55 5.60
C VAL A 63 -3.70 -7.43 6.11
N GLU A 64 -3.93 -8.73 6.08
CA GLU A 64 -2.94 -9.69 6.54
C GLU A 64 -2.06 -10.13 5.37
N ARG A 65 -2.68 -10.23 4.21
CA ARG A 65 -1.96 -10.65 3.01
C ARG A 65 -0.93 -9.60 2.62
N CYS A 66 -0.06 -9.97 1.69
CA CYS A 66 0.98 -9.07 1.22
C CYS A 66 0.48 -8.37 -0.03
N GLY A 67 -0.68 -7.74 0.10
CA GLY A 67 -1.28 -7.03 -1.01
C GLY A 67 -2.71 -6.59 -0.67
N PHE A 68 -3.34 -5.93 -1.65
CA PHE A 68 -4.70 -5.46 -1.46
C PHE A 68 -5.26 -4.91 -2.77
N THR A 69 -6.57 -4.67 -2.76
CA THR A 69 -7.25 -4.15 -3.94
C THR A 69 -8.04 -2.89 -3.58
N VAL A 70 -7.70 -1.80 -4.26
CA VAL A 70 -8.37 -0.54 -4.04
C VAL A 70 -9.61 -0.45 -4.93
N LYS A 71 -10.57 0.34 -4.47
CA LYS A 71 -11.80 0.52 -5.22
C LYS A 71 -12.20 1.99 -5.18
N ASP A 72 -13.19 2.33 -6.01
CA ASP A 72 -13.67 3.70 -6.09
C ASP A 72 -12.52 4.61 -6.52
N LEU A 73 -12.22 4.56 -7.81
CA LEU A 73 -11.16 5.37 -8.37
C LEU A 73 -11.58 5.90 -9.74
N PRO A 74 -11.18 7.17 -10.02
CA PRO A 74 -11.51 7.80 -11.28
C PRO A 74 -10.66 7.24 -12.42
N THR A 75 -11.35 6.66 -13.39
CA THR A 75 -10.68 6.07 -14.53
C THR A 75 -9.93 7.15 -15.32
N GLY A 76 -8.61 6.99 -15.37
CA GLY A 76 -7.77 7.94 -16.08
C GLY A 76 -7.28 9.04 -15.16
N ALA A 77 -6.95 8.63 -13.94
CA ALA A 77 -6.47 9.58 -12.94
C ALA A 77 -5.16 9.06 -12.34
N ARG A 78 -4.20 9.95 -12.23
CA ARG A 78 -2.90 9.60 -11.68
C ARG A 78 -2.96 9.58 -10.15
N ILE A 79 -3.09 8.37 -9.62
CA ILE A 79 -3.16 8.20 -8.18
C ILE A 79 -1.93 7.42 -7.71
N LEU A 80 -1.39 7.86 -6.58
CA LEU A 80 -0.21 7.22 -6.01
C LEU A 80 -0.64 6.33 -4.83
N PHE A 81 -0.15 5.10 -4.85
CA PHE A 81 -0.47 4.16 -3.80
C PHE A 81 0.71 3.98 -2.84
N ARG A 82 0.38 3.85 -1.56
CA ARG A 82 1.40 3.67 -0.54
C ARG A 82 0.93 2.64 0.49
N VAL A 83 1.88 1.80 0.91
CA VAL A 83 1.58 0.77 1.89
C VAL A 83 2.45 1.00 3.13
N VAL A 84 1.78 1.01 4.28
CA VAL A 84 2.48 1.21 5.54
C VAL A 84 2.16 0.05 6.48
N GLY A 85 3.21 -0.52 7.04
CA GLY A 85 3.05 -1.64 7.95
C GLY A 85 2.74 -1.15 9.37
N VAL A 86 1.57 -1.56 9.86
CA VAL A 86 1.15 -1.16 11.19
C VAL A 86 1.51 -2.26 12.18
N ASN A 87 1.55 -1.88 13.45
CA ASN A 87 1.88 -2.82 14.51
C ASN A 87 1.68 -2.15 15.88
N ILE A 88 1.91 -2.92 16.92
CA ILE A 88 1.75 -2.42 18.27
C ILE A 88 2.51 -1.09 18.40
N ALA A 89 3.57 -0.97 17.62
CA ALA A 89 4.38 0.24 17.64
C ALA A 89 3.68 1.33 16.83
N GLY A 90 3.05 0.91 15.74
CA GLY A 90 2.34 1.83 14.87
C GLY A 90 2.71 1.58 13.40
N ARG A 91 2.46 2.60 12.59
CA ARG A 91 2.75 2.51 11.17
C ARG A 91 4.24 2.74 10.92
N SER A 92 4.69 2.30 9.75
CA SER A 92 6.09 2.44 9.39
C SER A 92 6.22 3.26 8.10
N GLU A 93 7.45 3.40 7.64
CA GLU A 93 7.70 4.16 6.43
C GLU A 93 6.80 3.67 5.30
N PRO A 94 6.19 4.66 4.59
CA PRO A 94 5.29 4.34 3.48
C PRO A 94 6.09 3.90 2.25
N ALA A 95 5.73 2.72 1.75
CA ALA A 95 6.39 2.18 0.58
C ALA A 95 5.76 2.78 -0.68
N THR A 96 5.70 4.10 -0.70
CA THR A 96 5.13 4.81 -1.83
C THR A 96 5.56 4.14 -3.15
N LEU A 97 4.69 4.24 -4.14
CA LEU A 97 4.97 3.67 -5.44
C LEU A 97 5.98 4.55 -6.18
N LEU A 98 6.76 3.91 -7.04
CA LEU A 98 7.76 4.62 -7.81
C LEU A 98 7.08 5.46 -8.89
N GLN A 99 5.95 4.93 -9.38
CA GLN A 99 5.19 5.63 -10.41
C GLN A 99 3.70 5.58 -10.08
N PRO A 100 2.98 6.64 -10.53
CA PRO A 100 1.54 6.73 -10.29
C PRO A 100 0.78 5.78 -11.21
N VAL A 101 -0.52 5.67 -10.97
CA VAL A 101 -1.37 4.82 -11.76
C VAL A 101 -2.46 5.65 -12.42
N THR A 102 -2.65 5.40 -13.70
CA THR A 102 -3.66 6.13 -14.47
C THR A 102 -5.05 5.56 -14.19
N ILE A 103 -5.06 4.32 -13.70
CA ILE A 103 -6.31 3.65 -13.38
C ILE A 103 -7.10 3.43 -14.67
N ARG A 104 -7.00 2.22 -15.19
CA ARG A 104 -7.70 1.87 -16.41
C ARG A 104 -7.52 0.38 -16.72
N GLU A 105 -8.54 -0.20 -17.33
CA GLU A 105 -8.50 -1.61 -17.68
C GLU A 105 -8.12 -1.78 -19.16
N SER A 106 -7.65 -2.97 -19.49
CA SER A 106 -7.26 -3.27 -20.85
C SER A 106 -8.22 -4.29 -21.47
N GLY A 107 -8.67 -3.97 -22.68
CA GLY A 107 -9.60 -4.83 -23.39
C GLY A 107 -9.75 -4.40 -24.84
N PRO A 108 -8.89 -4.98 -25.71
CA PRO A 108 -8.91 -4.68 -27.12
C PRO A 108 -10.11 -5.34 -27.81
N SER A 109 -10.75 -4.58 -28.69
CA SER A 109 -11.91 -5.08 -29.42
C SER A 109 -12.90 -5.68 -28.44
N SER A 110 -13.91 -4.89 -28.10
CA SER A 110 -14.94 -5.33 -27.18
C SER A 110 -15.85 -6.36 -27.86
N GLY A 111 -16.44 -5.93 -28.97
CA GLY A 111 -17.34 -6.79 -29.72
C GLY A 111 -18.22 -7.61 -28.79
N GLY A 1 17.34 -2.08 36.66
CA GLY A 1 16.26 -2.28 35.71
C GLY A 1 16.60 -1.65 34.36
N SER A 2 16.25 -2.37 33.30
CA SER A 2 16.52 -1.90 31.95
C SER A 2 15.22 -1.85 31.14
N SER A 3 14.88 -0.65 30.70
CA SER A 3 13.67 -0.46 29.92
C SER A 3 13.69 -1.37 28.69
N GLY A 4 12.54 -1.48 28.05
CA GLY A 4 12.41 -2.30 26.86
C GLY A 4 12.06 -1.46 25.64
N SER A 5 12.74 -1.76 24.54
CA SER A 5 12.50 -1.04 23.29
C SER A 5 11.95 -1.99 22.24
N SER A 6 11.10 -1.43 21.37
CA SER A 6 10.49 -2.22 20.32
C SER A 6 9.82 -1.29 19.30
N GLY A 7 10.61 -0.85 18.33
CA GLY A 7 10.11 0.04 17.30
C GLY A 7 9.24 -0.72 16.30
N PRO A 8 8.72 0.04 15.30
CA PRO A 8 7.88 -0.55 14.27
C PRO A 8 8.71 -1.35 13.27
N THR A 9 8.13 -2.45 12.81
CA THR A 9 8.81 -3.31 11.85
C THR A 9 9.39 -2.48 10.71
N SER A 10 10.14 -3.15 9.86
CA SER A 10 10.77 -2.49 8.72
C SER A 10 9.72 -2.22 7.64
N ALA A 11 9.83 -1.04 7.04
CA ALA A 11 8.91 -0.65 5.98
C ALA A 11 8.76 -1.80 4.99
N PRO A 12 7.64 -1.75 4.22
CA PRO A 12 7.36 -2.78 3.23
C PRO A 12 8.26 -2.60 2.00
N GLN A 13 8.27 -3.63 1.17
CA GLN A 13 9.07 -3.61 -0.04
C GLN A 13 8.45 -4.51 -1.10
N HIS A 14 8.96 -4.37 -2.32
CA HIS A 14 8.46 -5.16 -3.44
C HIS A 14 7.01 -4.77 -3.73
N LEU A 15 6.70 -3.52 -3.46
CA LEU A 15 5.36 -3.01 -3.70
C LEU A 15 5.25 -2.49 -5.14
N THR A 16 4.50 -3.23 -5.94
CA THR A 16 4.31 -2.87 -7.33
C THR A 16 2.87 -3.13 -7.76
N VAL A 17 2.53 -2.62 -8.93
CA VAL A 17 1.19 -2.79 -9.46
C VAL A 17 1.16 -4.04 -10.35
N GLU A 18 0.37 -5.02 -9.91
CA GLU A 18 0.23 -6.26 -10.64
C GLU A 18 -0.78 -6.10 -11.77
N ASP A 19 -1.90 -5.48 -11.44
CA ASP A 19 -2.95 -5.26 -12.41
C ASP A 19 -3.68 -3.96 -12.08
N VAL A 20 -4.40 -3.44 -13.08
CA VAL A 20 -5.14 -2.21 -12.91
C VAL A 20 -6.50 -2.34 -13.59
N THR A 21 -7.51 -1.73 -12.98
CA THR A 21 -8.86 -1.78 -13.51
C THR A 21 -9.31 -0.37 -13.91
N ASP A 22 -10.63 -0.21 -13.99
CA ASP A 22 -11.20 1.07 -14.35
C ASP A 22 -11.48 1.88 -13.09
N THR A 23 -11.83 1.16 -12.02
CA THR A 23 -12.12 1.80 -10.75
C THR A 23 -11.48 1.02 -9.61
N THR A 24 -10.54 0.16 -9.97
CA THR A 24 -9.84 -0.65 -8.99
C THR A 24 -8.39 -0.88 -9.42
N THR A 25 -7.59 -1.34 -8.47
CA THR A 25 -6.18 -1.59 -8.73
C THR A 25 -5.65 -2.67 -7.78
N THR A 26 -4.66 -3.41 -8.26
CA THR A 26 -4.06 -4.47 -7.47
C THR A 26 -2.68 -4.05 -6.99
N LEU A 27 -2.28 -4.60 -5.85
CA LEU A 27 -0.99 -4.29 -5.27
C LEU A 27 -0.38 -5.57 -4.68
N LYS A 28 0.94 -5.64 -4.71
CA LYS A 28 1.65 -6.79 -4.18
C LYS A 28 2.97 -6.33 -3.56
N TRP A 29 3.08 -6.56 -2.27
CA TRP A 29 4.28 -6.18 -1.54
C TRP A 29 4.82 -7.42 -0.82
N ARG A 30 6.00 -7.25 -0.22
CA ARG A 30 6.62 -8.36 0.50
C ARG A 30 6.75 -8.01 1.99
N PRO A 31 6.84 -9.08 2.81
CA PRO A 31 6.97 -8.90 4.25
C PRO A 31 8.37 -8.46 4.63
N PRO A 32 8.47 -7.80 5.81
CA PRO A 32 9.75 -7.31 6.30
C PRO A 32 10.60 -8.46 6.83
N ASP A 33 11.85 -8.13 7.15
CA ASP A 33 12.77 -9.12 7.68
C ASP A 33 13.02 -8.86 9.17
N ARG A 34 12.98 -7.58 9.52
CA ARG A 34 13.20 -7.18 10.90
C ARG A 34 11.86 -7.02 11.62
N ILE A 35 11.28 -8.16 11.99
CA ILE A 35 10.01 -8.16 12.70
C ILE A 35 10.25 -8.42 14.19
N GLY A 36 10.78 -9.60 14.47
CA GLY A 36 11.06 -9.99 15.84
C GLY A 36 9.81 -10.54 16.52
N ALA A 37 9.68 -10.23 17.80
CA ALA A 37 8.54 -10.68 18.57
C ALA A 37 7.33 -9.79 18.28
N GLY A 38 6.18 -10.23 18.75
CA GLY A 38 4.95 -9.49 18.54
C GLY A 38 4.35 -9.78 17.17
N GLY A 39 5.07 -9.34 16.14
CA GLY A 39 4.63 -9.56 14.78
C GLY A 39 3.86 -8.33 14.26
N ILE A 40 3.92 -8.16 12.94
CA ILE A 40 3.24 -7.05 12.31
C ILE A 40 1.74 -7.32 12.25
N ASP A 41 0.97 -6.33 12.64
CA ASP A 41 -0.49 -6.45 12.64
C ASP A 41 -0.99 -6.55 11.20
N GLY A 42 -0.39 -5.74 10.34
CA GLY A 42 -0.76 -5.72 8.93
C GLY A 42 -0.16 -4.53 8.22
N TYR A 43 -0.91 -4.00 7.26
CA TYR A 43 -0.47 -2.85 6.49
C TYR A 43 -1.64 -1.93 6.15
N LEU A 44 -1.38 -0.64 6.25
CA LEU A 44 -2.41 0.36 5.95
C LEU A 44 -2.17 0.91 4.55
N VAL A 45 -3.14 0.68 3.68
CA VAL A 45 -3.06 1.15 2.31
C VAL A 45 -3.85 2.46 2.18
N GLU A 46 -3.34 3.33 1.32
CA GLU A 46 -3.97 4.61 1.09
C GLU A 46 -3.49 5.23 -0.22
N TYR A 47 -4.42 5.85 -0.93
CA TYR A 47 -4.11 6.47 -2.21
C TYR A 47 -4.36 7.97 -2.15
N CYS A 48 -3.52 8.71 -2.85
CA CYS A 48 -3.63 10.16 -2.89
C CYS A 48 -3.75 10.59 -4.35
N LEU A 49 -4.79 11.36 -4.63
CA LEU A 49 -5.02 11.85 -5.98
C LEU A 49 -4.00 12.94 -6.31
N GLU A 50 -3.49 12.87 -7.52
CA GLU A 50 -2.50 13.85 -7.98
C GLU A 50 -2.98 15.26 -7.67
N GLY A 51 -2.12 16.01 -6.98
CA GLY A 51 -2.45 17.37 -6.63
C GLY A 51 -2.96 17.45 -5.18
N SER A 52 -3.59 16.37 -4.75
CA SER A 52 -4.13 16.30 -3.41
C SER A 52 -3.02 15.96 -2.41
N GLU A 53 -3.11 16.58 -1.24
CA GLU A 53 -2.12 16.36 -0.20
C GLU A 53 -2.71 15.50 0.91
N GLU A 54 -3.85 14.88 0.61
CA GLU A 54 -4.53 14.04 1.57
C GLU A 54 -4.60 12.60 1.04
N TRP A 55 -3.91 11.71 1.75
CA TRP A 55 -3.89 10.30 1.37
C TRP A 55 -5.15 9.64 1.94
N VAL A 56 -5.99 9.19 1.03
CA VAL A 56 -7.23 8.53 1.43
C VAL A 56 -6.94 7.06 1.76
N PRO A 57 -7.64 6.57 2.82
CA PRO A 57 -7.46 5.19 3.27
C PRO A 57 -8.17 4.22 2.31
N ALA A 58 -7.38 3.31 1.77
CA ALA A 58 -7.91 2.32 0.84
C ALA A 58 -8.61 1.22 1.63
N ASN A 59 -7.95 0.79 2.70
CA ASN A 59 -8.50 -0.26 3.55
C ASN A 59 -8.67 0.28 4.97
N LYS A 60 -9.92 0.40 5.38
CA LYS A 60 -10.23 0.90 6.71
C LYS A 60 -9.33 0.21 7.73
N GLU A 61 -9.30 -1.11 7.64
CA GLU A 61 -8.49 -1.91 8.55
C GLU A 61 -7.28 -2.48 7.81
N PRO A 62 -6.23 -2.84 8.61
CA PRO A 62 -5.02 -3.39 8.04
C PRO A 62 -5.23 -4.84 7.62
N VAL A 63 -4.79 -5.15 6.40
CA VAL A 63 -4.92 -6.49 5.87
C VAL A 63 -3.91 -7.42 6.56
N GLU A 64 -3.91 -8.67 6.12
CA GLU A 64 -3.00 -9.65 6.69
C GLU A 64 -1.98 -10.08 5.63
N ARG A 65 -2.47 -10.34 4.44
CA ARG A 65 -1.61 -10.76 3.34
C ARG A 65 -0.87 -9.56 2.76
N CYS A 66 0.16 -9.86 1.99
CA CYS A 66 0.96 -8.81 1.36
C CYS A 66 0.34 -8.48 0.00
N GLY A 67 -0.89 -7.99 0.06
CA GLY A 67 -1.61 -7.64 -1.17
C GLY A 67 -3.02 -7.15 -0.85
N PHE A 68 -3.49 -6.22 -1.66
CA PHE A 68 -4.82 -5.67 -1.48
C PHE A 68 -5.36 -5.10 -2.79
N THR A 69 -6.64 -4.74 -2.76
CA THR A 69 -7.28 -4.18 -3.94
C THR A 69 -8.07 -2.93 -3.56
N VAL A 70 -7.76 -1.84 -4.27
CA VAL A 70 -8.43 -0.58 -4.02
C VAL A 70 -9.61 -0.43 -4.99
N LYS A 71 -10.58 0.35 -4.56
CA LYS A 71 -11.78 0.59 -5.37
C LYS A 71 -12.15 2.06 -5.29
N ASP A 72 -13.10 2.44 -6.14
CA ASP A 72 -13.56 3.82 -6.17
C ASP A 72 -12.41 4.73 -6.57
N LEU A 73 -12.12 4.76 -7.86
CA LEU A 73 -11.04 5.59 -8.37
C LEU A 73 -11.46 6.18 -9.71
N PRO A 74 -10.99 7.44 -9.96
CA PRO A 74 -11.31 8.14 -11.20
C PRO A 74 -10.49 7.56 -12.36
N THR A 75 -11.21 7.05 -13.35
CA THR A 75 -10.57 6.48 -14.52
C THR A 75 -9.73 7.53 -15.24
N GLY A 76 -8.44 7.21 -15.38
CA GLY A 76 -7.52 8.13 -16.03
C GLY A 76 -7.06 9.23 -15.08
N ALA A 77 -6.65 8.81 -13.89
CA ALA A 77 -6.20 9.76 -12.89
C ALA A 77 -4.90 9.23 -12.25
N ARG A 78 -3.90 10.09 -12.21
CA ARG A 78 -2.62 9.73 -11.64
C ARG A 78 -2.73 9.65 -10.11
N ILE A 79 -2.93 8.43 -9.62
CA ILE A 79 -3.05 8.21 -8.20
C ILE A 79 -1.83 7.44 -7.70
N LEU A 80 -1.33 7.86 -6.54
CA LEU A 80 -0.17 7.22 -5.96
C LEU A 80 -0.61 6.33 -4.79
N PHE A 81 -0.11 5.12 -4.78
CA PHE A 81 -0.45 4.16 -3.74
C PHE A 81 0.74 3.91 -2.82
N ARG A 82 0.51 4.02 -1.52
CA ARG A 82 1.54 3.81 -0.54
C ARG A 82 1.06 2.86 0.55
N VAL A 83 1.92 1.92 0.91
CA VAL A 83 1.59 0.94 1.93
C VAL A 83 2.48 1.17 3.16
N VAL A 84 1.88 1.01 4.33
CA VAL A 84 2.60 1.20 5.57
C VAL A 84 2.26 0.06 6.53
N GLY A 85 3.30 -0.52 7.10
CA GLY A 85 3.12 -1.62 8.04
C GLY A 85 2.73 -1.10 9.43
N VAL A 86 1.48 -1.34 9.79
CA VAL A 86 0.98 -0.90 11.08
C VAL A 86 1.36 -1.93 12.15
N ASN A 87 1.47 -1.45 13.38
CA ASN A 87 1.82 -2.31 14.48
C ASN A 87 1.63 -1.55 15.80
N ILE A 88 1.78 -2.28 16.90
CA ILE A 88 1.64 -1.69 18.22
C ILE A 88 2.48 -0.41 18.29
N ALA A 89 3.60 -0.44 17.59
CA ALA A 89 4.50 0.70 17.57
C ALA A 89 3.81 1.87 16.87
N GLY A 90 3.03 1.53 15.85
CA GLY A 90 2.31 2.54 15.09
C GLY A 90 2.37 2.24 13.59
N ARG A 91 3.18 3.02 12.89
CA ARG A 91 3.33 2.85 11.45
C ARG A 91 4.80 2.96 11.07
N SER A 92 5.07 2.60 9.82
CA SER A 92 6.43 2.64 9.31
C SER A 92 6.49 3.49 8.03
N GLU A 93 7.68 3.54 7.45
CA GLU A 93 7.87 4.31 6.23
C GLU A 93 6.96 3.80 5.12
N PRO A 94 6.29 4.76 4.43
CA PRO A 94 5.38 4.41 3.35
C PRO A 94 6.16 4.00 2.10
N ALA A 95 5.89 2.79 1.63
CA ALA A 95 6.56 2.27 0.45
C ALA A 95 5.89 2.86 -0.79
N THR A 96 5.89 4.18 -0.87
CA THR A 96 5.30 4.88 -1.99
C THR A 96 5.72 4.22 -3.31
N LEU A 97 4.79 4.18 -4.25
CA LEU A 97 5.05 3.59 -5.55
C LEU A 97 6.09 4.44 -6.28
N LEU A 98 6.89 3.77 -7.10
CA LEU A 98 7.92 4.45 -7.86
C LEU A 98 7.27 5.29 -8.96
N GLN A 99 6.03 4.94 -9.27
CA GLN A 99 5.29 5.65 -10.29
C GLN A 99 3.79 5.61 -9.98
N PRO A 100 3.07 6.67 -10.46
CA PRO A 100 1.64 6.76 -10.24
C PRO A 100 0.88 5.79 -11.15
N VAL A 101 -0.43 5.76 -10.96
CA VAL A 101 -1.27 4.88 -11.76
C VAL A 101 -2.32 5.72 -12.49
N THR A 102 -2.50 5.42 -13.77
CA THR A 102 -3.45 6.14 -14.59
C THR A 102 -4.86 5.62 -14.33
N ILE A 103 -4.93 4.41 -13.79
CA ILE A 103 -6.21 3.79 -13.49
C ILE A 103 -6.96 3.55 -14.79
N ARG A 104 -6.91 2.30 -15.25
CA ARG A 104 -7.58 1.93 -16.48
C ARG A 104 -7.42 0.43 -16.74
N GLU A 105 -8.42 -0.15 -17.37
CA GLU A 105 -8.40 -1.57 -17.68
C GLU A 105 -7.93 -1.77 -19.13
N SER A 106 -7.59 -3.02 -19.43
CA SER A 106 -7.12 -3.37 -20.76
C SER A 106 -7.37 -4.85 -21.03
N GLY A 107 -8.16 -5.11 -22.07
CA GLY A 107 -8.48 -6.48 -22.44
C GLY A 107 -7.47 -7.01 -23.47
N PRO A 108 -8.03 -7.72 -24.49
CA PRO A 108 -7.20 -8.30 -25.54
C PRO A 108 -6.72 -7.23 -26.50
N SER A 109 -5.50 -6.78 -26.29
CA SER A 109 -4.91 -5.75 -27.13
C SER A 109 -3.38 -5.92 -27.18
N SER A 110 -2.89 -6.21 -28.38
CA SER A 110 -1.47 -6.40 -28.57
C SER A 110 -0.99 -5.55 -29.75
N GLY A 111 -1.60 -5.79 -30.90
CA GLY A 111 -1.24 -5.05 -32.11
C GLY A 111 -2.47 -4.79 -32.98
N GLY A 1 16.23 12.70 25.28
CA GLY A 1 15.20 11.86 24.70
C GLY A 1 14.99 10.59 25.54
N SER A 2 13.93 9.88 25.21
CA SER A 2 13.61 8.65 25.91
C SER A 2 12.58 7.84 25.12
N SER A 3 13.06 6.75 24.54
CA SER A 3 12.21 5.89 23.75
C SER A 3 13.01 4.70 23.20
N GLY A 4 12.29 3.66 22.83
CA GLY A 4 12.93 2.45 22.31
C GLY A 4 12.19 1.20 22.78
N SER A 5 12.99 0.21 23.18
CA SER A 5 12.43 -1.04 23.65
C SER A 5 11.87 -1.85 22.48
N SER A 6 10.86 -1.26 21.83
CA SER A 6 10.24 -1.91 20.69
C SER A 6 9.71 -0.85 19.71
N GLY A 7 9.80 -1.19 18.43
CA GLY A 7 9.34 -0.29 17.39
C GLY A 7 8.60 -1.04 16.29
N PRO A 8 8.17 -0.27 15.25
CA PRO A 8 7.46 -0.86 14.13
C PRO A 8 8.42 -1.64 13.21
N THR A 9 7.96 -2.81 12.78
CA THR A 9 8.76 -3.65 11.90
C THR A 9 9.25 -2.84 10.71
N SER A 10 10.18 -3.44 9.97
CA SER A 10 10.75 -2.80 8.81
C SER A 10 9.65 -2.51 7.79
N ALA A 11 9.78 -1.37 7.12
CA ALA A 11 8.80 -0.97 6.12
C ALA A 11 8.68 -2.07 5.06
N PRO A 12 7.56 -2.00 4.30
CA PRO A 12 7.31 -2.98 3.25
C PRO A 12 8.20 -2.72 2.04
N GLN A 13 8.31 -3.74 1.20
CA GLN A 13 9.12 -3.64 -0.01
C GLN A 13 8.52 -4.48 -1.13
N HIS A 14 9.04 -4.27 -2.33
CA HIS A 14 8.57 -5.00 -3.49
C HIS A 14 7.11 -4.64 -3.77
N LEU A 15 6.80 -3.37 -3.53
CA LEU A 15 5.45 -2.87 -3.76
C LEU A 15 5.32 -2.41 -5.21
N THR A 16 4.53 -3.15 -5.97
CA THR A 16 4.31 -2.83 -7.37
C THR A 16 2.86 -3.10 -7.76
N VAL A 17 2.51 -2.67 -8.96
CA VAL A 17 1.15 -2.85 -9.47
C VAL A 17 1.10 -4.14 -10.31
N GLU A 18 0.33 -5.09 -9.83
CA GLU A 18 0.18 -6.35 -10.53
C GLU A 18 -0.85 -6.22 -11.64
N ASP A 19 -1.99 -5.62 -11.29
CA ASP A 19 -3.06 -5.43 -12.25
C ASP A 19 -3.83 -4.16 -11.91
N VAL A 20 -4.50 -3.61 -12.92
CA VAL A 20 -5.27 -2.40 -12.73
C VAL A 20 -6.61 -2.54 -13.45
N THR A 21 -7.63 -1.92 -12.86
CA THR A 21 -8.96 -1.97 -13.44
C THR A 21 -9.44 -0.56 -13.81
N ASP A 22 -10.75 -0.43 -13.95
CA ASP A 22 -11.34 0.85 -14.30
C ASP A 22 -11.51 1.69 -13.04
N THR A 23 -11.96 1.03 -11.98
CA THR A 23 -12.17 1.70 -10.71
C THR A 23 -11.48 0.93 -9.58
N THR A 24 -10.78 -0.12 -9.97
CA THR A 24 -10.07 -0.94 -9.00
C THR A 24 -8.61 -1.13 -9.43
N THR A 25 -7.84 -1.73 -8.54
CA THR A 25 -6.43 -1.98 -8.81
C THR A 25 -5.88 -3.04 -7.86
N THR A 26 -4.78 -3.65 -8.27
CA THR A 26 -4.15 -4.68 -7.47
C THR A 26 -2.74 -4.25 -7.06
N LEU A 27 -2.34 -4.67 -5.87
CA LEU A 27 -1.02 -4.33 -5.35
C LEU A 27 -0.39 -5.59 -4.74
N LYS A 28 0.93 -5.62 -4.76
CA LYS A 28 1.68 -6.74 -4.23
C LYS A 28 2.97 -6.24 -3.58
N TRP A 29 3.12 -6.56 -2.30
CA TRP A 29 4.29 -6.15 -1.56
C TRP A 29 4.87 -7.38 -0.85
N ARG A 30 5.94 -7.16 -0.11
CA ARG A 30 6.59 -8.23 0.61
C ARG A 30 6.79 -7.84 2.08
N PRO A 31 6.84 -8.89 2.95
CA PRO A 31 7.01 -8.67 4.37
C PRO A 31 8.46 -8.28 4.69
N PRO A 32 8.64 -7.65 5.88
CA PRO A 32 9.97 -7.24 6.30
C PRO A 32 10.80 -8.43 6.79
N ASP A 33 12.05 -8.15 7.13
CA ASP A 33 12.94 -9.19 7.60
C ASP A 33 13.12 -9.05 9.11
N ARG A 34 12.96 -7.83 9.59
CA ARG A 34 13.10 -7.55 11.01
C ARG A 34 11.73 -7.31 11.64
N ILE A 35 10.98 -8.39 11.76
CA ILE A 35 9.64 -8.31 12.35
C ILE A 35 9.76 -7.79 13.79
N GLY A 36 10.49 -8.54 14.60
CA GLY A 36 10.68 -8.16 15.99
C GLY A 36 10.07 -9.19 16.92
N ALA A 37 9.05 -8.76 17.65
CA ALA A 37 8.37 -9.64 18.59
C ALA A 37 6.85 -9.50 18.40
N GLY A 38 6.15 -10.58 18.70
CA GLY A 38 4.70 -10.58 18.57
C GLY A 38 4.28 -10.81 17.11
N GLY A 39 4.71 -9.90 16.26
CA GLY A 39 4.39 -9.99 14.84
C GLY A 39 3.78 -8.68 14.34
N ILE A 40 3.47 -8.67 13.05
CA ILE A 40 2.89 -7.50 12.43
C ILE A 40 1.37 -7.65 12.38
N ASP A 41 0.68 -6.53 12.59
CA ASP A 41 -0.77 -6.54 12.57
C ASP A 41 -1.26 -6.61 11.13
N GLY A 42 -0.62 -5.84 10.28
CA GLY A 42 -0.97 -5.81 8.87
C GLY A 42 -0.34 -4.61 8.17
N TYR A 43 -1.11 -4.02 7.25
CA TYR A 43 -0.63 -2.87 6.50
C TYR A 43 -1.79 -1.93 6.15
N LEU A 44 -1.47 -0.64 6.14
CA LEU A 44 -2.47 0.37 5.82
C LEU A 44 -2.19 0.94 4.43
N VAL A 45 -3.12 0.69 3.53
CA VAL A 45 -2.99 1.17 2.17
C VAL A 45 -3.76 2.49 2.02
N GLU A 46 -3.10 3.45 1.39
CA GLU A 46 -3.70 4.75 1.17
C GLU A 46 -3.28 5.33 -0.18
N TYR A 47 -4.20 6.03 -0.81
CA TYR A 47 -3.93 6.64 -2.11
C TYR A 47 -4.19 8.14 -2.07
N CYS A 48 -3.36 8.87 -2.82
CA CYS A 48 -3.49 10.32 -2.88
C CYS A 48 -3.66 10.71 -4.35
N LEU A 49 -4.76 11.41 -4.61
CA LEU A 49 -5.05 11.86 -5.96
C LEU A 49 -4.08 12.97 -6.35
N GLU A 50 -3.62 12.90 -7.59
CA GLU A 50 -2.68 13.89 -8.09
C GLU A 50 -3.17 15.30 -7.75
N GLY A 51 -2.24 16.11 -7.26
CA GLY A 51 -2.56 17.48 -6.88
C GLY A 51 -2.99 17.57 -5.42
N SER A 52 -3.61 16.50 -4.94
CA SER A 52 -4.07 16.45 -3.57
C SER A 52 -2.91 16.09 -2.65
N GLU A 53 -2.99 16.57 -1.42
CA GLU A 53 -1.96 16.30 -0.43
C GLU A 53 -2.52 15.45 0.72
N GLU A 54 -3.73 14.93 0.49
CA GLU A 54 -4.38 14.11 1.48
C GLU A 54 -4.42 12.65 1.02
N TRP A 55 -3.75 11.81 1.80
CA TRP A 55 -3.70 10.39 1.48
C TRP A 55 -4.94 9.73 2.07
N VAL A 56 -5.80 9.25 1.18
CA VAL A 56 -7.03 8.60 1.60
C VAL A 56 -6.75 7.12 1.90
N PRO A 57 -7.42 6.61 2.96
CA PRO A 57 -7.25 5.23 3.36
C PRO A 57 -7.97 4.28 2.41
N ALA A 58 -7.20 3.42 1.77
CA ALA A 58 -7.75 2.47 0.83
C ALA A 58 -8.52 1.38 1.60
N ASN A 59 -7.89 0.91 2.67
CA ASN A 59 -8.49 -0.11 3.50
C ASN A 59 -8.66 0.42 4.92
N LYS A 60 -9.92 0.56 5.32
CA LYS A 60 -10.24 1.05 6.65
C LYS A 60 -9.42 0.30 7.68
N GLU A 61 -9.26 -0.99 7.44
CA GLU A 61 -8.49 -1.84 8.33
C GLU A 61 -7.25 -2.38 7.63
N PRO A 62 -6.23 -2.74 8.45
CA PRO A 62 -4.99 -3.27 7.91
C PRO A 62 -5.16 -4.72 7.45
N VAL A 63 -4.79 -4.96 6.20
CA VAL A 63 -4.90 -6.28 5.62
C VAL A 63 -3.83 -7.19 6.24
N GLU A 64 -3.98 -8.48 5.98
CA GLU A 64 -3.05 -9.47 6.51
C GLU A 64 -2.16 -9.99 5.38
N ARG A 65 -2.74 -10.09 4.20
CA ARG A 65 -2.01 -10.58 3.03
C ARG A 65 -0.97 -9.55 2.60
N CYS A 66 -0.12 -9.98 1.67
CA CYS A 66 0.92 -9.11 1.15
C CYS A 66 0.39 -8.42 -0.11
N GLY A 67 -0.71 -7.70 0.06
CA GLY A 67 -1.32 -6.99 -1.05
C GLY A 67 -2.75 -6.58 -0.72
N PHE A 68 -3.37 -5.87 -1.66
CA PHE A 68 -4.73 -5.41 -1.47
C PHE A 68 -5.35 -4.97 -2.80
N THR A 69 -6.62 -4.65 -2.76
CA THR A 69 -7.34 -4.21 -3.94
C THR A 69 -8.15 -2.94 -3.63
N VAL A 70 -7.77 -1.86 -4.29
CA VAL A 70 -8.45 -0.59 -4.11
C VAL A 70 -9.69 -0.55 -5.01
N LYS A 71 -10.65 0.25 -4.59
CA LYS A 71 -11.89 0.40 -5.34
C LYS A 71 -12.27 1.88 -5.41
N ASP A 72 -13.29 2.16 -6.21
CA ASP A 72 -13.77 3.52 -6.38
C ASP A 72 -12.57 4.43 -6.69
N LEU A 73 -12.30 4.55 -7.98
CA LEU A 73 -11.19 5.39 -8.43
C LEU A 73 -11.55 6.05 -9.76
N PRO A 74 -11.03 7.28 -9.97
CA PRO A 74 -11.28 8.01 -11.20
C PRO A 74 -10.48 7.43 -12.36
N THR A 75 -11.22 6.96 -13.37
CA THR A 75 -10.59 6.38 -14.55
C THR A 75 -9.75 7.43 -15.28
N GLY A 76 -8.47 7.12 -15.42
CA GLY A 76 -7.56 8.03 -16.09
C GLY A 76 -7.07 9.12 -15.14
N ALA A 77 -6.67 8.69 -13.96
CA ALA A 77 -6.18 9.62 -12.96
C ALA A 77 -4.91 9.06 -12.32
N ARG A 78 -3.87 9.90 -12.27
CA ARG A 78 -2.61 9.50 -11.69
C ARG A 78 -2.70 9.49 -10.16
N ILE A 79 -2.96 8.30 -9.63
CA ILE A 79 -3.08 8.13 -8.19
C ILE A 79 -1.85 7.38 -7.66
N LEU A 80 -1.29 7.90 -6.60
CA LEU A 80 -0.12 7.28 -5.99
C LEU A 80 -0.56 6.40 -4.82
N PHE A 81 -0.08 5.17 -4.82
CA PHE A 81 -0.42 4.23 -3.77
C PHE A 81 0.75 4.03 -2.81
N ARG A 82 0.41 3.81 -1.55
CA ARG A 82 1.42 3.62 -0.52
C ARG A 82 0.95 2.59 0.50
N VAL A 83 1.88 1.78 0.97
CA VAL A 83 1.58 0.74 1.94
C VAL A 83 2.46 0.95 3.18
N VAL A 84 1.80 0.98 4.33
CA VAL A 84 2.50 1.17 5.59
C VAL A 84 2.15 0.02 6.53
N GLY A 85 3.19 -0.52 7.17
CA GLY A 85 3.00 -1.62 8.10
C GLY A 85 2.58 -1.11 9.48
N VAL A 86 1.41 -1.54 9.91
CA VAL A 86 0.89 -1.14 11.21
C VAL A 86 1.34 -2.14 12.26
N ASN A 87 1.29 -1.69 13.51
CA ASN A 87 1.69 -2.54 14.63
C ASN A 87 1.55 -1.75 15.93
N ILE A 88 1.74 -2.46 17.03
CA ILE A 88 1.65 -1.85 18.35
C ILE A 88 2.56 -0.62 18.40
N ALA A 89 3.61 -0.67 17.60
CA ALA A 89 4.57 0.41 17.53
C ALA A 89 3.94 1.61 16.81
N GLY A 90 2.98 1.30 15.95
CA GLY A 90 2.30 2.33 15.19
C GLY A 90 2.33 2.02 13.69
N ARG A 91 3.11 2.81 12.97
CA ARG A 91 3.24 2.63 11.53
C ARG A 91 4.70 2.74 11.12
N SER A 92 4.98 2.28 9.90
CA SER A 92 6.33 2.33 9.38
C SER A 92 6.37 3.17 8.11
N GLU A 93 7.59 3.44 7.64
CA GLU A 93 7.78 4.23 6.44
C GLU A 93 6.88 3.73 5.32
N PRO A 94 6.24 4.68 4.61
CA PRO A 94 5.36 4.34 3.51
C PRO A 94 6.15 3.90 2.28
N ALA A 95 5.81 2.72 1.77
CA ALA A 95 6.48 2.19 0.60
C ALA A 95 5.86 2.80 -0.65
N THR A 96 5.84 4.12 -0.68
CA THR A 96 5.27 4.83 -1.83
C THR A 96 5.69 4.17 -3.13
N LEU A 97 4.79 4.19 -4.10
CA LEU A 97 5.06 3.59 -5.39
C LEU A 97 6.06 4.46 -6.15
N LEU A 98 6.90 3.80 -6.93
CA LEU A 98 7.91 4.50 -7.71
C LEU A 98 7.24 5.24 -8.86
N GLN A 99 6.00 4.84 -9.14
CA GLN A 99 5.24 5.45 -10.22
C GLN A 99 3.74 5.43 -9.88
N PRO A 100 3.03 6.46 -10.41
CA PRO A 100 1.60 6.57 -10.18
C PRO A 100 0.83 5.55 -11.01
N VAL A 101 -0.49 5.60 -10.89
CA VAL A 101 -1.35 4.69 -11.62
C VAL A 101 -2.40 5.49 -12.40
N THR A 102 -2.56 5.13 -13.66
CA THR A 102 -3.52 5.81 -14.52
C THR A 102 -4.93 5.31 -14.23
N ILE A 103 -5.01 4.09 -13.73
CA ILE A 103 -6.28 3.48 -13.41
C ILE A 103 -7.05 3.21 -14.71
N ARG A 104 -7.00 1.97 -15.15
CA ARG A 104 -7.68 1.58 -16.37
C ARG A 104 -7.47 0.08 -16.64
N GLU A 105 -8.45 -0.50 -17.30
CA GLU A 105 -8.41 -1.92 -17.62
C GLU A 105 -7.89 -2.12 -19.05
N SER A 106 -7.61 -3.38 -19.37
CA SER A 106 -7.11 -3.71 -20.70
C SER A 106 -6.05 -2.71 -21.13
N GLY A 107 -4.81 -3.02 -20.80
CA GLY A 107 -3.70 -2.15 -21.14
C GLY A 107 -2.60 -2.93 -21.88
N PRO A 108 -1.61 -2.16 -22.41
CA PRO A 108 -0.51 -2.76 -23.14
C PRO A 108 0.47 -3.44 -22.18
N SER A 109 0.62 -4.75 -22.34
CA SER A 109 1.51 -5.52 -21.50
C SER A 109 1.54 -6.98 -21.95
N SER A 110 2.65 -7.36 -22.56
CA SER A 110 2.81 -8.72 -23.05
C SER A 110 3.63 -9.54 -22.05
N GLY A 111 3.35 -10.83 -22.01
CA GLY A 111 4.07 -11.73 -21.11
C GLY A 111 5.05 -12.60 -21.88
N GLY A 1 14.85 6.40 31.76
CA GLY A 1 14.43 5.31 30.90
C GLY A 1 13.76 5.83 29.63
N SER A 2 13.21 4.89 28.86
CA SER A 2 12.54 5.25 27.62
C SER A 2 13.51 5.98 26.69
N SER A 3 14.06 5.23 25.74
CA SER A 3 14.99 5.80 24.79
C SER A 3 14.88 5.07 23.45
N GLY A 4 15.10 3.77 23.50
CA GLY A 4 15.02 2.95 22.30
C GLY A 4 15.04 1.45 22.65
N SER A 5 13.86 0.89 22.83
CA SER A 5 13.73 -0.51 23.17
C SER A 5 13.35 -1.31 21.91
N SER A 6 12.20 -0.96 21.36
CA SER A 6 11.72 -1.64 20.16
C SER A 6 10.99 -0.66 19.26
N GLY A 7 11.39 -0.64 17.99
CA GLY A 7 10.78 0.25 17.02
C GLY A 7 9.80 -0.51 16.13
N PRO A 8 9.26 0.23 15.11
CA PRO A 8 8.31 -0.36 14.19
C PRO A 8 9.02 -1.28 13.19
N THR A 9 8.23 -2.18 12.62
CA THR A 9 8.75 -3.12 11.64
C THR A 9 9.40 -2.38 10.47
N SER A 10 10.09 -3.15 9.64
CA SER A 10 10.77 -2.58 8.49
C SER A 10 9.73 -2.20 7.42
N ALA A 11 10.00 -1.08 6.75
CA ALA A 11 9.11 -0.59 5.71
C ALA A 11 8.86 -1.72 4.70
N PRO A 12 7.67 -1.65 4.06
CA PRO A 12 7.29 -2.65 3.07
C PRO A 12 8.05 -2.43 1.76
N GLN A 13 8.41 -3.54 1.14
CA GLN A 13 9.14 -3.49 -0.12
C GLN A 13 8.53 -4.47 -1.14
N HIS A 14 8.96 -4.31 -2.39
CA HIS A 14 8.45 -5.16 -3.45
C HIS A 14 7.01 -4.78 -3.78
N LEU A 15 6.66 -3.56 -3.43
CA LEU A 15 5.32 -3.05 -3.68
C LEU A 15 5.24 -2.54 -5.13
N THR A 16 4.53 -3.28 -5.95
CA THR A 16 4.36 -2.91 -7.34
C THR A 16 2.90 -3.11 -7.78
N VAL A 17 2.62 -2.67 -9.00
CA VAL A 17 1.29 -2.79 -9.54
C VAL A 17 1.19 -4.06 -10.38
N GLU A 18 0.46 -5.04 -9.85
CA GLU A 18 0.29 -6.31 -10.53
C GLU A 18 -0.70 -6.15 -11.69
N ASP A 19 -1.86 -5.59 -11.37
CA ASP A 19 -2.89 -5.38 -12.37
C ASP A 19 -3.62 -4.08 -12.07
N VAL A 20 -4.25 -3.54 -13.11
CA VAL A 20 -5.00 -2.30 -12.97
C VAL A 20 -6.34 -2.42 -13.69
N THR A 21 -7.40 -2.16 -12.94
CA THR A 21 -8.74 -2.25 -13.48
C THR A 21 -9.25 -0.85 -13.86
N ASP A 22 -10.57 -0.76 -14.02
CA ASP A 22 -11.18 0.50 -14.38
C ASP A 22 -11.40 1.34 -13.12
N THR A 23 -12.10 0.74 -12.16
CA THR A 23 -12.38 1.43 -10.91
C THR A 23 -11.73 0.68 -9.75
N THR A 24 -10.82 -0.22 -10.10
CA THR A 24 -10.12 -1.01 -9.09
C THR A 24 -8.68 -1.27 -9.54
N THR A 25 -7.83 -1.52 -8.54
CA THR A 25 -6.43 -1.80 -8.83
C THR A 25 -5.89 -2.86 -7.86
N THR A 26 -4.80 -3.49 -8.28
CA THR A 26 -4.19 -4.53 -7.47
C THR A 26 -2.81 -4.09 -6.99
N LEU A 27 -2.42 -4.60 -5.84
CA LEU A 27 -1.13 -4.27 -5.27
C LEU A 27 -0.53 -5.51 -4.60
N LYS A 28 0.77 -5.66 -4.74
CA LYS A 28 1.47 -6.80 -4.16
C LYS A 28 2.81 -6.32 -3.60
N TRP A 29 2.96 -6.50 -2.29
CA TRP A 29 4.18 -6.10 -1.61
C TRP A 29 4.74 -7.34 -0.90
N ARG A 30 5.93 -7.16 -0.31
CA ARG A 30 6.58 -8.23 0.40
C ARG A 30 6.77 -7.85 1.87
N PRO A 31 6.91 -8.90 2.72
CA PRO A 31 7.11 -8.68 4.15
C PRO A 31 8.53 -8.21 4.45
N PRO A 32 8.67 -7.52 5.61
CA PRO A 32 9.97 -7.00 6.02
C PRO A 32 10.86 -8.13 6.53
N ASP A 33 12.10 -7.75 6.83
CA ASP A 33 13.08 -8.72 7.33
C ASP A 33 13.26 -8.51 8.84
N ARG A 34 13.05 -7.27 9.26
CA ARG A 34 13.19 -6.93 10.66
C ARG A 34 11.82 -6.73 11.30
N ILE A 35 11.12 -7.84 11.50
CA ILE A 35 9.80 -7.80 12.10
C ILE A 35 9.89 -7.20 13.49
N GLY A 36 10.56 -7.91 14.38
CA GLY A 36 10.73 -7.46 15.75
C GLY A 36 10.17 -8.48 16.74
N ALA A 37 9.28 -7.99 17.59
CA ALA A 37 8.65 -8.83 18.59
C ALA A 37 7.14 -8.90 18.33
N GLY A 38 6.58 -10.07 18.59
CA GLY A 38 5.15 -10.27 18.39
C GLY A 38 4.84 -10.56 16.93
N GLY A 39 5.12 -9.56 16.09
CA GLY A 39 4.88 -9.69 14.66
C GLY A 39 4.09 -8.49 14.14
N ILE A 40 3.84 -8.52 12.84
CA ILE A 40 3.10 -7.44 12.19
C ILE A 40 1.61 -7.77 12.22
N ASP A 41 0.81 -6.72 12.36
CA ASP A 41 -0.63 -6.88 12.40
C ASP A 41 -1.19 -6.84 10.98
N GLY A 42 -0.60 -5.98 10.17
CA GLY A 42 -1.02 -5.84 8.79
C GLY A 42 -0.35 -4.62 8.13
N TYR A 43 -1.08 -4.02 7.21
CA TYR A 43 -0.57 -2.85 6.50
C TYR A 43 -1.70 -1.91 6.10
N LEU A 44 -1.42 -0.62 6.16
CA LEU A 44 -2.39 0.39 5.81
C LEU A 44 -2.08 0.95 4.42
N VAL A 45 -3.06 0.83 3.54
CA VAL A 45 -2.90 1.32 2.18
C VAL A 45 -3.67 2.63 2.01
N GLU A 46 -2.95 3.66 1.60
CA GLU A 46 -3.56 4.96 1.39
C GLU A 46 -3.11 5.56 0.06
N TYR A 47 -4.08 6.07 -0.68
CA TYR A 47 -3.80 6.66 -1.98
C TYR A 47 -4.10 8.17 -1.96
N CYS A 48 -3.30 8.89 -2.74
CA CYS A 48 -3.47 10.34 -2.82
C CYS A 48 -3.68 10.71 -4.30
N LEU A 49 -4.84 11.30 -4.57
CA LEU A 49 -5.18 11.71 -5.91
C LEU A 49 -4.25 12.85 -6.34
N GLU A 50 -3.81 12.77 -7.59
CA GLU A 50 -2.92 13.79 -8.13
C GLU A 50 -3.49 15.18 -7.86
N GLY A 51 -2.63 16.04 -7.32
CA GLY A 51 -3.03 17.40 -7.01
C GLY A 51 -3.45 17.52 -5.54
N SER A 52 -3.99 16.43 -5.02
CA SER A 52 -4.43 16.41 -3.64
C SER A 52 -3.24 16.18 -2.70
N GLU A 53 -3.40 16.66 -1.47
CA GLU A 53 -2.35 16.52 -0.48
C GLU A 53 -2.84 15.66 0.69
N GLU A 54 -3.98 15.02 0.48
CA GLU A 54 -4.56 14.17 1.50
C GLU A 54 -4.62 12.72 1.02
N TRP A 55 -3.89 11.86 1.73
CA TRP A 55 -3.85 10.46 1.38
C TRP A 55 -5.09 9.78 1.96
N VAL A 56 -5.90 9.22 1.08
CA VAL A 56 -7.13 8.56 1.50
C VAL A 56 -6.81 7.09 1.80
N PRO A 57 -7.48 6.56 2.87
CA PRO A 57 -7.28 5.19 3.27
C PRO A 57 -8.00 4.24 2.32
N ALA A 58 -7.22 3.43 1.62
CA ALA A 58 -7.76 2.46 0.68
C ALA A 58 -8.52 1.38 1.45
N ASN A 59 -7.90 0.91 2.52
CA ASN A 59 -8.51 -0.12 3.35
C ASN A 59 -8.67 0.41 4.77
N LYS A 60 -9.93 0.46 5.22
CA LYS A 60 -10.23 0.94 6.55
C LYS A 60 -9.41 0.14 7.58
N GLU A 61 -9.28 -1.15 7.32
CA GLU A 61 -8.53 -2.02 8.19
C GLU A 61 -7.29 -2.57 7.48
N PRO A 62 -6.24 -2.86 8.28
CA PRO A 62 -5.01 -3.39 7.74
C PRO A 62 -5.16 -4.86 7.35
N VAL A 63 -4.87 -5.14 6.08
CA VAL A 63 -4.97 -6.49 5.58
C VAL A 63 -3.97 -7.39 6.32
N GLU A 64 -4.03 -8.68 6.01
CA GLU A 64 -3.15 -9.64 6.63
C GLU A 64 -2.07 -10.09 5.65
N ARG A 65 -2.49 -10.27 4.40
CA ARG A 65 -1.57 -10.69 3.36
C ARG A 65 -0.77 -9.50 2.84
N CYS A 66 0.21 -9.80 2.00
CA CYS A 66 1.06 -8.76 1.43
C CYS A 66 0.48 -8.37 0.06
N GLY A 67 -0.77 -7.95 0.08
CA GLY A 67 -1.45 -7.54 -1.14
C GLY A 67 -2.89 -7.11 -0.85
N PHE A 68 -3.38 -6.21 -1.69
CA PHE A 68 -4.73 -5.70 -1.53
C PHE A 68 -5.26 -5.14 -2.86
N THR A 69 -6.55 -4.84 -2.86
CA THR A 69 -7.19 -4.30 -4.06
C THR A 69 -7.98 -3.03 -3.70
N VAL A 70 -7.62 -1.95 -4.39
CA VAL A 70 -8.28 -0.68 -4.16
C VAL A 70 -9.48 -0.55 -5.11
N LYS A 71 -10.46 0.23 -4.68
CA LYS A 71 -11.66 0.44 -5.48
C LYS A 71 -12.03 1.93 -5.43
N ASP A 72 -13.05 2.27 -6.21
CA ASP A 72 -13.51 3.64 -6.27
C ASP A 72 -12.35 4.55 -6.65
N LEU A 73 -12.10 4.62 -7.96
CA LEU A 73 -11.01 5.45 -8.46
C LEU A 73 -11.44 6.06 -9.80
N PRO A 74 -10.98 7.32 -10.02
CA PRO A 74 -11.30 8.03 -11.26
C PRO A 74 -10.48 7.48 -12.43
N THR A 75 -11.20 6.98 -13.43
CA THR A 75 -10.55 6.43 -14.61
C THR A 75 -9.72 7.50 -15.32
N GLY A 76 -8.45 7.20 -15.48
CA GLY A 76 -7.54 8.13 -16.13
C GLY A 76 -7.03 9.19 -15.15
N ALA A 77 -6.73 8.74 -13.94
CA ALA A 77 -6.24 9.63 -12.91
C ALA A 77 -4.98 9.03 -12.28
N ARG A 78 -3.95 9.87 -12.20
CA ARG A 78 -2.68 9.44 -11.62
C ARG A 78 -2.76 9.43 -10.10
N ILE A 79 -3.02 8.24 -9.56
CA ILE A 79 -3.12 8.09 -8.12
C ILE A 79 -1.88 7.36 -7.59
N LEU A 80 -1.34 7.89 -6.50
CA LEU A 80 -0.17 7.31 -5.89
C LEU A 80 -0.59 6.40 -4.73
N PHE A 81 -0.12 5.15 -4.80
CA PHE A 81 -0.44 4.19 -3.77
C PHE A 81 0.73 4.00 -2.81
N ARG A 82 0.41 3.91 -1.53
CA ARG A 82 1.42 3.73 -0.51
C ARG A 82 0.96 2.70 0.52
N VAL A 83 1.93 1.96 1.05
CA VAL A 83 1.63 0.94 2.04
C VAL A 83 2.50 1.18 3.28
N VAL A 84 1.86 1.08 4.44
CA VAL A 84 2.56 1.28 5.69
C VAL A 84 2.19 0.16 6.67
N GLY A 85 3.21 -0.49 7.21
CA GLY A 85 3.01 -1.57 8.14
C GLY A 85 2.61 -1.04 9.52
N VAL A 86 1.37 -1.34 9.90
CA VAL A 86 0.86 -0.90 11.18
C VAL A 86 1.23 -1.92 12.26
N ASN A 87 1.18 -1.48 13.50
CA ASN A 87 1.52 -2.35 14.63
C ASN A 87 1.56 -1.51 15.91
N ILE A 88 1.85 -2.20 17.01
CA ILE A 88 1.93 -1.54 18.30
C ILE A 88 2.89 -0.35 18.20
N ALA A 89 3.99 -0.58 17.49
CA ALA A 89 5.00 0.45 17.31
C ALA A 89 4.37 1.65 16.58
N GLY A 90 3.22 1.39 15.97
CA GLY A 90 2.52 2.43 15.24
C GLY A 90 2.52 2.14 13.73
N ARG A 91 3.28 2.95 13.01
CA ARG A 91 3.38 2.79 11.58
C ARG A 91 4.84 2.89 11.13
N SER A 92 5.09 2.42 9.91
CA SER A 92 6.43 2.45 9.36
C SER A 92 6.46 3.30 8.09
N GLU A 93 7.67 3.53 7.59
CA GLU A 93 7.84 4.31 6.38
C GLU A 93 6.94 3.79 5.27
N PRO A 94 6.28 4.74 4.56
CA PRO A 94 5.39 4.39 3.47
C PRO A 94 6.17 3.97 2.23
N ALA A 95 5.84 2.78 1.73
CA ALA A 95 6.51 2.25 0.56
C ALA A 95 5.87 2.84 -0.69
N THR A 96 5.90 4.17 -0.77
CA THR A 96 5.33 4.86 -1.91
C THR A 96 5.69 4.14 -3.21
N LEU A 97 4.72 4.12 -4.12
CA LEU A 97 4.93 3.48 -5.41
C LEU A 97 5.95 4.28 -6.22
N LEU A 98 6.74 3.56 -7.00
CA LEU A 98 7.76 4.19 -7.83
C LEU A 98 7.08 5.19 -8.78
N GLN A 99 5.89 4.83 -9.22
CA GLN A 99 5.14 5.69 -10.12
C GLN A 99 3.64 5.58 -9.84
N PRO A 100 2.89 6.62 -10.28
CA PRO A 100 1.45 6.65 -10.08
C PRO A 100 0.74 5.69 -11.04
N VAL A 101 -0.56 5.57 -10.86
CA VAL A 101 -1.36 4.70 -11.69
C VAL A 101 -2.43 5.53 -12.42
N THR A 102 -2.54 5.29 -13.71
CA THR A 102 -3.51 6.01 -14.51
C THR A 102 -4.91 5.44 -14.28
N ILE A 103 -4.95 4.23 -13.76
CA ILE A 103 -6.21 3.57 -13.48
C ILE A 103 -6.97 3.35 -14.80
N ARG A 104 -6.89 2.13 -15.29
CA ARG A 104 -7.56 1.78 -16.53
C ARG A 104 -7.36 0.29 -16.84
N GLU A 105 -8.39 -0.28 -17.46
CA GLU A 105 -8.34 -1.69 -17.82
C GLU A 105 -7.93 -1.85 -19.29
N SER A 106 -7.08 -2.84 -19.52
CA SER A 106 -6.60 -3.11 -20.87
C SER A 106 -6.74 -4.60 -21.19
N GLY A 107 -7.14 -4.88 -22.42
CA GLY A 107 -7.31 -6.25 -22.86
C GLY A 107 -6.42 -6.56 -24.07
N PRO A 108 -6.03 -7.86 -24.18
CA PRO A 108 -5.19 -8.30 -25.28
C PRO A 108 -5.99 -8.39 -26.58
N SER A 109 -6.02 -7.27 -27.30
CA SER A 109 -6.75 -7.23 -28.56
C SER A 109 -5.81 -7.60 -29.72
N SER A 110 -6.29 -8.52 -30.54
CA SER A 110 -5.52 -8.97 -31.69
C SER A 110 -6.25 -8.63 -32.98
N GLY A 111 -5.47 -8.38 -34.02
CA GLY A 111 -6.03 -8.03 -35.32
C GLY A 111 -5.31 -6.83 -35.93
N GLY A 1 5.67 -1.42 30.99
CA GLY A 1 6.24 -2.19 29.90
C GLY A 1 7.62 -1.65 29.52
N SER A 2 8.00 -1.93 28.28
CA SER A 2 9.29 -1.48 27.77
C SER A 2 9.25 -1.39 26.25
N SER A 3 9.72 -0.27 25.73
CA SER A 3 9.75 -0.05 24.30
C SER A 3 10.30 -1.28 23.60
N GLY A 4 11.53 -1.63 23.96
CA GLY A 4 12.18 -2.79 23.37
C GLY A 4 12.89 -2.42 22.07
N SER A 5 13.92 -3.18 21.75
CA SER A 5 14.69 -2.93 20.55
C SER A 5 13.75 -2.82 19.35
N SER A 6 14.05 -1.85 18.48
CA SER A 6 13.24 -1.61 17.30
C SER A 6 11.81 -1.25 17.71
N GLY A 7 11.22 -0.35 16.92
CA GLY A 7 9.86 0.08 17.19
C GLY A 7 8.89 -0.49 16.15
N PRO A 8 8.57 0.36 15.14
CA PRO A 8 7.66 -0.05 14.09
C PRO A 8 8.34 -1.02 13.12
N THR A 9 7.58 -2.02 12.71
CA THR A 9 8.09 -3.02 11.79
C THR A 9 8.76 -2.35 10.59
N SER A 10 9.68 -3.08 9.99
CA SER A 10 10.40 -2.56 8.82
C SER A 10 9.40 -2.21 7.71
N ALA A 11 9.65 -1.07 7.09
CA ALA A 11 8.78 -0.60 6.02
C ALA A 11 8.61 -1.73 4.99
N PRO A 12 7.48 -1.64 4.23
CA PRO A 12 7.18 -2.63 3.21
C PRO A 12 8.08 -2.44 1.99
N GLN A 13 8.31 -3.54 1.29
CA GLN A 13 9.14 -3.52 0.10
C GLN A 13 8.58 -4.48 -0.96
N HIS A 14 8.94 -4.20 -2.20
CA HIS A 14 8.48 -5.03 -3.31
C HIS A 14 7.03 -4.69 -3.63
N LEU A 15 6.68 -3.44 -3.41
CA LEU A 15 5.33 -2.98 -3.67
C LEU A 15 5.22 -2.51 -5.13
N THR A 16 4.47 -3.28 -5.90
CA THR A 16 4.28 -2.95 -7.31
C THR A 16 2.82 -3.16 -7.71
N VAL A 17 2.50 -2.71 -8.92
CA VAL A 17 1.15 -2.84 -9.43
C VAL A 17 1.05 -4.12 -10.27
N GLU A 18 0.31 -5.09 -9.75
CA GLU A 18 0.14 -6.36 -10.43
C GLU A 18 -0.83 -6.19 -11.60
N ASP A 19 -1.92 -5.49 -11.33
CA ASP A 19 -2.93 -5.25 -12.34
C ASP A 19 -3.68 -3.96 -12.02
N VAL A 20 -4.32 -3.40 -13.04
CA VAL A 20 -5.08 -2.17 -12.87
C VAL A 20 -6.41 -2.29 -13.63
N THR A 21 -7.48 -1.95 -12.94
CA THR A 21 -8.80 -2.01 -13.53
C THR A 21 -9.28 -0.60 -13.91
N ASP A 22 -10.59 -0.48 -14.02
CA ASP A 22 -11.19 0.81 -14.38
C ASP A 22 -11.44 1.62 -13.10
N THR A 23 -11.97 0.93 -12.10
CA THR A 23 -12.26 1.59 -10.83
C THR A 23 -11.60 0.82 -9.68
N THR A 24 -10.70 -0.08 -10.04
CA THR A 24 -10.00 -0.88 -9.06
C THR A 24 -8.56 -1.13 -9.51
N THR A 25 -7.74 -1.52 -8.54
CA THR A 25 -6.34 -1.79 -8.82
C THR A 25 -5.80 -2.84 -7.85
N THR A 26 -4.72 -3.50 -8.27
CA THR A 26 -4.11 -4.53 -7.46
C THR A 26 -2.72 -4.08 -6.99
N LEU A 27 -2.32 -4.60 -5.84
CA LEU A 27 -1.03 -4.26 -5.27
C LEU A 27 -0.43 -5.50 -4.61
N LYS A 28 0.88 -5.66 -4.80
CA LYS A 28 1.58 -6.80 -4.23
C LYS A 28 2.89 -6.31 -3.62
N TRP A 29 3.01 -6.48 -2.31
CA TRP A 29 4.20 -6.08 -1.59
C TRP A 29 4.76 -7.29 -0.86
N ARG A 30 5.91 -7.10 -0.24
CA ARG A 30 6.56 -8.18 0.48
C ARG A 30 6.68 -7.81 1.96
N PRO A 31 6.85 -8.87 2.81
CA PRO A 31 6.99 -8.67 4.24
C PRO A 31 8.37 -8.12 4.59
N PRO A 32 8.46 -7.49 5.79
CA PRO A 32 9.70 -6.92 6.25
C PRO A 32 10.65 -8.02 6.73
N ASP A 33 11.86 -7.60 7.11
CA ASP A 33 12.87 -8.53 7.58
C ASP A 33 12.99 -8.41 9.10
N ARG A 34 12.76 -7.20 9.58
CA ARG A 34 12.84 -6.93 11.01
C ARG A 34 11.44 -6.77 11.60
N ILE A 35 10.74 -7.90 11.68
CA ILE A 35 9.39 -7.90 12.22
C ILE A 35 9.40 -7.24 13.61
N GLY A 36 10.25 -7.78 14.47
CA GLY A 36 10.36 -7.27 15.82
C GLY A 36 8.98 -7.09 16.46
N ALA A 37 8.98 -6.39 17.60
CA ALA A 37 7.74 -6.15 18.31
C ALA A 37 6.97 -7.47 18.47
N GLY A 38 5.69 -7.33 18.77
CA GLY A 38 4.84 -8.50 18.95
C GLY A 38 4.21 -8.92 17.63
N GLY A 39 5.01 -8.83 16.58
CA GLY A 39 4.55 -9.20 15.24
C GLY A 39 3.85 -8.03 14.56
N ILE A 40 3.67 -8.17 13.25
CA ILE A 40 3.01 -7.13 12.47
C ILE A 40 1.50 -7.38 12.47
N ASP A 41 0.76 -6.29 12.68
CA ASP A 41 -0.69 -6.37 12.70
C ASP A 41 -1.22 -6.42 11.26
N GLY A 42 -0.50 -5.75 10.38
CA GLY A 42 -0.88 -5.69 8.98
C GLY A 42 -0.29 -4.47 8.28
N TYR A 43 -0.93 -4.08 7.20
CA TYR A 43 -0.47 -2.92 6.44
C TYR A 43 -1.64 -2.02 6.05
N LEU A 44 -1.39 -0.72 6.14
CA LEU A 44 -2.41 0.26 5.81
C LEU A 44 -2.15 0.81 4.41
N VAL A 45 -3.17 0.68 3.55
CA VAL A 45 -3.06 1.15 2.19
C VAL A 45 -3.75 2.51 2.07
N GLU A 46 -3.05 3.45 1.47
CA GLU A 46 -3.60 4.79 1.29
C GLU A 46 -3.16 5.35 -0.07
N TYR A 47 -4.08 6.05 -0.71
CA TYR A 47 -3.79 6.65 -2.01
C TYR A 47 -4.03 8.16 -1.97
N CYS A 48 -3.23 8.87 -2.75
CA CYS A 48 -3.34 10.31 -2.82
C CYS A 48 -3.58 10.72 -4.28
N LEU A 49 -4.75 11.29 -4.52
CA LEU A 49 -5.10 11.72 -5.86
C LEU A 49 -4.15 12.84 -6.31
N GLU A 50 -3.74 12.74 -7.56
CA GLU A 50 -2.83 13.73 -8.13
C GLU A 50 -3.34 15.14 -7.83
N GLY A 51 -2.40 16.00 -7.44
CA GLY A 51 -2.74 17.38 -7.13
C GLY A 51 -3.10 17.53 -5.65
N SER A 52 -3.72 16.48 -5.12
CA SER A 52 -4.13 16.48 -3.72
C SER A 52 -2.93 16.14 -2.83
N GLU A 53 -3.03 16.57 -1.58
CA GLU A 53 -1.97 16.31 -0.62
C GLU A 53 -2.48 15.41 0.50
N GLU A 54 -3.75 15.06 0.41
CA GLU A 54 -4.37 14.19 1.39
C GLU A 54 -4.34 12.74 0.93
N TRP A 55 -3.92 11.87 1.85
CA TRP A 55 -3.84 10.45 1.54
C TRP A 55 -5.08 9.77 2.13
N VAL A 56 -5.91 9.27 1.23
CA VAL A 56 -7.13 8.60 1.64
C VAL A 56 -6.83 7.13 1.92
N PRO A 57 -7.49 6.60 2.98
CA PRO A 57 -7.30 5.21 3.37
C PRO A 57 -8.02 4.26 2.41
N ALA A 58 -7.25 3.36 1.82
CA ALA A 58 -7.80 2.40 0.88
C ALA A 58 -8.59 1.33 1.65
N ASN A 59 -7.98 0.86 2.72
CA ASN A 59 -8.61 -0.16 3.56
C ASN A 59 -8.77 0.38 4.98
N LYS A 60 -10.01 0.37 5.44
CA LYS A 60 -10.32 0.84 6.78
C LYS A 60 -9.42 0.13 7.79
N GLU A 61 -9.29 -1.17 7.61
CA GLU A 61 -8.47 -1.98 8.49
C GLU A 61 -7.24 -2.51 7.74
N PRO A 62 -6.17 -2.78 8.52
CA PRO A 62 -4.93 -3.29 7.94
C PRO A 62 -5.08 -4.77 7.57
N VAL A 63 -4.81 -5.05 6.30
CA VAL A 63 -4.91 -6.41 5.81
C VAL A 63 -3.88 -7.29 6.52
N GLU A 64 -3.92 -8.58 6.23
CA GLU A 64 -3.00 -9.53 6.83
C GLU A 64 -1.98 -9.99 5.80
N ARG A 65 -2.45 -10.17 4.57
CA ARG A 65 -1.59 -10.63 3.49
C ARG A 65 -0.88 -9.44 2.85
N CYS A 66 0.14 -9.75 2.07
CA CYS A 66 0.91 -8.73 1.39
C CYS A 66 0.28 -8.47 0.03
N GLY A 67 -0.91 -7.89 0.06
CA GLY A 67 -1.63 -7.58 -1.17
C GLY A 67 -3.05 -7.09 -0.86
N PHE A 68 -3.53 -6.22 -1.73
CA PHE A 68 -4.87 -5.66 -1.57
C PHE A 68 -5.39 -5.09 -2.89
N THR A 69 -6.69 -4.87 -2.93
CA THR A 69 -7.33 -4.32 -4.12
C THR A 69 -8.13 -3.07 -3.77
N VAL A 70 -7.75 -1.96 -4.40
CA VAL A 70 -8.43 -0.70 -4.16
C VAL A 70 -9.64 -0.60 -5.08
N LYS A 71 -10.61 0.19 -4.65
CA LYS A 71 -11.83 0.39 -5.42
C LYS A 71 -12.22 1.85 -5.39
N ASP A 72 -13.23 2.19 -6.19
CA ASP A 72 -13.71 3.56 -6.25
C ASP A 72 -12.54 4.48 -6.59
N LEU A 73 -12.23 4.54 -7.88
CA LEU A 73 -11.13 5.38 -8.34
C LEU A 73 -11.49 5.98 -9.71
N PRO A 74 -11.00 7.22 -9.94
CA PRO A 74 -11.27 7.91 -11.19
C PRO A 74 -10.42 7.32 -12.32
N THR A 75 -11.11 6.82 -13.34
CA THR A 75 -10.44 6.24 -14.49
C THR A 75 -9.61 7.30 -15.23
N GLY A 76 -8.31 7.07 -15.27
CA GLY A 76 -7.41 8.00 -15.94
C GLY A 76 -6.93 9.09 -14.98
N ALA A 77 -6.64 8.66 -13.76
CA ALA A 77 -6.17 9.58 -12.73
C ALA A 77 -4.86 9.05 -12.14
N ARG A 78 -3.86 9.94 -12.11
CA ARG A 78 -2.56 9.58 -11.57
C ARG A 78 -2.61 9.52 -10.04
N ILE A 79 -3.01 8.35 -9.54
CA ILE A 79 -3.09 8.16 -8.10
C ILE A 79 -1.87 7.40 -7.61
N LEU A 80 -1.30 7.89 -6.52
CA LEU A 80 -0.12 7.26 -5.95
C LEU A 80 -0.55 6.38 -4.77
N PHE A 81 -0.14 5.12 -4.84
CA PHE A 81 -0.46 4.16 -3.79
C PHE A 81 0.73 3.94 -2.87
N ARG A 82 0.45 3.93 -1.58
CA ARG A 82 1.50 3.72 -0.58
C ARG A 82 1.01 2.74 0.49
N VAL A 83 1.90 1.82 0.86
CA VAL A 83 1.58 0.83 1.87
C VAL A 83 2.45 1.07 3.11
N VAL A 84 1.79 1.15 4.25
CA VAL A 84 2.49 1.37 5.51
C VAL A 84 2.18 0.21 6.47
N GLY A 85 3.24 -0.29 7.08
CA GLY A 85 3.10 -1.39 8.03
C GLY A 85 2.61 -0.89 9.39
N VAL A 86 1.50 -1.43 9.83
CA VAL A 86 0.93 -1.06 11.11
C VAL A 86 1.42 -2.01 12.19
N ASN A 87 1.35 -1.54 13.42
CA ASN A 87 1.79 -2.34 14.56
C ASN A 87 1.56 -1.55 15.85
N ILE A 88 1.82 -2.22 16.96
CA ILE A 88 1.65 -1.60 18.27
C ILE A 88 2.47 -0.32 18.33
N ALA A 89 3.52 -0.28 17.52
CA ALA A 89 4.40 0.88 17.49
C ALA A 89 3.69 2.01 16.71
N GLY A 90 2.79 1.61 15.84
CA GLY A 90 2.05 2.57 15.04
C GLY A 90 2.16 2.24 13.55
N ARG A 91 2.90 3.08 12.84
CA ARG A 91 3.09 2.89 11.42
C ARG A 91 4.57 3.06 11.05
N SER A 92 4.90 2.67 9.82
CA SER A 92 6.26 2.78 9.34
C SER A 92 6.29 3.57 8.03
N GLU A 93 7.51 3.85 7.58
CA GLU A 93 7.69 4.60 6.35
C GLU A 93 6.83 4.00 5.23
N PRO A 94 6.16 4.92 4.48
CA PRO A 94 5.30 4.50 3.38
C PRO A 94 6.13 4.06 2.17
N ALA A 95 5.74 2.91 1.64
CA ALA A 95 6.43 2.36 0.47
C ALA A 95 5.81 2.92 -0.80
N THR A 96 5.69 4.25 -0.84
CA THR A 96 5.12 4.92 -1.98
C THR A 96 5.57 4.24 -3.28
N LEU A 97 4.66 4.20 -4.24
CA LEU A 97 4.95 3.59 -5.52
C LEU A 97 6.00 4.43 -6.26
N LEU A 98 6.85 3.75 -7.00
CA LEU A 98 7.90 4.41 -7.76
C LEU A 98 7.26 5.26 -8.85
N GLN A 99 6.06 4.85 -9.26
CA GLN A 99 5.34 5.57 -10.30
C GLN A 99 3.84 5.57 -10.00
N PRO A 100 3.15 6.62 -10.51
CA PRO A 100 1.72 6.75 -10.31
C PRO A 100 0.95 5.77 -11.19
N VAL A 101 -0.34 5.63 -10.90
CA VAL A 101 -1.19 4.74 -11.66
C VAL A 101 -2.27 5.56 -12.38
N THR A 102 -2.47 5.21 -13.65
CA THR A 102 -3.46 5.90 -14.45
C THR A 102 -4.86 5.37 -14.15
N ILE A 103 -4.90 4.14 -13.67
CA ILE A 103 -6.18 3.51 -13.34
C ILE A 103 -6.99 3.29 -14.62
N ARG A 104 -6.84 2.10 -15.17
CA ARG A 104 -7.55 1.76 -16.40
C ARG A 104 -7.11 0.37 -16.88
N GLU A 105 -8.11 -0.42 -17.29
CA GLU A 105 -7.85 -1.76 -17.78
C GLU A 105 -7.30 -1.70 -19.21
N SER A 106 -6.09 -2.20 -19.37
CA SER A 106 -5.44 -2.21 -20.67
C SER A 106 -5.43 -3.64 -21.24
N GLY A 107 -6.56 -4.02 -21.82
CA GLY A 107 -6.70 -5.34 -22.40
C GLY A 107 -7.72 -5.33 -23.54
N PRO A 108 -7.18 -5.26 -24.79
CA PRO A 108 -8.03 -5.24 -25.97
C PRO A 108 -8.59 -6.64 -26.26
N SER A 109 -9.91 -6.70 -26.36
CA SER A 109 -10.58 -7.97 -26.63
C SER A 109 -10.44 -8.32 -28.11
N SER A 110 -10.96 -7.45 -28.95
CA SER A 110 -10.89 -7.66 -30.40
C SER A 110 -9.45 -7.57 -30.87
N GLY A 111 -9.12 -8.42 -31.83
CA GLY A 111 -7.78 -8.45 -32.39
C GLY A 111 -6.74 -8.71 -31.29
N GLY A 1 11.29 2.43 33.43
CA GLY A 1 10.94 3.84 33.40
C GLY A 1 9.89 4.12 32.33
N SER A 2 9.74 5.41 32.01
CA SER A 2 8.78 5.83 31.01
C SER A 2 9.29 5.46 29.62
N SER A 3 10.46 6.00 29.30
CA SER A 3 11.07 5.76 28.00
C SER A 3 11.58 4.31 27.93
N GLY A 4 11.47 3.74 26.74
CA GLY A 4 11.91 2.36 26.53
C GLY A 4 12.69 2.24 25.22
N SER A 5 12.64 1.05 24.64
CA SER A 5 13.33 0.78 23.40
C SER A 5 12.48 -0.12 22.50
N SER A 6 11.63 0.52 21.72
CA SER A 6 10.75 -0.22 20.82
C SER A 6 10.51 0.60 19.55
N GLY A 7 10.88 0.01 18.43
CA GLY A 7 10.71 0.66 17.14
C GLY A 7 9.74 -0.12 16.24
N PRO A 8 9.26 0.57 15.17
CA PRO A 8 8.34 -0.05 14.24
C PRO A 8 9.06 -1.04 13.32
N THR A 9 8.28 -1.89 12.67
CA THR A 9 8.83 -2.88 11.77
C THR A 9 9.44 -2.19 10.54
N SER A 10 10.22 -2.98 9.80
CA SER A 10 10.86 -2.47 8.61
C SER A 10 9.82 -2.15 7.53
N ALA A 11 10.01 -1.03 6.86
CA ALA A 11 9.10 -0.60 5.81
C ALA A 11 8.90 -1.75 4.82
N PRO A 12 7.76 -1.69 4.09
CA PRO A 12 7.43 -2.71 3.12
C PRO A 12 8.28 -2.54 1.85
N GLN A 13 8.38 -3.63 1.10
CA GLN A 13 9.16 -3.62 -0.13
C GLN A 13 8.52 -4.54 -1.17
N HIS A 14 9.00 -4.41 -2.40
CA HIS A 14 8.48 -5.23 -3.49
C HIS A 14 7.03 -4.86 -3.75
N LEU A 15 6.72 -3.59 -3.52
CA LEU A 15 5.37 -3.10 -3.74
C LEU A 15 5.24 -2.61 -5.18
N THR A 16 4.54 -3.41 -5.98
CA THR A 16 4.33 -3.07 -7.38
C THR A 16 2.87 -3.29 -7.77
N VAL A 17 2.54 -2.87 -8.98
CA VAL A 17 1.19 -3.01 -9.48
C VAL A 17 1.09 -4.27 -10.34
N GLU A 18 0.27 -5.21 -9.88
CA GLU A 18 0.08 -6.46 -10.59
C GLU A 18 -0.91 -6.27 -11.73
N ASP A 19 -2.01 -5.61 -11.41
CA ASP A 19 -3.05 -5.36 -12.40
C ASP A 19 -3.79 -4.07 -12.04
N VAL A 20 -4.46 -3.51 -13.03
CA VAL A 20 -5.22 -2.28 -12.84
C VAL A 20 -6.56 -2.39 -13.57
N THR A 21 -7.62 -2.12 -12.83
CA THR A 21 -8.96 -2.17 -13.40
C THR A 21 -9.45 -0.77 -13.77
N ASP A 22 -10.76 -0.64 -13.88
CA ASP A 22 -11.36 0.63 -14.23
C ASP A 22 -11.49 1.48 -12.96
N THR A 23 -12.13 0.91 -11.95
CA THR A 23 -12.33 1.60 -10.70
C THR A 23 -11.66 0.83 -9.56
N THR A 24 -10.80 -0.10 -9.94
CA THR A 24 -10.09 -0.91 -8.96
C THR A 24 -8.67 -1.18 -9.42
N THR A 25 -7.80 -1.44 -8.46
CA THR A 25 -6.41 -1.72 -8.75
C THR A 25 -5.87 -2.82 -7.83
N THR A 26 -4.81 -3.47 -8.28
CA THR A 26 -4.19 -4.53 -7.52
C THR A 26 -2.77 -4.13 -7.08
N LEU A 27 -2.40 -4.61 -5.90
CA LEU A 27 -1.08 -4.31 -5.37
C LEU A 27 -0.47 -5.59 -4.81
N LYS A 28 0.85 -5.60 -4.73
CA LYS A 28 1.58 -6.75 -4.21
C LYS A 28 2.91 -6.28 -3.62
N TRP A 29 3.04 -6.46 -2.32
CA TRP A 29 4.26 -6.06 -1.62
C TRP A 29 4.84 -7.30 -0.95
N ARG A 30 5.82 -7.07 -0.09
CA ARG A 30 6.46 -8.16 0.63
C ARG A 30 6.65 -7.79 2.10
N PRO A 31 6.77 -8.85 2.95
CA PRO A 31 6.95 -8.64 4.37
C PRO A 31 8.38 -8.19 4.69
N PRO A 32 8.52 -7.49 5.85
CA PRO A 32 9.81 -7.00 6.28
C PRO A 32 10.69 -8.13 6.80
N ASP A 33 11.91 -7.77 7.17
CA ASP A 33 12.85 -8.75 7.69
C ASP A 33 13.01 -8.56 9.20
N ARG A 34 12.79 -7.32 9.63
CA ARG A 34 12.91 -6.99 11.04
C ARG A 34 11.51 -6.78 11.65
N ILE A 35 10.84 -7.90 11.87
CA ILE A 35 9.50 -7.86 12.45
C ILE A 35 9.57 -7.31 13.87
N GLY A 36 10.18 -8.11 14.74
CA GLY A 36 10.33 -7.72 16.14
C GLY A 36 9.67 -8.74 17.06
N ALA A 37 8.79 -8.24 17.92
CA ALA A 37 8.09 -9.09 18.87
C ALA A 37 6.61 -9.12 18.50
N GLY A 38 5.99 -10.26 18.77
CA GLY A 38 4.57 -10.44 18.48
C GLY A 38 4.34 -10.65 16.98
N GLY A 39 4.65 -9.62 16.22
CA GLY A 39 4.48 -9.67 14.77
C GLY A 39 3.91 -8.36 14.23
N ILE A 40 3.34 -8.45 13.04
CA ILE A 40 2.75 -7.28 12.41
C ILE A 40 1.24 -7.48 12.26
N ASP A 41 0.50 -6.47 12.68
CA ASP A 41 -0.95 -6.53 12.60
C ASP A 41 -1.39 -6.58 11.14
N GLY A 42 -0.59 -5.92 10.29
CA GLY A 42 -0.87 -5.88 8.88
C GLY A 42 -0.26 -4.64 8.23
N TYR A 43 -0.88 -4.20 7.14
CA TYR A 43 -0.41 -3.03 6.43
C TYR A 43 -1.57 -2.10 6.06
N LEU A 44 -1.31 -0.81 6.15
CA LEU A 44 -2.32 0.19 5.83
C LEU A 44 -2.10 0.68 4.40
N VAL A 45 -3.19 0.75 3.66
CA VAL A 45 -3.13 1.21 2.28
C VAL A 45 -3.88 2.54 2.16
N GLU A 46 -3.36 3.40 1.29
CA GLU A 46 -3.98 4.70 1.07
C GLU A 46 -3.48 5.29 -0.25
N TYR A 47 -4.35 6.10 -0.85
CA TYR A 47 -4.02 6.74 -2.10
C TYR A 47 -4.23 8.26 -2.03
N CYS A 48 -3.38 8.99 -2.74
CA CYS A 48 -3.47 10.44 -2.75
C CYS A 48 -3.62 10.88 -4.21
N LEU A 49 -4.83 11.32 -4.54
CA LEU A 49 -5.12 11.78 -5.89
C LEU A 49 -4.16 12.92 -6.24
N GLU A 50 -3.65 12.87 -7.47
CA GLU A 50 -2.73 13.88 -7.95
C GLU A 50 -3.31 15.28 -7.70
N GLY A 51 -2.55 16.09 -6.96
CA GLY A 51 -2.97 17.43 -6.66
C GLY A 51 -3.45 17.54 -5.20
N SER A 52 -3.93 16.41 -4.70
CA SER A 52 -4.43 16.37 -3.33
C SER A 52 -3.25 16.23 -2.35
N GLU A 53 -3.46 16.74 -1.14
CA GLU A 53 -2.44 16.67 -0.11
C GLU A 53 -2.90 15.78 1.03
N GLU A 54 -4.05 15.15 0.82
CA GLU A 54 -4.60 14.26 1.84
C GLU A 54 -4.68 12.83 1.31
N TRP A 55 -3.94 11.95 1.96
CA TRP A 55 -3.91 10.55 1.56
C TRP A 55 -5.17 9.88 2.12
N VAL A 56 -5.99 9.40 1.19
CA VAL A 56 -7.23 8.73 1.56
C VAL A 56 -6.95 7.26 1.85
N PRO A 57 -7.64 6.73 2.90
CA PRO A 57 -7.47 5.35 3.29
C PRO A 57 -8.17 4.41 2.30
N ALA A 58 -7.41 3.45 1.80
CA ALA A 58 -7.94 2.49 0.85
C ALA A 58 -8.65 1.36 1.60
N ASN A 59 -7.99 0.90 2.66
CA ASN A 59 -8.55 -0.17 3.48
C ASN A 59 -8.69 0.33 4.92
N LYS A 60 -9.95 0.48 5.33
CA LYS A 60 -10.24 0.95 6.68
C LYS A 60 -9.38 0.18 7.68
N GLU A 61 -9.11 -1.08 7.33
CA GLU A 61 -8.30 -1.93 8.19
C GLU A 61 -7.11 -2.49 7.40
N PRO A 62 -5.99 -2.71 8.15
CA PRO A 62 -4.78 -3.24 7.53
C PRO A 62 -4.93 -4.73 7.23
N VAL A 63 -4.60 -5.08 5.99
CA VAL A 63 -4.68 -6.46 5.56
C VAL A 63 -3.51 -7.25 6.15
N GLU A 64 -3.67 -8.56 6.13
CA GLU A 64 -2.63 -9.45 6.67
C GLU A 64 -1.75 -9.98 5.53
N ARG A 65 -2.39 -10.19 4.38
CA ARG A 65 -1.67 -10.69 3.22
C ARG A 65 -0.62 -9.69 2.77
N CYS A 66 0.06 -10.04 1.69
CA CYS A 66 1.10 -9.17 1.13
C CYS A 66 0.56 -8.54 -0.14
N GLY A 67 -0.60 -7.92 -0.02
CA GLY A 67 -1.24 -7.26 -1.15
C GLY A 67 -2.66 -6.81 -0.80
N PHE A 68 -3.26 -6.09 -1.74
CA PHE A 68 -4.62 -5.60 -1.55
C PHE A 68 -5.20 -5.07 -2.86
N THR A 69 -6.49 -4.77 -2.82
CA THR A 69 -7.17 -4.26 -3.99
C THR A 69 -7.95 -2.99 -3.64
N VAL A 70 -7.58 -1.91 -4.30
CA VAL A 70 -8.24 -0.62 -4.06
C VAL A 70 -9.44 -0.50 -4.98
N LYS A 71 -10.41 0.30 -4.54
CA LYS A 71 -11.62 0.51 -5.32
C LYS A 71 -12.00 2.00 -5.27
N ASP A 72 -12.98 2.34 -6.08
CA ASP A 72 -13.46 3.72 -6.13
C ASP A 72 -12.30 4.63 -6.58
N LEU A 73 -12.03 4.60 -7.87
CA LEU A 73 -10.97 5.42 -8.43
C LEU A 73 -11.39 5.93 -9.81
N PRO A 74 -10.96 7.18 -10.12
CA PRO A 74 -11.28 7.79 -11.39
C PRO A 74 -10.45 7.19 -12.51
N THR A 75 -11.15 6.62 -13.48
CA THR A 75 -10.49 6.00 -14.63
C THR A 75 -9.70 7.04 -15.42
N GLY A 76 -8.40 6.81 -15.51
CA GLY A 76 -7.53 7.72 -16.24
C GLY A 76 -7.03 8.84 -15.32
N ALA A 77 -6.72 8.47 -14.09
CA ALA A 77 -6.23 9.43 -13.11
C ALA A 77 -4.95 8.89 -12.48
N ARG A 78 -3.94 9.75 -12.43
CA ARG A 78 -2.65 9.37 -11.85
C ARG A 78 -2.74 9.40 -10.32
N ILE A 79 -2.94 8.22 -9.74
CA ILE A 79 -3.05 8.10 -8.30
C ILE A 79 -1.82 7.35 -7.78
N LEU A 80 -1.34 7.81 -6.63
CA LEU A 80 -0.18 7.19 -6.01
C LEU A 80 -0.64 6.32 -4.83
N PHE A 81 -0.08 5.12 -4.78
CA PHE A 81 -0.41 4.19 -3.72
C PHE A 81 0.80 3.92 -2.82
N ARG A 82 0.55 3.95 -1.51
CA ARG A 82 1.60 3.72 -0.54
C ARG A 82 1.11 2.77 0.54
N VAL A 83 1.98 1.85 0.93
CA VAL A 83 1.65 0.88 1.96
C VAL A 83 2.52 1.13 3.19
N VAL A 84 1.89 1.01 4.36
CA VAL A 84 2.59 1.23 5.61
C VAL A 84 2.16 0.15 6.62
N GLY A 85 3.16 -0.48 7.21
CA GLY A 85 2.90 -1.53 8.19
C GLY A 85 2.46 -0.92 9.53
N VAL A 86 1.34 -1.41 10.02
CA VAL A 86 0.80 -0.93 11.29
C VAL A 86 1.22 -1.89 12.41
N ASN A 87 1.25 -1.35 13.61
CA ASN A 87 1.63 -2.14 14.77
C ASN A 87 1.69 -1.24 16.01
N ILE A 88 1.91 -1.86 17.15
CA ILE A 88 1.99 -1.12 18.41
C ILE A 88 2.92 0.08 18.23
N ALA A 89 4.04 -0.18 17.56
CA ALA A 89 5.03 0.86 17.32
C ALA A 89 4.37 2.00 16.54
N GLY A 90 3.40 1.63 15.71
CA GLY A 90 2.69 2.61 14.91
C GLY A 90 2.74 2.25 13.43
N ARG A 91 3.29 3.17 12.64
CA ARG A 91 3.41 2.95 11.21
C ARG A 91 4.88 3.05 10.78
N SER A 92 5.17 2.45 9.64
CA SER A 92 6.52 2.46 9.11
C SER A 92 6.57 3.27 7.82
N GLU A 93 7.79 3.53 7.37
CA GLU A 93 7.99 4.30 6.15
C GLU A 93 7.08 3.76 5.04
N PRO A 94 6.41 4.72 4.33
CA PRO A 94 5.50 4.35 3.25
C PRO A 94 6.29 3.95 2.00
N ALA A 95 6.06 2.72 1.58
CA ALA A 95 6.74 2.19 0.40
C ALA A 95 6.04 2.73 -0.86
N THR A 96 5.97 4.05 -0.95
CA THR A 96 5.34 4.69 -2.09
C THR A 96 5.66 3.92 -3.37
N LEU A 97 4.79 4.11 -4.35
CA LEU A 97 4.96 3.43 -5.63
C LEU A 97 5.96 4.22 -6.49
N LEU A 98 6.79 3.48 -7.21
CA LEU A 98 7.80 4.09 -8.06
C LEU A 98 7.12 5.08 -9.00
N GLN A 99 5.93 4.70 -9.45
CA GLN A 99 5.18 5.55 -10.36
C GLN A 99 3.68 5.45 -10.05
N PRO A 100 2.93 6.50 -10.49
CA PRO A 100 1.49 6.55 -10.27
C PRO A 100 0.77 5.57 -11.20
N VAL A 101 -0.53 5.42 -10.95
CA VAL A 101 -1.34 4.54 -11.77
C VAL A 101 -2.40 5.36 -12.50
N THR A 102 -2.57 5.05 -13.77
CA THR A 102 -3.54 5.75 -14.59
C THR A 102 -4.96 5.24 -14.30
N ILE A 103 -5.02 4.03 -13.76
CA ILE A 103 -6.30 3.42 -13.42
C ILE A 103 -7.09 3.17 -14.70
N ARG A 104 -6.97 1.94 -15.20
CA ARG A 104 -7.67 1.55 -16.41
C ARG A 104 -7.36 0.09 -16.75
N GLU A 105 -8.40 -0.62 -17.18
CA GLU A 105 -8.26 -2.01 -17.53
C GLU A 105 -7.72 -2.14 -18.97
N SER A 106 -7.03 -3.25 -19.21
CA SER A 106 -6.47 -3.51 -20.52
C SER A 106 -5.38 -2.47 -20.83
N GLY A 107 -4.70 -2.69 -21.94
CA GLY A 107 -3.64 -1.79 -22.37
C GLY A 107 -2.44 -1.88 -21.43
N PRO A 108 -1.43 -2.69 -21.86
CA PRO A 108 -0.23 -2.87 -21.07
C PRO A 108 0.67 -1.63 -21.14
N SER A 109 0.62 -0.82 -20.09
CA SER A 109 1.42 0.39 -20.04
C SER A 109 2.55 0.21 -19.02
N SER A 110 3.77 0.21 -19.54
CA SER A 110 4.94 0.06 -18.69
C SER A 110 6.07 0.95 -19.20
N GLY A 111 6.45 0.72 -20.45
CA GLY A 111 7.52 1.48 -21.07
C GLY A 111 8.86 1.18 -20.41
N GLY A 1 23.36 -8.42 20.74
CA GLY A 1 24.07 -7.74 19.67
C GLY A 1 23.57 -6.31 19.49
N SER A 2 23.72 -5.80 18.28
CA SER A 2 23.30 -4.45 17.97
C SER A 2 21.80 -4.42 17.68
N SER A 3 21.15 -3.37 18.16
CA SER A 3 19.72 -3.22 17.96
C SER A 3 19.27 -1.84 18.46
N GLY A 4 18.22 -1.33 17.82
CA GLY A 4 17.68 -0.04 18.19
C GLY A 4 17.07 -0.08 19.59
N SER A 5 15.97 0.65 19.74
CA SER A 5 15.28 0.71 21.02
C SER A 5 13.76 0.69 20.80
N SER A 6 13.25 -0.48 20.47
CA SER A 6 11.83 -0.64 20.23
C SER A 6 11.39 0.30 19.10
N GLY A 7 11.16 -0.28 17.93
CA GLY A 7 10.73 0.49 16.78
C GLY A 7 9.77 -0.32 15.91
N PRO A 8 9.26 0.34 14.85
CA PRO A 8 8.34 -0.30 13.92
C PRO A 8 9.08 -1.27 13.00
N THR A 9 8.36 -2.30 12.58
CA THR A 9 8.94 -3.30 11.70
C THR A 9 9.50 -2.64 10.44
N SER A 10 10.38 -3.36 9.76
CA SER A 10 11.00 -2.87 8.54
C SER A 10 9.91 -2.48 7.53
N ALA A 11 10.09 -1.32 6.93
CA ALA A 11 9.15 -0.82 5.95
C ALA A 11 8.90 -1.92 4.91
N PRO A 12 7.78 -1.73 4.13
CA PRO A 12 7.42 -2.69 3.10
C PRO A 12 8.33 -2.55 1.89
N GLN A 13 8.31 -3.58 1.05
CA GLN A 13 9.13 -3.58 -0.15
C GLN A 13 8.49 -4.48 -1.22
N HIS A 14 8.98 -4.33 -2.44
CA HIS A 14 8.48 -5.11 -3.56
C HIS A 14 7.01 -4.74 -3.83
N LEU A 15 6.70 -3.48 -3.52
CA LEU A 15 5.35 -2.99 -3.72
C LEU A 15 5.20 -2.48 -5.16
N THR A 16 4.49 -3.26 -5.96
CA THR A 16 4.27 -2.90 -7.36
C THR A 16 2.82 -3.14 -7.75
N VAL A 17 2.49 -2.74 -8.96
CA VAL A 17 1.13 -2.90 -9.47
C VAL A 17 1.07 -4.16 -10.34
N GLU A 18 0.32 -5.13 -9.86
CA GLU A 18 0.16 -6.38 -10.58
C GLU A 18 -0.83 -6.22 -11.73
N ASP A 19 -1.97 -5.61 -11.41
CA ASP A 19 -3.01 -5.38 -12.40
C ASP A 19 -3.67 -4.03 -12.13
N VAL A 20 -4.48 -3.60 -13.10
CA VAL A 20 -5.18 -2.34 -12.97
C VAL A 20 -6.51 -2.41 -13.73
N THR A 21 -7.58 -2.15 -13.00
CA THR A 21 -8.92 -2.19 -13.58
C THR A 21 -9.39 -0.77 -13.93
N ASP A 22 -10.69 -0.63 -14.02
CA ASP A 22 -11.29 0.66 -14.35
C ASP A 22 -11.62 1.40 -13.06
N THR A 23 -11.98 0.62 -12.04
CA THR A 23 -12.33 1.19 -10.75
C THR A 23 -11.71 0.36 -9.63
N THR A 24 -10.68 -0.39 -9.98
CA THR A 24 -10.00 -1.23 -9.00
C THR A 24 -8.55 -1.46 -9.43
N THR A 25 -7.67 -1.52 -8.43
CA THR A 25 -6.27 -1.75 -8.68
C THR A 25 -5.72 -2.84 -7.76
N THR A 26 -4.72 -3.56 -8.27
CA THR A 26 -4.11 -4.63 -7.51
C THR A 26 -2.68 -4.26 -7.12
N LEU A 27 -2.32 -4.61 -5.89
CA LEU A 27 -0.99 -4.32 -5.38
C LEU A 27 -0.41 -5.58 -4.75
N LYS A 28 0.91 -5.67 -4.80
CA LYS A 28 1.61 -6.82 -4.24
C LYS A 28 2.94 -6.36 -3.65
N TRP A 29 3.10 -6.58 -2.35
CA TRP A 29 4.32 -6.20 -1.66
C TRP A 29 4.85 -7.44 -0.93
N ARG A 30 6.04 -7.27 -0.36
CA ARG A 30 6.67 -8.36 0.37
C ARG A 30 6.80 -8.00 1.85
N PRO A 31 6.89 -9.06 2.70
CA PRO A 31 7.02 -8.86 4.13
C PRO A 31 8.44 -8.43 4.49
N PRO A 32 8.55 -7.79 5.69
CA PRO A 32 9.85 -7.32 6.16
C PRO A 32 10.70 -8.48 6.66
N ASP A 33 11.92 -8.15 7.06
CA ASP A 33 12.85 -9.16 7.56
C ASP A 33 12.94 -9.04 9.08
N ARG A 34 12.74 -7.83 9.56
CA ARG A 34 12.81 -7.56 10.99
C ARG A 34 11.40 -7.29 11.54
N ILE A 35 10.68 -8.36 11.80
CA ILE A 35 9.33 -8.25 12.34
C ILE A 35 9.39 -7.76 13.77
N GLY A 36 9.84 -8.64 14.66
CA GLY A 36 9.94 -8.30 16.06
C GLY A 36 8.92 -9.07 16.90
N ALA A 37 9.27 -9.29 18.16
CA ALA A 37 8.38 -10.01 19.06
C ALA A 37 6.97 -9.45 18.95
N GLY A 38 6.88 -8.13 18.97
CA GLY A 38 5.60 -7.45 18.87
C GLY A 38 4.74 -8.08 17.76
N GLY A 39 5.37 -8.30 16.62
CA GLY A 39 4.68 -8.89 15.49
C GLY A 39 3.82 -7.85 14.76
N ILE A 40 3.76 -8.00 13.45
CA ILE A 40 2.99 -7.09 12.63
C ILE A 40 1.53 -7.55 12.58
N ASP A 41 0.62 -6.58 12.58
CA ASP A 41 -0.80 -6.88 12.54
C ASP A 41 -1.27 -6.86 11.09
N GLY A 42 -0.58 -6.08 10.28
CA GLY A 42 -0.92 -5.96 8.87
C GLY A 42 -0.31 -4.69 8.26
N TYR A 43 -0.92 -4.25 7.17
CA TYR A 43 -0.45 -3.06 6.49
C TYR A 43 -1.63 -2.19 6.02
N LEU A 44 -1.43 -0.89 6.12
CA LEU A 44 -2.46 0.05 5.71
C LEU A 44 -2.19 0.52 4.29
N VAL A 45 -3.28 0.82 3.59
CA VAL A 45 -3.17 1.27 2.21
C VAL A 45 -3.94 2.58 2.05
N GLU A 46 -3.31 3.53 1.37
CA GLU A 46 -3.91 4.82 1.14
C GLU A 46 -3.39 5.43 -0.16
N TYR A 47 -4.30 6.09 -0.87
CA TYR A 47 -3.95 6.72 -2.13
C TYR A 47 -4.17 8.24 -2.07
N CYS A 48 -3.29 8.95 -2.76
CA CYS A 48 -3.38 10.40 -2.79
C CYS A 48 -3.49 10.85 -4.25
N LEU A 49 -4.61 11.48 -4.56
CA LEU A 49 -4.86 11.95 -5.91
C LEU A 49 -3.85 13.04 -6.25
N GLU A 50 -3.33 12.97 -7.47
CA GLU A 50 -2.34 13.93 -7.93
C GLU A 50 -2.84 15.36 -7.66
N GLY A 51 -2.07 16.07 -6.85
CA GLY A 51 -2.42 17.44 -6.50
C GLY A 51 -2.94 17.52 -5.05
N SER A 52 -3.46 16.40 -4.58
CA SER A 52 -3.98 16.34 -3.22
C SER A 52 -2.84 16.14 -2.23
N GLU A 53 -3.08 16.57 -1.00
CA GLU A 53 -2.09 16.43 0.05
C GLU A 53 -2.62 15.55 1.18
N GLU A 54 -3.73 14.88 0.90
CA GLU A 54 -4.35 14.01 1.88
C GLU A 54 -4.48 12.59 1.31
N TRP A 55 -3.91 11.64 2.03
CA TRP A 55 -3.97 10.26 1.62
C TRP A 55 -5.25 9.64 2.16
N VAL A 56 -6.09 9.17 1.25
CA VAL A 56 -7.35 8.56 1.63
C VAL A 56 -7.12 7.09 1.97
N PRO A 57 -7.86 6.62 3.01
CA PRO A 57 -7.74 5.24 3.45
C PRO A 57 -8.46 4.30 2.48
N ALA A 58 -7.69 3.35 1.96
CA ALA A 58 -8.24 2.38 1.02
C ALA A 58 -8.90 1.23 1.81
N ASN A 59 -8.22 0.81 2.86
CA ASN A 59 -8.72 -0.26 3.70
C ASN A 59 -8.87 0.24 5.13
N LYS A 60 -10.12 0.33 5.55
CA LYS A 60 -10.42 0.80 6.89
C LYS A 60 -9.52 0.06 7.90
N GLU A 61 -9.21 -1.18 7.57
CA GLU A 61 -8.36 -1.99 8.41
C GLU A 61 -7.19 -2.55 7.62
N PRO A 62 -6.10 -2.90 8.36
CA PRO A 62 -4.91 -3.44 7.74
C PRO A 62 -5.12 -4.89 7.31
N VAL A 63 -4.50 -5.26 6.21
CA VAL A 63 -4.60 -6.61 5.69
C VAL A 63 -3.44 -7.45 6.22
N GLU A 64 -3.69 -8.76 6.28
CA GLU A 64 -2.68 -9.68 6.77
C GLU A 64 -1.74 -10.09 5.62
N ARG A 65 -2.31 -10.20 4.43
CA ARG A 65 -1.56 -10.58 3.26
C ARG A 65 -0.70 -9.41 2.78
N CYS A 66 0.20 -9.71 1.85
CA CYS A 66 1.08 -8.70 1.30
C CYS A 66 0.48 -8.19 -0.01
N GLY A 67 -0.70 -7.60 0.10
CA GLY A 67 -1.39 -7.08 -1.07
C GLY A 67 -2.82 -6.65 -0.72
N PHE A 68 -3.44 -5.96 -1.66
CA PHE A 68 -4.80 -5.48 -1.47
C PHE A 68 -5.37 -4.91 -2.76
N THR A 69 -6.66 -4.57 -2.71
CA THR A 69 -7.33 -4.02 -3.87
C THR A 69 -7.97 -2.68 -3.51
N VAL A 70 -7.57 -1.64 -4.23
CA VAL A 70 -8.09 -0.30 -4.01
C VAL A 70 -9.25 -0.05 -4.98
N LYS A 71 -10.43 0.12 -4.42
CA LYS A 71 -11.61 0.37 -5.22
C LYS A 71 -12.00 1.85 -5.11
N ASP A 72 -12.98 2.24 -5.90
CA ASP A 72 -13.44 3.62 -5.91
C ASP A 72 -12.30 4.54 -6.35
N LEU A 73 -12.08 4.56 -7.66
CA LEU A 73 -11.03 5.39 -8.23
C LEU A 73 -11.47 5.92 -9.59
N PRO A 74 -11.04 7.16 -9.91
CA PRO A 74 -11.38 7.78 -11.18
C PRO A 74 -10.57 7.17 -12.32
N THR A 75 -11.28 6.71 -13.34
CA THR A 75 -10.64 6.11 -14.49
C THR A 75 -9.84 7.15 -15.26
N GLY A 76 -8.55 6.87 -15.44
CA GLY A 76 -7.68 7.78 -16.15
C GLY A 76 -7.20 8.91 -15.25
N ALA A 77 -6.81 8.53 -14.04
CA ALA A 77 -6.33 9.51 -13.07
C ALA A 77 -5.03 8.98 -12.44
N ARG A 78 -4.02 9.86 -12.43
CA ARG A 78 -2.74 9.51 -11.86
C ARG A 78 -2.82 9.52 -10.33
N ILE A 79 -2.96 8.33 -9.77
CA ILE A 79 -3.04 8.18 -8.32
C ILE A 79 -1.86 7.35 -7.83
N LEU A 80 -1.34 7.73 -6.68
CA LEU A 80 -0.22 7.02 -6.09
C LEU A 80 -0.73 6.10 -4.98
N PHE A 81 0.00 5.02 -4.77
CA PHE A 81 -0.37 4.06 -3.74
C PHE A 81 0.82 3.74 -2.83
N ARG A 82 0.58 3.87 -1.54
CA ARG A 82 1.62 3.60 -0.55
C ARG A 82 1.09 2.66 0.54
N VAL A 83 1.96 1.75 0.96
CA VAL A 83 1.59 0.79 1.99
C VAL A 83 2.45 1.04 3.23
N VAL A 84 1.78 1.16 4.36
CA VAL A 84 2.48 1.38 5.62
C VAL A 84 2.10 0.29 6.62
N GLY A 85 3.11 -0.34 7.18
CA GLY A 85 2.90 -1.41 8.14
C GLY A 85 2.52 -0.84 9.51
N VAL A 86 1.36 -1.28 10.00
CA VAL A 86 0.87 -0.83 11.28
C VAL A 86 1.25 -1.85 12.36
N ASN A 87 1.23 -1.38 13.60
CA ASN A 87 1.57 -2.24 14.73
C ASN A 87 1.64 -1.40 15.99
N ILE A 88 1.97 -2.07 17.09
CA ILE A 88 2.08 -1.40 18.38
C ILE A 88 2.98 -0.17 18.24
N ALA A 89 4.08 -0.36 17.53
CA ALA A 89 5.03 0.73 17.32
C ALA A 89 4.35 1.84 16.52
N GLY A 90 3.30 1.46 15.80
CA GLY A 90 2.57 2.41 14.99
C GLY A 90 2.71 2.09 13.51
N ARG A 91 2.82 3.15 12.72
CA ARG A 91 2.97 3.00 11.27
C ARG A 91 4.45 3.07 10.89
N SER A 92 4.73 2.63 9.67
CA SER A 92 6.09 2.64 9.16
C SER A 92 6.17 3.45 7.88
N GLU A 93 7.39 3.68 7.43
CA GLU A 93 7.63 4.45 6.21
C GLU A 93 6.74 3.92 5.08
N PRO A 94 6.12 4.87 4.34
CA PRO A 94 5.25 4.51 3.24
C PRO A 94 6.07 4.07 2.02
N ALA A 95 5.81 2.84 1.58
CA ALA A 95 6.51 2.29 0.43
C ALA A 95 5.87 2.82 -0.85
N THR A 96 5.76 4.14 -0.92
CA THR A 96 5.17 4.77 -2.10
C THR A 96 5.58 4.04 -3.37
N LEU A 97 4.70 4.07 -4.36
CA LEU A 97 4.95 3.41 -5.62
C LEU A 97 5.96 4.25 -6.42
N LEU A 98 6.86 3.55 -7.10
CA LEU A 98 7.87 4.21 -7.91
C LEU A 98 7.19 5.04 -8.99
N GLN A 99 5.95 4.66 -9.29
CA GLN A 99 5.19 5.36 -10.30
C GLN A 99 3.70 5.31 -9.97
N PRO A 100 2.97 6.37 -10.42
CA PRO A 100 1.54 6.46 -10.17
C PRO A 100 0.77 5.50 -11.07
N VAL A 101 -0.55 5.53 -10.93
CA VAL A 101 -1.41 4.67 -11.72
C VAL A 101 -2.47 5.53 -12.42
N THR A 102 -2.66 5.25 -13.70
CA THR A 102 -3.63 5.98 -14.50
C THR A 102 -5.04 5.49 -14.21
N ILE A 103 -5.10 4.26 -13.70
CA ILE A 103 -6.39 3.66 -13.37
C ILE A 103 -7.20 3.47 -14.65
N ARG A 104 -7.15 2.25 -15.17
CA ARG A 104 -7.87 1.92 -16.39
C ARG A 104 -7.63 0.46 -16.77
N GLU A 105 -8.70 -0.18 -17.22
CA GLU A 105 -8.61 -1.58 -17.62
C GLU A 105 -8.11 -1.69 -19.06
N SER A 106 -7.47 -2.81 -19.35
CA SER A 106 -6.94 -3.05 -20.68
C SER A 106 -6.43 -4.49 -20.79
N GLY A 107 -6.17 -4.89 -22.02
CA GLY A 107 -5.68 -6.24 -22.29
C GLY A 107 -4.80 -6.28 -23.54
N PRO A 108 -4.57 -7.51 -24.04
CA PRO A 108 -3.75 -7.70 -25.23
C PRO A 108 -4.51 -7.28 -26.49
N SER A 109 -4.22 -6.06 -26.93
CA SER A 109 -4.87 -5.53 -28.12
C SER A 109 -4.77 -6.54 -29.26
N SER A 110 -3.53 -6.86 -29.61
CA SER A 110 -3.29 -7.81 -30.68
C SER A 110 -3.82 -7.25 -32.01
N GLY A 111 -3.02 -6.40 -32.62
CA GLY A 111 -3.40 -5.79 -33.88
C GLY A 111 -2.16 -5.32 -34.66
N GLY A 1 6.60 -3.78 34.04
CA GLY A 1 6.69 -3.30 32.67
C GLY A 1 7.78 -2.23 32.54
N SER A 2 8.84 -2.59 31.83
CA SER A 2 9.94 -1.67 31.61
C SER A 2 9.54 -0.60 30.60
N SER A 3 9.87 0.64 30.94
CA SER A 3 9.55 1.76 30.08
C SER A 3 10.67 1.98 29.06
N GLY A 4 10.64 1.17 28.02
CA GLY A 4 11.65 1.26 26.97
C GLY A 4 11.36 0.24 25.85
N SER A 5 12.25 0.23 24.88
CA SER A 5 12.12 -0.68 23.75
C SER A 5 10.81 -0.39 23.01
N SER A 6 10.95 -0.04 21.73
CA SER A 6 9.80 0.26 20.90
C SER A 6 10.27 0.77 19.54
N GLY A 7 9.51 0.38 18.52
CA GLY A 7 9.83 0.79 17.15
C GLY A 7 9.01 -0.02 16.14
N PRO A 8 8.63 0.68 15.03
CA PRO A 8 7.86 0.05 13.98
C PRO A 8 8.72 -0.90 13.14
N THR A 9 8.13 -2.01 12.74
CA THR A 9 8.83 -3.00 11.94
C THR A 9 9.44 -2.33 10.70
N SER A 10 10.11 -3.15 9.90
CA SER A 10 10.73 -2.66 8.68
C SER A 10 9.67 -2.38 7.62
N ALA A 11 9.73 -1.16 7.08
CA ALA A 11 8.78 -0.76 6.06
C ALA A 11 8.63 -1.87 5.04
N PRO A 12 7.51 -1.79 4.25
CA PRO A 12 7.25 -2.79 3.23
C PRO A 12 8.16 -2.59 2.01
N GLN A 13 8.23 -3.62 1.19
CA GLN A 13 9.07 -3.57 0.00
C GLN A 13 8.45 -4.45 -1.11
N HIS A 14 8.96 -4.25 -2.31
CA HIS A 14 8.48 -5.00 -3.46
C HIS A 14 7.02 -4.63 -3.74
N LEU A 15 6.71 -3.36 -3.51
CA LEU A 15 5.37 -2.86 -3.74
C LEU A 15 5.24 -2.40 -5.18
N THR A 16 4.50 -3.18 -5.96
CA THR A 16 4.29 -2.86 -7.36
C THR A 16 2.84 -3.16 -7.76
N VAL A 17 2.48 -2.71 -8.95
CA VAL A 17 1.14 -2.92 -9.47
C VAL A 17 1.12 -4.21 -10.30
N GLU A 18 0.27 -5.14 -9.88
CA GLU A 18 0.14 -6.41 -10.57
C GLU A 18 -0.88 -6.30 -11.70
N ASP A 19 -1.97 -5.61 -11.41
CA ASP A 19 -3.03 -5.43 -12.39
C ASP A 19 -3.78 -4.13 -12.07
N VAL A 20 -4.31 -3.53 -13.13
CA VAL A 20 -5.06 -2.30 -12.98
C VAL A 20 -6.40 -2.43 -13.72
N THR A 21 -7.47 -2.19 -12.98
CA THR A 21 -8.81 -2.28 -13.55
C THR A 21 -9.34 -0.88 -13.89
N ASP A 22 -10.66 -0.79 -14.00
CA ASP A 22 -11.30 0.47 -14.32
C ASP A 22 -11.40 1.32 -13.05
N THR A 23 -12.11 0.78 -12.08
CA THR A 23 -12.30 1.48 -10.81
C THR A 23 -11.66 0.68 -9.68
N THR A 24 -10.76 -0.22 -10.04
CA THR A 24 -10.08 -1.04 -9.06
C THR A 24 -8.65 -1.35 -9.52
N THR A 25 -7.77 -1.57 -8.55
CA THR A 25 -6.39 -1.87 -8.84
C THR A 25 -5.86 -2.93 -7.89
N THR A 26 -4.73 -3.51 -8.25
CA THR A 26 -4.12 -4.55 -7.44
C THR A 26 -2.72 -4.11 -7.00
N LEU A 27 -2.30 -4.64 -5.85
CA LEU A 27 -0.99 -4.32 -5.31
C LEU A 27 -0.37 -5.58 -4.70
N LYS A 28 0.95 -5.62 -4.70
CA LYS A 28 1.67 -6.75 -4.16
C LYS A 28 2.98 -6.26 -3.54
N TRP A 29 3.13 -6.55 -2.26
CA TRP A 29 4.33 -6.15 -1.54
C TRP A 29 4.90 -7.38 -0.84
N ARG A 30 5.92 -7.15 -0.02
CA ARG A 30 6.56 -8.23 0.70
C ARG A 30 6.75 -7.84 2.17
N PRO A 31 6.77 -8.88 3.05
CA PRO A 31 6.94 -8.66 4.47
C PRO A 31 8.39 -8.31 4.81
N PRO A 32 8.58 -7.63 5.96
CA PRO A 32 9.89 -7.23 6.40
C PRO A 32 10.67 -8.42 6.95
N ASP A 33 11.93 -8.17 7.30
CA ASP A 33 12.78 -9.21 7.84
C ASP A 33 12.91 -9.03 9.35
N ARG A 34 12.78 -7.77 9.77
CA ARG A 34 12.88 -7.45 11.19
C ARG A 34 11.50 -7.11 11.75
N ILE A 35 10.71 -8.14 11.98
CA ILE A 35 9.38 -7.97 12.52
C ILE A 35 9.46 -7.47 13.96
N GLY A 36 9.71 -8.40 14.86
CA GLY A 36 9.83 -8.07 16.28
C GLY A 36 8.63 -7.25 16.74
N ALA A 37 8.86 -6.49 17.80
CA ALA A 37 7.82 -5.64 18.36
C ALA A 37 6.56 -6.49 18.59
N GLY A 38 6.78 -7.77 18.86
CA GLY A 38 5.69 -8.69 19.10
C GLY A 38 5.18 -9.29 17.79
N GLY A 39 5.14 -8.46 16.76
CA GLY A 39 4.68 -8.91 15.46
C GLY A 39 4.16 -7.73 14.62
N ILE A 40 3.30 -8.06 13.67
CA ILE A 40 2.72 -7.05 12.81
C ILE A 40 1.22 -7.29 12.68
N ASP A 41 0.49 -6.19 12.64
CA ASP A 41 -0.96 -6.27 12.52
C ASP A 41 -1.33 -6.47 11.05
N GLY A 42 -0.60 -5.78 10.19
CA GLY A 42 -0.84 -5.87 8.76
C GLY A 42 -0.21 -4.68 8.02
N TYR A 43 -1.00 -4.08 7.14
CA TYR A 43 -0.54 -2.95 6.37
C TYR A 43 -1.70 -2.00 6.03
N LEU A 44 -1.40 -0.71 6.08
CA LEU A 44 -2.41 0.30 5.79
C LEU A 44 -2.13 0.91 4.42
N VAL A 45 -3.08 0.70 3.51
CA VAL A 45 -2.95 1.22 2.16
C VAL A 45 -3.73 2.53 2.04
N GLU A 46 -3.09 3.49 1.39
CA GLU A 46 -3.71 4.80 1.20
C GLU A 46 -3.22 5.44 -0.10
N TYR A 47 -4.16 6.02 -0.82
CA TYR A 47 -3.84 6.66 -2.09
C TYR A 47 -4.09 8.18 -2.01
N CYS A 48 -3.25 8.92 -2.71
CA CYS A 48 -3.37 10.37 -2.74
C CYS A 48 -3.53 10.81 -4.19
N LEU A 49 -4.72 11.31 -4.50
CA LEU A 49 -5.01 11.77 -5.85
C LEU A 49 -3.99 12.84 -6.24
N GLU A 50 -3.52 12.74 -7.47
CA GLU A 50 -2.55 13.68 -8.00
C GLU A 50 -3.05 15.12 -7.80
N GLY A 51 -2.30 15.88 -7.03
CA GLY A 51 -2.65 17.26 -6.77
C GLY A 51 -3.11 17.45 -5.32
N SER A 52 -3.59 16.35 -4.75
CA SER A 52 -4.07 16.37 -3.38
C SER A 52 -2.89 16.21 -2.41
N GLU A 53 -3.09 16.72 -1.21
CA GLU A 53 -2.06 16.64 -0.19
C GLU A 53 -2.52 15.75 0.97
N GLU A 54 -3.59 15.03 0.72
CA GLU A 54 -4.15 14.14 1.72
C GLU A 54 -4.27 12.72 1.17
N TRP A 55 -3.68 11.78 1.91
CA TRP A 55 -3.71 10.39 1.51
C TRP A 55 -4.99 9.76 2.05
N VAL A 56 -5.82 9.27 1.14
CA VAL A 56 -7.08 8.65 1.52
C VAL A 56 -6.83 7.18 1.86
N PRO A 57 -7.55 6.70 2.91
CA PRO A 57 -7.41 5.32 3.35
C PRO A 57 -8.12 4.37 2.39
N ALA A 58 -7.32 3.48 1.80
CA ALA A 58 -7.85 2.51 0.86
C ALA A 58 -8.56 1.40 1.63
N ASN A 59 -7.93 0.97 2.72
CA ASN A 59 -8.48 -0.08 3.55
C ASN A 59 -8.69 0.44 4.97
N LYS A 60 -9.96 0.52 5.36
CA LYS A 60 -10.30 1.01 6.69
C LYS A 60 -9.50 0.23 7.73
N GLU A 61 -9.23 -1.03 7.41
CA GLU A 61 -8.47 -1.88 8.31
C GLU A 61 -7.27 -2.48 7.58
N PRO A 62 -6.25 -2.88 8.39
CA PRO A 62 -5.04 -3.47 7.85
C PRO A 62 -5.28 -4.90 7.38
N VAL A 63 -4.75 -5.22 6.21
CA VAL A 63 -4.90 -6.55 5.66
C VAL A 63 -3.86 -7.49 6.28
N GLU A 64 -3.99 -8.77 5.97
CA GLU A 64 -3.07 -9.77 6.49
C GLU A 64 -2.13 -10.25 5.39
N ARG A 65 -2.66 -10.29 4.17
CA ARG A 65 -1.88 -10.73 3.03
C ARG A 65 -0.81 -9.69 2.68
N CYS A 66 -0.06 -9.99 1.62
CA CYS A 66 0.98 -9.09 1.18
C CYS A 66 0.48 -8.36 -0.08
N GLY A 67 -0.64 -7.69 0.07
CA GLY A 67 -1.22 -6.95 -1.03
C GLY A 67 -2.64 -6.48 -0.69
N PHE A 68 -3.28 -5.86 -1.67
CA PHE A 68 -4.64 -5.36 -1.49
C PHE A 68 -5.19 -4.80 -2.79
N THR A 69 -6.50 -4.59 -2.80
CA THR A 69 -7.17 -4.06 -3.97
C THR A 69 -8.04 -2.85 -3.61
N VAL A 70 -7.75 -1.74 -4.28
CA VAL A 70 -8.49 -0.52 -4.03
C VAL A 70 -9.69 -0.45 -4.97
N LYS A 71 -10.71 0.29 -4.54
CA LYS A 71 -11.92 0.44 -5.33
C LYS A 71 -12.35 1.91 -5.31
N ASP A 72 -13.31 2.22 -6.17
CA ASP A 72 -13.82 3.58 -6.27
C ASP A 72 -12.68 4.52 -6.66
N LEU A 73 -12.33 4.48 -7.94
CA LEU A 73 -11.26 5.32 -8.45
C LEU A 73 -11.68 5.91 -9.80
N PRO A 74 -11.20 7.16 -10.05
CA PRO A 74 -11.51 7.85 -11.29
C PRO A 74 -10.72 7.27 -12.46
N THR A 75 -11.46 6.76 -13.43
CA THR A 75 -10.85 6.16 -14.61
C THR A 75 -10.04 7.21 -15.37
N GLY A 76 -8.74 6.97 -15.47
CA GLY A 76 -7.85 7.88 -16.16
C GLY A 76 -7.36 8.99 -15.23
N ALA A 77 -6.93 8.58 -14.05
CA ALA A 77 -6.44 9.54 -13.06
C ALA A 77 -5.13 9.01 -12.47
N ARG A 78 -4.17 9.91 -12.36
CA ARG A 78 -2.87 9.56 -11.81
C ARG A 78 -2.93 9.54 -10.28
N ILE A 79 -3.06 8.34 -9.74
CA ILE A 79 -3.13 8.17 -8.30
C ILE A 79 -1.94 7.33 -7.83
N LEU A 80 -1.45 7.65 -6.64
CA LEU A 80 -0.32 6.95 -6.07
C LEU A 80 -0.81 6.05 -4.94
N PHE A 81 -0.16 4.89 -4.80
CA PHE A 81 -0.51 3.95 -3.77
C PHE A 81 0.67 3.70 -2.82
N ARG A 82 0.39 3.84 -1.54
CA ARG A 82 1.42 3.63 -0.53
C ARG A 82 0.95 2.60 0.49
N VAL A 83 1.91 1.81 0.96
CA VAL A 83 1.62 0.78 1.94
C VAL A 83 2.48 0.99 3.18
N VAL A 84 1.83 0.97 4.33
CA VAL A 84 2.52 1.16 5.59
C VAL A 84 2.15 0.04 6.56
N GLY A 85 3.17 -0.56 7.15
CA GLY A 85 2.96 -1.66 8.08
C GLY A 85 2.53 -1.13 9.45
N VAL A 86 1.35 -1.57 9.87
CA VAL A 86 0.81 -1.15 11.16
C VAL A 86 1.16 -2.19 12.22
N ASN A 87 1.17 -1.74 13.46
CA ASN A 87 1.49 -2.61 14.58
C ASN A 87 1.50 -1.80 15.87
N ILE A 88 1.87 -2.48 16.95
CA ILE A 88 1.93 -1.83 18.26
C ILE A 88 2.70 -0.52 18.14
N ALA A 89 3.85 -0.61 17.49
CA ALA A 89 4.69 0.56 17.31
C ALA A 89 3.86 1.70 16.73
N GLY A 90 3.09 1.37 15.71
CA GLY A 90 2.23 2.35 15.06
C GLY A 90 2.22 2.15 13.54
N ARG A 91 3.00 2.98 12.86
CA ARG A 91 3.09 2.91 11.41
C ARG A 91 4.54 3.06 10.96
N SER A 92 4.85 2.43 9.83
CA SER A 92 6.19 2.48 9.29
C SER A 92 6.21 3.37 8.04
N GLU A 93 7.42 3.56 7.52
CA GLU A 93 7.59 4.38 6.33
C GLU A 93 6.74 3.83 5.19
N PRO A 94 6.08 4.78 4.46
CA PRO A 94 5.24 4.41 3.34
C PRO A 94 6.08 4.01 2.12
N ALA A 95 5.84 2.81 1.63
CA ALA A 95 6.56 2.30 0.48
C ALA A 95 5.91 2.84 -0.80
N THR A 96 5.86 4.16 -0.89
CA THR A 96 5.28 4.81 -2.05
C THR A 96 5.69 4.09 -3.34
N LEU A 97 4.73 3.97 -4.23
CA LEU A 97 4.98 3.30 -5.51
C LEU A 97 6.04 4.08 -6.29
N LEU A 98 6.68 3.38 -7.20
CA LEU A 98 7.72 3.99 -8.02
C LEU A 98 7.08 5.00 -8.98
N GLN A 99 5.90 4.65 -9.46
CA GLN A 99 5.17 5.51 -10.38
C GLN A 99 3.67 5.47 -10.07
N PRO A 100 2.97 6.53 -10.53
CA PRO A 100 1.53 6.63 -10.31
C PRO A 100 0.77 5.68 -11.25
N VAL A 101 -0.53 5.60 -11.02
CA VAL A 101 -1.38 4.73 -11.82
C VAL A 101 -2.45 5.57 -12.51
N THR A 102 -2.65 5.29 -13.79
CA THR A 102 -3.64 6.02 -14.57
C THR A 102 -5.03 5.45 -14.33
N ILE A 103 -5.05 4.21 -13.82
CA ILE A 103 -6.31 3.55 -13.54
C ILE A 103 -7.06 3.31 -14.84
N ARG A 104 -6.96 2.07 -15.32
CA ARG A 104 -7.62 1.69 -16.56
C ARG A 104 -7.44 0.19 -16.82
N GLU A 105 -8.46 -0.39 -17.44
CA GLU A 105 -8.44 -1.81 -17.75
C GLU A 105 -8.00 -2.03 -19.19
N SER A 106 -7.11 -3.00 -19.37
CA SER A 106 -6.61 -3.32 -20.70
C SER A 106 -7.68 -4.05 -21.51
N GLY A 107 -8.41 -3.26 -22.29
CA GLY A 107 -9.47 -3.81 -23.12
C GLY A 107 -8.98 -4.04 -24.55
N PRO A 108 -9.40 -5.19 -25.13
CA PRO A 108 -9.03 -5.54 -26.49
C PRO A 108 -9.80 -4.70 -27.51
N SER A 109 -9.15 -4.43 -28.63
CA SER A 109 -9.77 -3.66 -29.69
C SER A 109 -10.31 -2.34 -29.12
N SER A 110 -9.46 -1.33 -29.16
CA SER A 110 -9.83 -0.02 -28.65
C SER A 110 -10.27 -0.12 -27.19
N GLY A 111 -9.42 0.37 -26.30
CA GLY A 111 -9.71 0.34 -24.88
C GLY A 111 -10.27 1.68 -24.40
N GLY A 1 14.82 -6.93 31.22
CA GLY A 1 15.23 -5.54 31.28
C GLY A 1 16.34 -5.24 30.27
N SER A 2 15.93 -5.08 29.01
CA SER A 2 16.87 -4.80 27.95
C SER A 2 16.69 -3.36 27.47
N SER A 3 17.33 -2.44 28.19
CA SER A 3 17.25 -1.03 27.85
C SER A 3 17.47 -0.85 26.35
N GLY A 4 16.94 0.24 25.83
CA GLY A 4 17.07 0.55 24.42
C GLY A 4 15.70 0.73 23.76
N SER A 5 15.62 0.33 22.51
CA SER A 5 14.38 0.44 21.76
C SER A 5 14.55 -0.17 20.36
N SER A 6 13.53 -0.89 19.93
CA SER A 6 13.56 -1.51 18.62
C SER A 6 12.91 -0.59 17.58
N GLY A 7 11.61 -0.41 17.74
CA GLY A 7 10.86 0.45 16.82
C GLY A 7 9.93 -0.38 15.95
N PRO A 8 9.31 0.31 14.95
CA PRO A 8 8.39 -0.34 14.04
C PRO A 8 9.14 -1.19 13.02
N THR A 9 8.58 -2.36 12.74
CA THR A 9 9.19 -3.27 11.78
C THR A 9 9.66 -2.51 10.55
N SER A 10 10.52 -3.17 9.78
CA SER A 10 11.06 -2.56 8.56
C SER A 10 9.93 -2.31 7.57
N ALA A 11 9.94 -1.11 7.01
CA ALA A 11 8.92 -0.72 6.03
C ALA A 11 8.75 -1.86 5.03
N PRO A 12 7.62 -1.78 4.26
CA PRO A 12 7.32 -2.78 3.25
C PRO A 12 8.21 -2.62 2.03
N GLN A 13 8.22 -3.65 1.20
CA GLN A 13 9.04 -3.63 -0.01
C GLN A 13 8.41 -4.54 -1.07
N HIS A 14 8.96 -4.45 -2.28
CA HIS A 14 8.48 -5.25 -3.38
C HIS A 14 7.02 -4.88 -3.69
N LEU A 15 6.69 -3.63 -3.41
CA LEU A 15 5.34 -3.14 -3.64
C LEU A 15 5.24 -2.60 -5.07
N THR A 16 4.47 -3.31 -5.88
CA THR A 16 4.28 -2.92 -7.27
C THR A 16 2.84 -3.19 -7.71
N VAL A 17 2.51 -2.70 -8.90
CA VAL A 17 1.18 -2.89 -9.44
C VAL A 17 1.15 -4.18 -10.26
N GLU A 18 0.34 -5.11 -9.80
CA GLU A 18 0.21 -6.40 -10.48
C GLU A 18 -0.78 -6.28 -11.63
N ASP A 19 -1.94 -5.70 -11.32
CA ASP A 19 -2.98 -5.52 -12.33
C ASP A 19 -3.73 -4.21 -12.05
N VAL A 20 -4.42 -3.74 -13.08
CA VAL A 20 -5.18 -2.51 -12.97
C VAL A 20 -6.47 -2.64 -13.76
N THR A 21 -7.54 -2.07 -13.20
CA THR A 21 -8.84 -2.11 -13.85
C THR A 21 -9.29 -0.70 -14.24
N ASP A 22 -10.60 -0.56 -14.39
CA ASP A 22 -11.17 0.72 -14.75
C ASP A 22 -11.44 1.54 -13.49
N THR A 23 -11.89 0.84 -12.46
CA THR A 23 -12.18 1.48 -11.19
C THR A 23 -11.61 0.65 -10.03
N THR A 24 -10.61 -0.14 -10.35
CA THR A 24 -9.98 -0.98 -9.35
C THR A 24 -8.51 -1.23 -9.71
N THR A 25 -7.72 -1.53 -8.69
CA THR A 25 -6.31 -1.79 -8.89
C THR A 25 -5.82 -2.86 -7.92
N THR A 26 -4.69 -3.46 -8.26
CA THR A 26 -4.11 -4.50 -7.42
C THR A 26 -2.70 -4.11 -6.99
N LEU A 27 -2.37 -4.48 -5.77
CA LEU A 27 -1.05 -4.18 -5.22
C LEU A 27 -0.49 -5.44 -4.55
N LYS A 28 0.82 -5.62 -4.71
CA LYS A 28 1.49 -6.76 -4.13
C LYS A 28 2.84 -6.30 -3.55
N TRP A 29 2.96 -6.47 -2.24
CA TRP A 29 4.18 -6.08 -1.54
C TRP A 29 4.76 -7.33 -0.87
N ARG A 30 5.89 -7.14 -0.21
CA ARG A 30 6.54 -8.24 0.48
C ARG A 30 6.67 -7.92 1.97
N PRO A 31 6.74 -9.02 2.78
CA PRO A 31 6.86 -8.88 4.22
C PRO A 31 8.28 -8.45 4.61
N PRO A 32 8.40 -7.82 5.81
CA PRO A 32 9.68 -7.37 6.30
C PRO A 32 10.51 -8.54 6.81
N ASP A 33 11.76 -8.23 7.16
CA ASP A 33 12.66 -9.24 7.66
C ASP A 33 12.93 -9.00 9.15
N ARG A 34 12.92 -7.72 9.51
CA ARG A 34 13.15 -7.34 10.90
C ARG A 34 11.82 -7.17 11.63
N ILE A 35 11.20 -8.29 11.95
CA ILE A 35 9.93 -8.27 12.66
C ILE A 35 10.17 -8.55 14.14
N GLY A 36 10.38 -9.82 14.45
CA GLY A 36 10.61 -10.22 15.82
C GLY A 36 9.68 -11.37 16.23
N ALA A 37 8.99 -11.16 17.33
CA ALA A 37 8.07 -12.17 17.84
C ALA A 37 6.63 -11.63 17.76
N GLY A 38 6.45 -10.44 18.32
CA GLY A 38 5.15 -9.81 18.33
C GLY A 38 4.45 -9.98 16.98
N GLY A 39 5.21 -9.74 15.92
CA GLY A 39 4.67 -9.87 14.58
C GLY A 39 3.98 -8.58 14.13
N ILE A 40 3.76 -8.47 12.83
CA ILE A 40 3.11 -7.30 12.27
C ILE A 40 1.61 -7.59 12.11
N ASP A 41 0.82 -6.61 12.50
CA ASP A 41 -0.63 -6.73 12.41
C ASP A 41 -1.04 -6.84 10.94
N GLY A 42 -0.50 -5.94 10.14
CA GLY A 42 -0.78 -5.91 8.72
C GLY A 42 -0.14 -4.70 8.05
N TYR A 43 -0.89 -4.09 7.14
CA TYR A 43 -0.41 -2.93 6.42
C TYR A 43 -1.56 -1.99 6.05
N LEU A 44 -1.29 -0.70 6.16
CA LEU A 44 -2.29 0.30 5.83
C LEU A 44 -2.02 0.86 4.43
N VAL A 45 -3.05 0.83 3.61
CA VAL A 45 -2.94 1.33 2.25
C VAL A 45 -3.70 2.65 2.13
N GLU A 46 -3.04 3.62 1.51
CA GLU A 46 -3.64 4.92 1.32
C GLU A 46 -3.21 5.52 -0.02
N TYR A 47 -4.18 6.06 -0.74
CA TYR A 47 -3.92 6.66 -2.04
C TYR A 47 -4.21 8.16 -2.01
N CYS A 48 -3.42 8.90 -2.77
CA CYS A 48 -3.59 10.35 -2.85
C CYS A 48 -3.79 10.72 -4.32
N LEU A 49 -4.95 11.33 -4.58
CA LEU A 49 -5.28 11.75 -5.93
C LEU A 49 -4.35 12.88 -6.36
N GLU A 50 -3.88 12.79 -7.59
CA GLU A 50 -2.98 13.79 -8.13
C GLU A 50 -3.52 15.19 -7.84
N GLY A 51 -2.69 15.99 -7.18
CA GLY A 51 -3.07 17.35 -6.84
C GLY A 51 -3.48 17.45 -5.38
N SER A 52 -4.00 16.34 -4.86
CA SER A 52 -4.44 16.29 -3.48
C SER A 52 -3.24 16.07 -2.56
N GLU A 53 -3.39 16.54 -1.33
CA GLU A 53 -2.33 16.40 -0.34
C GLU A 53 -2.83 15.60 0.86
N GLU A 54 -3.99 14.98 0.68
CA GLU A 54 -4.58 14.19 1.74
C GLU A 54 -4.71 12.73 1.30
N TRP A 55 -3.82 11.91 1.82
CA TRP A 55 -3.82 10.49 1.49
C TRP A 55 -5.10 9.87 2.06
N VAL A 56 -5.89 9.29 1.18
CA VAL A 56 -7.13 8.66 1.59
C VAL A 56 -6.87 7.20 1.95
N PRO A 57 -7.57 6.73 3.02
CA PRO A 57 -7.41 5.36 3.47
C PRO A 57 -8.13 4.39 2.54
N ALA A 58 -7.34 3.55 1.89
CA ALA A 58 -7.89 2.56 0.97
C ALA A 58 -8.58 1.46 1.76
N ASN A 59 -7.92 1.03 2.83
CA ASN A 59 -8.45 -0.02 3.67
C ASN A 59 -8.59 0.51 5.10
N LYS A 60 -9.84 0.66 5.52
CA LYS A 60 -10.13 1.15 6.86
C LYS A 60 -9.25 0.42 7.87
N GLU A 61 -8.96 -0.84 7.55
CA GLU A 61 -8.13 -1.66 8.42
C GLU A 61 -6.99 -2.29 7.62
N PRO A 62 -5.91 -2.66 8.36
CA PRO A 62 -4.75 -3.27 7.73
C PRO A 62 -5.03 -4.72 7.36
N VAL A 63 -4.72 -5.06 6.12
CA VAL A 63 -4.94 -6.41 5.62
C VAL A 63 -4.00 -7.36 6.34
N GLU A 64 -4.16 -8.64 6.05
CA GLU A 64 -3.33 -9.67 6.66
C GLU A 64 -2.26 -10.14 5.68
N ARG A 65 -2.66 -10.27 4.42
CA ARG A 65 -1.74 -10.70 3.38
C ARG A 65 -0.90 -9.52 2.88
N CYS A 66 0.00 -9.84 1.97
CA CYS A 66 0.87 -8.82 1.41
C CYS A 66 0.30 -8.38 0.05
N GLY A 67 -1.01 -8.19 0.03
CA GLY A 67 -1.69 -7.78 -1.19
C GLY A 67 -3.11 -7.28 -0.88
N PHE A 68 -3.52 -6.27 -1.63
CA PHE A 68 -4.84 -5.69 -1.46
C PHE A 68 -5.39 -5.17 -2.78
N THR A 69 -6.65 -4.75 -2.75
CA THR A 69 -7.30 -4.23 -3.93
C THR A 69 -7.96 -2.89 -3.62
N VAL A 70 -7.58 -1.88 -4.41
CA VAL A 70 -8.13 -0.55 -4.23
C VAL A 70 -9.25 -0.32 -5.25
N LYS A 71 -10.42 -0.01 -4.72
CA LYS A 71 -11.58 0.22 -5.57
C LYS A 71 -11.99 1.69 -5.46
N ASP A 72 -13.02 2.05 -6.22
CA ASP A 72 -13.52 3.41 -6.21
C ASP A 72 -12.38 4.36 -6.60
N LEU A 73 -12.10 4.38 -7.89
CA LEU A 73 -11.06 5.25 -8.41
C LEU A 73 -11.51 5.87 -9.74
N PRO A 74 -11.07 7.13 -9.96
CA PRO A 74 -11.42 7.84 -11.18
C PRO A 74 -10.64 7.32 -12.37
N THR A 75 -11.37 6.81 -13.35
CA THR A 75 -10.75 6.28 -14.56
C THR A 75 -9.91 7.35 -15.26
N GLY A 76 -8.61 7.12 -15.31
CA GLY A 76 -7.71 8.06 -15.95
C GLY A 76 -7.25 9.12 -14.96
N ALA A 77 -6.78 8.67 -13.81
CA ALA A 77 -6.31 9.58 -12.78
C ALA A 77 -4.99 9.06 -12.21
N ARG A 78 -4.02 9.96 -12.15
CA ARG A 78 -2.70 9.61 -11.62
C ARG A 78 -2.73 9.59 -10.10
N ILE A 79 -3.10 8.43 -9.56
CA ILE A 79 -3.17 8.26 -8.11
C ILE A 79 -1.91 7.52 -7.63
N LEU A 80 -1.40 7.98 -6.50
CA LEU A 80 -0.21 7.37 -5.92
C LEU A 80 -0.62 6.46 -4.75
N PHE A 81 -0.17 5.22 -4.84
CA PHE A 81 -0.48 4.25 -3.80
C PHE A 81 0.72 4.06 -2.86
N ARG A 82 0.40 3.91 -1.58
CA ARG A 82 1.44 3.72 -0.58
C ARG A 82 0.98 2.68 0.46
N VAL A 83 1.95 1.94 0.97
CA VAL A 83 1.66 0.92 1.96
C VAL A 83 2.54 1.16 3.20
N VAL A 84 1.92 1.03 4.36
CA VAL A 84 2.63 1.22 5.62
C VAL A 84 2.23 0.12 6.59
N GLY A 85 3.24 -0.53 7.15
CA GLY A 85 3.01 -1.61 8.09
C GLY A 85 2.72 -1.05 9.49
N VAL A 86 1.47 -1.22 9.90
CA VAL A 86 1.04 -0.74 11.20
C VAL A 86 1.42 -1.78 12.28
N ASN A 87 1.46 -1.31 13.51
CA ASN A 87 1.81 -2.18 14.62
C ASN A 87 1.79 -1.36 15.92
N ILE A 88 1.96 -2.07 17.03
CA ILE A 88 1.96 -1.43 18.33
C ILE A 88 2.87 -0.19 18.29
N ALA A 89 4.02 -0.36 17.67
CA ALA A 89 4.98 0.73 17.55
C ALA A 89 4.31 1.92 16.86
N GLY A 90 3.49 1.60 15.86
CA GLY A 90 2.78 2.62 15.12
C GLY A 90 2.76 2.31 13.61
N ARG A 91 3.55 3.06 12.87
CA ARG A 91 3.63 2.86 11.44
C ARG A 91 5.09 2.92 10.98
N SER A 92 5.31 2.47 9.75
CA SER A 92 6.64 2.46 9.18
C SER A 92 6.67 3.29 7.89
N GLU A 93 7.87 3.49 7.38
CA GLU A 93 8.05 4.26 6.16
C GLU A 93 7.11 3.75 5.07
N PRO A 94 6.42 4.72 4.41
CA PRO A 94 5.49 4.38 3.35
C PRO A 94 6.24 3.99 2.07
N ALA A 95 6.05 2.74 1.66
CA ALA A 95 6.69 2.23 0.47
C ALA A 95 6.01 2.83 -0.77
N THR A 96 6.04 4.16 -0.84
CA THR A 96 5.44 4.85 -1.95
C THR A 96 5.78 4.17 -3.27
N LEU A 97 4.83 4.18 -4.19
CA LEU A 97 5.01 3.56 -5.48
C LEU A 97 6.04 4.37 -6.28
N LEU A 98 6.77 3.66 -7.13
CA LEU A 98 7.78 4.30 -7.96
C LEU A 98 7.12 5.29 -8.90
N GLN A 99 5.91 4.94 -9.33
CA GLN A 99 5.17 5.79 -10.24
C GLN A 99 3.66 5.67 -9.96
N PRO A 100 2.90 6.72 -10.39
CA PRO A 100 1.47 6.73 -10.19
C PRO A 100 0.77 5.78 -11.15
N VAL A 101 -0.53 5.60 -10.92
CA VAL A 101 -1.32 4.72 -11.76
C VAL A 101 -2.35 5.55 -12.53
N THR A 102 -2.53 5.18 -13.79
CA THR A 102 -3.48 5.89 -14.63
C THR A 102 -4.90 5.37 -14.38
N ILE A 103 -4.97 4.15 -13.87
CA ILE A 103 -6.25 3.53 -13.59
C ILE A 103 -6.99 3.26 -14.90
N ARG A 104 -6.90 2.01 -15.34
CA ARG A 104 -7.55 1.61 -16.58
C ARG A 104 -7.23 0.15 -16.90
N GLU A 105 -8.17 -0.50 -17.58
CA GLU A 105 -8.00 -1.90 -17.95
C GLU A 105 -7.49 -2.00 -19.39
N SER A 106 -6.66 -3.00 -19.62
CA SER A 106 -6.09 -3.22 -20.94
C SER A 106 -6.29 -4.69 -21.35
N GLY A 107 -7.01 -4.87 -22.44
CA GLY A 107 -7.27 -6.21 -22.95
C GLY A 107 -6.98 -6.30 -24.45
N PRO A 108 -6.97 -7.56 -24.96
CA PRO A 108 -6.70 -7.78 -26.36
C PRO A 108 -7.91 -7.40 -27.22
N SER A 109 -7.61 -6.92 -28.42
CA SER A 109 -8.65 -6.51 -29.35
C SER A 109 -8.92 -7.63 -30.37
N SER A 110 -7.85 -8.01 -31.07
CA SER A 110 -7.97 -9.06 -32.07
C SER A 110 -7.08 -10.24 -31.68
N GLY A 111 -5.79 -9.95 -31.53
CA GLY A 111 -4.83 -10.98 -31.17
C GLY A 111 -4.44 -10.86 -29.70
N GLY A 1 8.74 4.48 27.40
CA GLY A 1 9.01 5.00 26.07
C GLY A 1 10.40 5.61 25.98
N SER A 2 10.49 6.88 26.38
CA SER A 2 11.76 7.58 26.36
C SER A 2 12.46 7.35 25.01
N SER A 3 12.20 8.27 24.09
CA SER A 3 12.80 8.18 22.77
C SER A 3 12.20 7.00 22.00
N GLY A 4 12.56 5.81 22.44
CA GLY A 4 12.06 4.59 21.81
C GLY A 4 12.54 3.35 22.56
N SER A 5 11.89 2.23 22.27
CA SER A 5 12.24 0.98 22.90
C SER A 5 12.66 -0.05 21.84
N SER A 6 11.74 -0.32 20.93
CA SER A 6 12.00 -1.27 19.86
C SER A 6 11.94 -0.57 18.51
N GLY A 7 10.79 0.04 18.25
CA GLY A 7 10.58 0.75 16.99
C GLY A 7 9.62 -0.03 16.08
N PRO A 8 9.14 0.68 15.03
CA PRO A 8 8.23 0.08 14.08
C PRO A 8 8.96 -0.88 13.14
N THR A 9 8.24 -1.90 12.71
CA THR A 9 8.80 -2.89 11.81
C THR A 9 9.42 -2.21 10.58
N SER A 10 10.15 -3.01 9.81
CA SER A 10 10.80 -2.49 8.62
C SER A 10 9.75 -2.20 7.53
N ALA A 11 9.88 -1.02 6.94
CA ALA A 11 8.96 -0.61 5.90
C ALA A 11 8.77 -1.76 4.90
N PRO A 12 7.64 -1.69 4.15
CA PRO A 12 7.33 -2.71 3.17
C PRO A 12 8.21 -2.56 1.93
N GLN A 13 8.32 -3.66 1.17
CA GLN A 13 9.12 -3.67 -0.03
C GLN A 13 8.49 -4.58 -1.09
N HIS A 14 9.01 -4.47 -2.30
CA HIS A 14 8.51 -5.28 -3.40
C HIS A 14 7.06 -4.88 -3.71
N LEU A 15 6.78 -3.60 -3.52
CA LEU A 15 5.45 -3.08 -3.77
C LEU A 15 5.36 -2.59 -5.21
N THR A 16 4.52 -3.26 -5.99
CA THR A 16 4.34 -2.90 -7.38
C THR A 16 2.89 -3.13 -7.81
N VAL A 17 2.58 -2.68 -9.02
CA VAL A 17 1.25 -2.83 -9.55
C VAL A 17 1.17 -4.10 -10.40
N GLU A 18 0.40 -5.06 -9.92
CA GLU A 18 0.24 -6.32 -10.62
C GLU A 18 -0.77 -6.17 -11.76
N ASP A 19 -1.90 -5.55 -11.45
CA ASP A 19 -2.94 -5.34 -12.43
C ASP A 19 -3.70 -4.05 -12.09
N VAL A 20 -4.29 -3.46 -13.11
CA VAL A 20 -5.05 -2.24 -12.94
C VAL A 20 -6.40 -2.36 -13.66
N THR A 21 -7.44 -1.94 -12.96
CA THR A 21 -8.78 -2.01 -13.52
C THR A 21 -9.25 -0.62 -13.94
N ASP A 22 -10.56 -0.46 -14.02
CA ASP A 22 -11.15 0.80 -14.40
C ASP A 22 -11.46 1.62 -13.15
N THR A 23 -11.86 0.91 -12.11
CA THR A 23 -12.19 1.57 -10.84
C THR A 23 -11.52 0.83 -9.69
N THR A 24 -10.62 -0.08 -10.03
CA THR A 24 -9.90 -0.85 -9.03
C THR A 24 -8.46 -1.07 -9.46
N THR A 25 -7.63 -1.44 -8.50
CA THR A 25 -6.22 -1.68 -8.76
C THR A 25 -5.69 -2.76 -7.82
N THR A 26 -4.69 -3.48 -8.30
CA THR A 26 -4.08 -4.54 -7.52
C THR A 26 -2.67 -4.12 -7.06
N LEU A 27 -2.29 -4.65 -5.91
CA LEU A 27 -0.98 -4.34 -5.35
C LEU A 27 -0.37 -5.60 -4.75
N LYS A 28 0.95 -5.66 -4.77
CA LYS A 28 1.66 -6.81 -4.22
C LYS A 28 2.96 -6.33 -3.57
N TRP A 29 3.04 -6.51 -2.26
CA TRP A 29 4.21 -6.11 -1.51
C TRP A 29 4.74 -7.34 -0.78
N ARG A 30 5.83 -7.13 -0.03
CA ARG A 30 6.45 -8.21 0.71
C ARG A 30 6.65 -7.79 2.17
N PRO A 31 6.70 -8.82 3.07
CA PRO A 31 6.88 -8.57 4.48
C PRO A 31 8.33 -8.19 4.78
N PRO A 32 8.53 -7.51 5.94
CA PRO A 32 9.85 -7.08 6.36
C PRO A 32 10.67 -8.27 6.88
N ASP A 33 11.92 -7.99 7.19
CA ASP A 33 12.82 -9.01 7.70
C ASP A 33 12.99 -8.83 9.20
N ARG A 34 12.93 -7.58 9.64
CA ARG A 34 13.08 -7.27 11.05
C ARG A 34 11.72 -6.97 11.66
N ILE A 35 10.94 -8.03 11.83
CA ILE A 35 9.62 -7.90 12.41
C ILE A 35 9.73 -7.30 13.81
N GLY A 36 10.51 -7.98 14.65
CA GLY A 36 10.71 -7.53 16.01
C GLY A 36 10.16 -8.54 17.01
N ALA A 37 9.08 -8.16 17.68
CA ALA A 37 8.45 -9.01 18.66
C ALA A 37 6.93 -8.98 18.46
N GLY A 38 6.30 -10.11 18.76
CA GLY A 38 4.86 -10.21 18.62
C GLY A 38 4.46 -10.43 17.16
N GLY A 39 4.85 -9.48 16.33
CA GLY A 39 4.55 -9.55 14.90
C GLY A 39 3.86 -8.27 14.43
N ILE A 40 3.53 -8.26 13.15
CA ILE A 40 2.87 -7.11 12.56
C ILE A 40 1.38 -7.40 12.42
N ASP A 41 0.58 -6.36 12.62
CA ASP A 41 -0.86 -6.48 12.53
C ASP A 41 -1.26 -6.61 11.05
N GLY A 42 -0.68 -5.75 10.23
CA GLY A 42 -0.97 -5.76 8.81
C GLY A 42 -0.32 -4.55 8.11
N TYR A 43 -1.04 -4.02 7.13
CA TYR A 43 -0.55 -2.88 6.39
C TYR A 43 -1.69 -1.91 6.07
N LEU A 44 -1.35 -0.63 6.11
CA LEU A 44 -2.34 0.41 5.83
C LEU A 44 -2.10 0.97 4.42
N VAL A 45 -3.06 0.75 3.55
CA VAL A 45 -2.95 1.22 2.18
C VAL A 45 -3.67 2.57 2.06
N GLU A 46 -2.96 3.53 1.51
CA GLU A 46 -3.51 4.87 1.33
C GLU A 46 -3.11 5.43 -0.03
N TYR A 47 -4.06 6.12 -0.66
CA TYR A 47 -3.81 6.70 -1.96
C TYR A 47 -4.12 8.21 -1.95
N CYS A 48 -3.34 8.94 -2.74
CA CYS A 48 -3.52 10.38 -2.83
C CYS A 48 -3.79 10.75 -4.29
N LEU A 49 -4.96 11.31 -4.53
CA LEU A 49 -5.34 11.71 -5.87
C LEU A 49 -4.46 12.87 -6.32
N GLU A 50 -3.99 12.79 -7.55
CA GLU A 50 -3.15 13.83 -8.11
C GLU A 50 -3.75 15.21 -7.84
N GLY A 51 -2.93 16.08 -7.27
CA GLY A 51 -3.37 17.43 -6.95
C GLY A 51 -3.77 17.55 -5.48
N SER A 52 -4.25 16.42 -4.94
CA SER A 52 -4.66 16.39 -3.56
C SER A 52 -3.45 16.22 -2.65
N GLU A 53 -3.57 16.76 -1.45
CA GLU A 53 -2.49 16.68 -0.47
C GLU A 53 -2.93 15.84 0.73
N GLU A 54 -4.03 15.13 0.55
CA GLU A 54 -4.56 14.28 1.61
C GLU A 54 -4.62 12.82 1.15
N TRP A 55 -3.84 11.99 1.82
CA TRP A 55 -3.80 10.57 1.49
C TRP A 55 -5.04 9.91 2.08
N VAL A 56 -5.87 9.37 1.20
CA VAL A 56 -7.10 8.70 1.61
C VAL A 56 -6.79 7.24 1.91
N PRO A 57 -7.46 6.73 2.98
CA PRO A 57 -7.27 5.35 3.39
C PRO A 57 -8.00 4.39 2.44
N ALA A 58 -7.22 3.56 1.77
CA ALA A 58 -7.77 2.60 0.83
C ALA A 58 -8.53 1.51 1.61
N ASN A 59 -7.90 1.04 2.68
CA ASN A 59 -8.49 0.01 3.50
C ASN A 59 -8.63 0.53 4.94
N LYS A 60 -9.88 0.67 5.36
CA LYS A 60 -10.16 1.14 6.70
C LYS A 60 -9.30 0.37 7.71
N GLU A 61 -9.26 -0.94 7.53
CA GLU A 61 -8.49 -1.79 8.40
C GLU A 61 -7.31 -2.40 7.65
N PRO A 62 -6.25 -2.76 8.43
CA PRO A 62 -5.05 -3.34 7.85
C PRO A 62 -5.30 -4.80 7.45
N VAL A 63 -4.85 -5.13 6.24
CA VAL A 63 -5.01 -6.48 5.73
C VAL A 63 -3.99 -7.40 6.40
N GLU A 64 -4.04 -8.67 6.01
CA GLU A 64 -3.13 -9.66 6.55
C GLU A 64 -2.12 -10.10 5.49
N ARG A 65 -2.64 -10.32 4.29
CA ARG A 65 -1.80 -10.73 3.18
C ARG A 65 -1.06 -9.53 2.59
N CYS A 66 0.08 -9.83 1.97
CA CYS A 66 0.89 -8.79 1.36
C CYS A 66 0.30 -8.47 -0.01
N GLY A 67 -0.98 -8.12 0.00
CA GLY A 67 -1.68 -7.78 -1.23
C GLY A 67 -3.09 -7.27 -0.94
N PHE A 68 -3.53 -6.33 -1.76
CA PHE A 68 -4.85 -5.76 -1.61
C PHE A 68 -5.37 -5.20 -2.94
N THR A 69 -6.66 -4.89 -2.95
CA THR A 69 -7.29 -4.35 -4.14
C THR A 69 -8.15 -3.14 -3.79
N VAL A 70 -7.74 -1.98 -4.30
CA VAL A 70 -8.45 -0.76 -4.04
C VAL A 70 -9.62 -0.63 -5.03
N LYS A 71 -10.65 0.10 -4.61
CA LYS A 71 -11.81 0.29 -5.45
C LYS A 71 -12.22 1.76 -5.40
N ASP A 72 -13.19 2.10 -6.25
CA ASP A 72 -13.67 3.46 -6.32
C ASP A 72 -12.50 4.40 -6.65
N LEU A 73 -12.22 4.50 -7.94
CA LEU A 73 -11.14 5.36 -8.40
C LEU A 73 -11.52 5.99 -9.74
N PRO A 74 -11.07 7.25 -9.94
CA PRO A 74 -11.36 7.96 -11.17
C PRO A 74 -10.50 7.44 -12.33
N THR A 75 -11.18 6.93 -13.34
CA THR A 75 -10.50 6.40 -14.51
C THR A 75 -9.68 7.50 -15.20
N GLY A 76 -8.38 7.26 -15.28
CA GLY A 76 -7.49 8.22 -15.90
C GLY A 76 -7.02 9.27 -14.90
N ALA A 77 -6.69 8.80 -13.71
CA ALA A 77 -6.23 9.68 -12.65
C ALA A 77 -4.93 9.13 -12.07
N ARG A 78 -3.92 10.00 -12.03
CA ARG A 78 -2.62 9.61 -11.50
C ARG A 78 -2.67 9.53 -9.98
N ILE A 79 -3.11 8.38 -9.50
CA ILE A 79 -3.21 8.15 -8.06
C ILE A 79 -1.96 7.44 -7.57
N LEU A 80 -1.42 7.94 -6.47
CA LEU A 80 -0.22 7.36 -5.89
C LEU A 80 -0.61 6.47 -4.71
N PHE A 81 -0.19 5.21 -4.79
CA PHE A 81 -0.49 4.25 -3.74
C PHE A 81 0.73 4.03 -2.84
N ARG A 82 0.47 4.01 -1.54
CA ARG A 82 1.53 3.81 -0.57
C ARG A 82 1.07 2.83 0.51
N VAL A 83 1.97 1.89 0.83
CA VAL A 83 1.67 0.89 1.84
C VAL A 83 2.55 1.14 3.06
N VAL A 84 1.93 1.00 4.23
CA VAL A 84 2.64 1.20 5.48
C VAL A 84 2.26 0.10 6.47
N GLY A 85 3.26 -0.41 7.16
CA GLY A 85 3.04 -1.47 8.13
C GLY A 85 2.60 -0.89 9.48
N VAL A 86 1.43 -1.34 9.93
CA VAL A 86 0.88 -0.88 11.19
C VAL A 86 1.24 -1.89 12.28
N ASN A 87 1.22 -1.40 13.52
CA ASN A 87 1.53 -2.24 14.67
C ASN A 87 1.50 -1.39 15.94
N ILE A 88 1.91 -2.02 17.03
CA ILE A 88 1.93 -1.34 18.31
C ILE A 88 2.82 -0.10 18.21
N ALA A 89 3.96 -0.28 17.55
CA ALA A 89 4.90 0.81 17.37
C ALA A 89 4.19 1.99 16.71
N GLY A 90 3.39 1.66 15.70
CA GLY A 90 2.65 2.68 14.97
C GLY A 90 2.64 2.37 13.46
N ARG A 91 3.44 3.14 12.73
CA ARG A 91 3.53 2.96 11.29
C ARG A 91 4.99 3.03 10.84
N SER A 92 5.23 2.49 9.66
CA SER A 92 6.58 2.49 9.11
C SER A 92 6.61 3.30 7.81
N GLU A 93 7.83 3.57 7.36
CA GLU A 93 8.02 4.34 6.13
C GLU A 93 7.11 3.80 5.03
N PRO A 94 6.43 4.74 4.33
CA PRO A 94 5.54 4.36 3.24
C PRO A 94 6.33 3.97 2.00
N ALA A 95 6.04 2.77 1.51
CA ALA A 95 6.71 2.26 0.32
C ALA A 95 6.05 2.85 -0.92
N THR A 96 5.99 4.17 -0.96
CA THR A 96 5.38 4.86 -2.09
C THR A 96 5.73 4.15 -3.40
N LEU A 97 4.75 4.10 -4.29
CA LEU A 97 4.94 3.46 -5.58
C LEU A 97 5.99 4.24 -6.38
N LEU A 98 6.79 3.48 -7.13
CA LEU A 98 7.82 4.09 -7.95
C LEU A 98 7.19 5.09 -8.92
N GLN A 99 5.96 4.79 -9.31
CA GLN A 99 5.24 5.65 -10.23
C GLN A 99 3.73 5.58 -9.96
N PRO A 100 3.02 6.65 -10.41
CA PRO A 100 1.59 6.72 -10.22
C PRO A 100 0.86 5.77 -11.18
N VAL A 101 -0.45 5.66 -10.97
CA VAL A 101 -1.27 4.80 -11.81
C VAL A 101 -2.34 5.64 -12.51
N THR A 102 -2.50 5.38 -13.80
CA THR A 102 -3.49 6.10 -14.59
C THR A 102 -4.89 5.58 -14.29
N ILE A 103 -4.94 4.36 -13.79
CA ILE A 103 -6.22 3.73 -13.45
C ILE A 103 -7.01 3.49 -14.74
N ARG A 104 -6.85 2.29 -15.27
CA ARG A 104 -7.55 1.91 -16.49
C ARG A 104 -7.25 0.45 -16.85
N GLU A 105 -8.28 -0.23 -17.31
CA GLU A 105 -8.15 -1.63 -17.69
C GLU A 105 -7.54 -1.75 -19.10
N SER A 106 -6.78 -2.82 -19.29
CA SER A 106 -6.15 -3.05 -20.58
C SER A 106 -5.15 -1.92 -20.88
N GLY A 107 -3.91 -2.34 -21.14
CA GLY A 107 -2.86 -1.39 -21.45
C GLY A 107 -1.48 -2.01 -21.22
N PRO A 108 -1.01 -2.76 -22.26
CA PRO A 108 0.29 -3.40 -22.19
C PRO A 108 1.42 -2.39 -22.36
N SER A 109 2.61 -2.82 -21.99
CA SER A 109 3.78 -1.95 -22.10
C SER A 109 5.05 -2.78 -21.89
N SER A 110 5.76 -3.00 -22.98
CA SER A 110 6.99 -3.77 -22.94
C SER A 110 8.14 -2.95 -23.54
N GLY A 111 9.32 -3.12 -22.95
CA GLY A 111 10.49 -2.41 -23.41
C GLY A 111 10.94 -1.38 -22.37
N GLY A 1 16.80 -11.13 30.87
CA GLY A 1 16.50 -9.71 30.95
C GLY A 1 15.63 -9.26 29.78
N SER A 2 14.75 -8.31 30.07
CA SER A 2 13.87 -7.78 29.04
C SER A 2 14.26 -6.34 28.70
N SER A 3 15.14 -6.22 27.73
CA SER A 3 15.60 -4.91 27.30
C SER A 3 16.30 -5.02 25.94
N GLY A 4 15.57 -4.64 24.91
CA GLY A 4 16.11 -4.68 23.56
C GLY A 4 15.59 -3.51 22.73
N SER A 5 15.97 -3.51 21.45
CA SER A 5 15.56 -2.47 20.55
C SER A 5 14.07 -2.57 20.26
N SER A 6 13.39 -1.44 20.38
CA SER A 6 11.96 -1.40 20.14
C SER A 6 11.64 -0.42 19.00
N GLY A 7 10.55 -0.69 18.32
CA GLY A 7 10.12 0.15 17.21
C GLY A 7 9.21 -0.62 16.26
N PRO A 8 8.72 0.11 15.22
CA PRO A 8 7.85 -0.49 14.22
C PRO A 8 8.62 -1.39 13.27
N THR A 9 7.98 -2.47 12.85
CA THR A 9 8.61 -3.42 11.95
C THR A 9 9.17 -2.69 10.73
N SER A 10 9.99 -3.41 9.97
CA SER A 10 10.61 -2.84 8.78
C SER A 10 9.52 -2.46 7.76
N ALA A 11 9.76 -1.35 7.09
CA ALA A 11 8.83 -0.87 6.08
C ALA A 11 8.62 -1.95 5.02
N PRO A 12 7.51 -1.79 4.24
CA PRO A 12 7.20 -2.73 3.19
C PRO A 12 8.12 -2.53 1.98
N GLN A 13 8.24 -3.58 1.17
CA GLN A 13 9.07 -3.53 -0.01
C GLN A 13 8.48 -4.42 -1.11
N HIS A 14 9.00 -4.23 -2.32
CA HIS A 14 8.55 -5.01 -3.45
C HIS A 14 7.09 -4.69 -3.75
N LEU A 15 6.74 -3.42 -3.56
CA LEU A 15 5.38 -2.97 -3.80
C LEU A 15 5.26 -2.47 -5.23
N THR A 16 4.46 -3.18 -6.01
CA THR A 16 4.24 -2.82 -7.40
C THR A 16 2.79 -3.07 -7.81
N VAL A 17 2.45 -2.63 -9.01
CA VAL A 17 1.11 -2.80 -9.52
C VAL A 17 1.04 -4.07 -10.37
N GLU A 18 0.30 -5.05 -9.87
CA GLU A 18 0.16 -6.31 -10.57
C GLU A 18 -0.90 -6.18 -11.67
N ASP A 19 -2.06 -5.67 -11.29
CA ASP A 19 -3.15 -5.49 -12.23
C ASP A 19 -3.87 -4.17 -11.92
N VAL A 20 -4.59 -3.69 -12.91
CA VAL A 20 -5.33 -2.45 -12.76
C VAL A 20 -6.68 -2.56 -13.48
N THR A 21 -7.73 -2.19 -12.77
CA THR A 21 -9.07 -2.25 -13.33
C THR A 21 -9.53 -0.86 -13.77
N ASP A 22 -10.85 -0.70 -13.86
CA ASP A 22 -11.43 0.56 -14.26
C ASP A 22 -11.67 1.43 -13.01
N THR A 23 -12.04 0.76 -11.93
CA THR A 23 -12.31 1.46 -10.68
C THR A 23 -11.59 0.76 -9.53
N THR A 24 -10.74 -0.20 -9.88
CA THR A 24 -10.00 -0.96 -8.89
C THR A 24 -8.58 -1.23 -9.39
N THR A 25 -7.71 -1.55 -8.44
CA THR A 25 -6.33 -1.84 -8.76
C THR A 25 -5.76 -2.87 -7.80
N THR A 26 -4.86 -3.69 -8.31
CA THR A 26 -4.23 -4.73 -7.51
C THR A 26 -2.82 -4.30 -7.09
N LEU A 27 -2.42 -4.74 -5.91
CA LEU A 27 -1.10 -4.40 -5.39
C LEU A 27 -0.46 -5.66 -4.81
N LYS A 28 0.86 -5.66 -4.77
CA LYS A 28 1.60 -6.79 -4.24
C LYS A 28 2.91 -6.29 -3.63
N TRP A 29 3.07 -6.55 -2.35
CA TRP A 29 4.26 -6.13 -1.63
C TRP A 29 4.83 -7.36 -0.90
N ARG A 30 5.95 -7.13 -0.22
CA ARG A 30 6.60 -8.20 0.52
C ARG A 30 6.74 -7.82 1.98
N PRO A 31 6.79 -8.87 2.86
CA PRO A 31 6.93 -8.65 4.28
C PRO A 31 8.36 -8.23 4.65
N PRO A 32 8.49 -7.59 5.84
CA PRO A 32 9.79 -7.14 6.31
C PRO A 32 10.63 -8.32 6.80
N ASP A 33 11.87 -8.01 7.15
CA ASP A 33 12.79 -9.02 7.63
C ASP A 33 12.88 -8.93 9.17
N ARG A 34 12.81 -7.71 9.65
CA ARG A 34 12.89 -7.47 11.09
C ARG A 34 11.49 -7.18 11.65
N ILE A 35 10.73 -8.25 11.82
CA ILE A 35 9.38 -8.13 12.36
C ILE A 35 9.44 -7.58 13.78
N GLY A 36 10.10 -8.33 14.64
CA GLY A 36 10.24 -7.91 16.04
C GLY A 36 9.55 -8.90 16.97
N ALA A 37 8.89 -8.35 17.98
CA ALA A 37 8.18 -9.17 18.95
C ALA A 37 6.67 -8.95 18.78
N GLY A 38 5.94 -10.05 18.87
CA GLY A 38 4.49 -10.00 18.73
C GLY A 38 4.07 -10.28 17.29
N GLY A 39 4.54 -9.43 16.39
CA GLY A 39 4.22 -9.58 14.98
C GLY A 39 3.57 -8.31 14.43
N ILE A 40 3.43 -8.27 13.11
CA ILE A 40 2.82 -7.12 12.46
C ILE A 40 1.31 -7.33 12.38
N ASP A 41 0.58 -6.29 12.75
CA ASP A 41 -0.87 -6.34 12.73
C ASP A 41 -1.35 -6.43 11.28
N GLY A 42 -0.74 -5.62 10.43
CA GLY A 42 -1.09 -5.61 9.03
C GLY A 42 -0.50 -4.38 8.32
N TYR A 43 -1.06 -4.08 7.16
CA TYR A 43 -0.61 -2.94 6.39
C TYR A 43 -1.78 -2.03 6.01
N LEU A 44 -1.52 -0.73 6.06
CA LEU A 44 -2.54 0.25 5.72
C LEU A 44 -2.25 0.82 4.34
N VAL A 45 -3.19 0.62 3.43
CA VAL A 45 -3.05 1.11 2.07
C VAL A 45 -3.77 2.46 1.94
N GLU A 46 -3.03 3.44 1.45
CA GLU A 46 -3.57 4.77 1.28
C GLU A 46 -3.12 5.36 -0.06
N TYR A 47 -4.05 6.05 -0.72
CA TYR A 47 -3.76 6.67 -2.00
C TYR A 47 -3.97 8.18 -1.94
N CYS A 48 -3.18 8.89 -2.73
CA CYS A 48 -3.28 10.34 -2.78
C CYS A 48 -3.55 10.75 -4.23
N LEU A 49 -4.72 11.34 -4.44
CA LEU A 49 -5.12 11.78 -5.77
C LEU A 49 -4.14 12.85 -6.25
N GLU A 50 -3.77 12.75 -7.52
CA GLU A 50 -2.85 13.70 -8.11
C GLU A 50 -3.32 15.14 -7.84
N GLY A 51 -2.39 15.96 -7.36
CA GLY A 51 -2.69 17.34 -7.07
C GLY A 51 -3.10 17.51 -5.60
N SER A 52 -3.74 16.48 -5.07
CA SER A 52 -4.18 16.50 -3.69
C SER A 52 -3.02 16.16 -2.76
N GLU A 53 -3.13 16.61 -1.52
CA GLU A 53 -2.11 16.36 -0.53
C GLU A 53 -2.66 15.54 0.63
N GLU A 54 -3.82 14.94 0.38
CA GLU A 54 -4.47 14.12 1.39
C GLU A 54 -4.48 12.65 0.95
N TRP A 55 -3.80 11.83 1.73
CA TRP A 55 -3.73 10.41 1.44
C TRP A 55 -4.96 9.74 2.05
N VAL A 56 -5.82 9.25 1.16
CA VAL A 56 -7.04 8.58 1.59
C VAL A 56 -6.74 7.11 1.85
N PRO A 57 -7.39 6.57 2.92
CA PRO A 57 -7.20 5.18 3.30
C PRO A 57 -7.95 4.25 2.34
N ALA A 58 -7.19 3.48 1.58
CA ALA A 58 -7.77 2.56 0.62
C ALA A 58 -8.54 1.47 1.38
N ASN A 59 -7.92 1.00 2.45
CA ASN A 59 -8.53 -0.05 3.27
C ASN A 59 -8.72 0.48 4.69
N LYS A 60 -9.98 0.60 5.09
CA LYS A 60 -10.30 1.08 6.42
C LYS A 60 -9.46 0.33 7.45
N GLU A 61 -9.29 -0.96 7.20
CA GLU A 61 -8.51 -1.80 8.10
C GLU A 61 -7.29 -2.37 7.37
N PRO A 62 -6.21 -2.63 8.16
CA PRO A 62 -4.99 -3.17 7.60
C PRO A 62 -5.15 -4.66 7.27
N VAL A 63 -4.73 -5.01 6.06
CA VAL A 63 -4.82 -6.39 5.61
C VAL A 63 -3.67 -7.20 6.23
N GLU A 64 -3.80 -8.51 6.13
CA GLU A 64 -2.78 -9.40 6.66
C GLU A 64 -1.84 -9.88 5.55
N ARG A 65 -2.43 -10.15 4.39
CA ARG A 65 -1.66 -10.60 3.25
C ARG A 65 -0.76 -9.48 2.73
N CYS A 66 0.17 -9.86 1.87
CA CYS A 66 1.10 -8.90 1.30
C CYS A 66 0.51 -8.40 -0.03
N GLY A 67 -0.61 -7.70 0.09
CA GLY A 67 -1.28 -7.16 -1.09
C GLY A 67 -2.71 -6.73 -0.75
N PHE A 68 -3.31 -6.03 -1.70
CA PHE A 68 -4.67 -5.55 -1.52
C PHE A 68 -5.26 -5.05 -2.85
N THR A 69 -6.55 -4.76 -2.82
CA THR A 69 -7.23 -4.27 -4.00
C THR A 69 -8.03 -3.01 -3.67
N VAL A 70 -7.62 -1.90 -4.28
CA VAL A 70 -8.31 -0.63 -4.06
C VAL A 70 -9.54 -0.56 -4.96
N LYS A 71 -10.50 0.25 -4.52
CA LYS A 71 -11.72 0.43 -5.27
C LYS A 71 -12.13 1.91 -5.25
N ASP A 72 -13.17 2.22 -6.01
CA ASP A 72 -13.65 3.58 -6.09
C ASP A 72 -12.50 4.51 -6.47
N LEU A 73 -12.22 4.56 -7.76
CA LEU A 73 -11.15 5.40 -8.27
C LEU A 73 -11.58 6.03 -9.59
N PRO A 74 -11.10 7.28 -9.83
CA PRO A 74 -11.43 8.00 -11.04
C PRO A 74 -10.66 7.44 -12.24
N THR A 75 -11.42 6.94 -13.21
CA THR A 75 -10.82 6.38 -14.40
C THR A 75 -10.01 7.44 -15.15
N GLY A 76 -8.71 7.19 -15.24
CA GLY A 76 -7.83 8.11 -15.93
C GLY A 76 -7.31 9.19 -14.97
N ALA A 77 -6.88 8.75 -13.81
CA ALA A 77 -6.36 9.66 -12.80
C ALA A 77 -5.07 9.11 -12.22
N ARG A 78 -4.06 9.96 -12.20
CA ARG A 78 -2.75 9.57 -11.67
C ARG A 78 -2.78 9.55 -10.15
N ILE A 79 -3.08 8.38 -9.61
CA ILE A 79 -3.14 8.22 -8.16
C ILE A 79 -1.90 7.45 -7.69
N LEU A 80 -1.38 7.89 -6.55
CA LEU A 80 -0.20 7.25 -5.98
C LEU A 80 -0.62 6.39 -4.79
N PHE A 81 -0.16 5.15 -4.81
CA PHE A 81 -0.48 4.21 -3.74
C PHE A 81 0.71 4.03 -2.80
N ARG A 82 0.39 3.79 -1.53
CA ARG A 82 1.42 3.60 -0.52
C ARG A 82 0.95 2.57 0.51
N VAL A 83 1.90 1.75 0.93
CA VAL A 83 1.62 0.72 1.92
C VAL A 83 2.46 0.96 3.17
N VAL A 84 1.79 0.99 4.31
CA VAL A 84 2.46 1.21 5.57
C VAL A 84 2.07 0.10 6.55
N GLY A 85 3.09 -0.53 7.11
CA GLY A 85 2.87 -1.61 8.07
C GLY A 85 2.51 -1.05 9.45
N VAL A 86 1.27 -1.27 9.84
CA VAL A 86 0.79 -0.79 11.13
C VAL A 86 1.21 -1.78 12.21
N ASN A 87 1.28 -1.28 13.43
CA ASN A 87 1.66 -2.11 14.57
C ASN A 87 1.49 -1.31 15.86
N ILE A 88 1.69 -2.00 16.98
CA ILE A 88 1.57 -1.36 18.28
C ILE A 88 2.44 -0.10 18.32
N ALA A 89 3.54 -0.17 17.57
CA ALA A 89 4.46 0.96 17.52
C ALA A 89 3.85 2.07 16.67
N GLY A 90 2.94 1.67 15.80
CA GLY A 90 2.27 2.62 14.92
C GLY A 90 2.47 2.24 13.44
N ARG A 91 2.72 3.26 12.64
CA ARG A 91 2.93 3.05 11.22
C ARG A 91 4.43 3.02 10.90
N SER A 92 4.73 2.62 9.68
CA SER A 92 6.11 2.54 9.23
C SER A 92 6.29 3.28 7.91
N GLU A 93 7.54 3.52 7.55
CA GLU A 93 7.85 4.22 6.32
C GLU A 93 6.95 3.73 5.19
N PRO A 94 6.30 4.70 4.49
CA PRO A 94 5.41 4.38 3.39
C PRO A 94 6.20 3.97 2.15
N ALA A 95 5.89 2.78 1.65
CA ALA A 95 6.56 2.26 0.48
C ALA A 95 5.90 2.84 -0.78
N THR A 96 5.79 4.16 -0.80
CA THR A 96 5.18 4.84 -1.93
C THR A 96 5.62 4.20 -3.24
N LEU A 97 4.70 4.19 -4.20
CA LEU A 97 4.98 3.61 -5.50
C LEU A 97 5.99 4.49 -6.24
N LEU A 98 6.77 3.85 -7.09
CA LEU A 98 7.78 4.56 -7.87
C LEU A 98 7.10 5.35 -8.99
N GLN A 99 5.91 4.88 -9.35
CA GLN A 99 5.15 5.53 -10.41
C GLN A 99 3.65 5.51 -10.06
N PRO A 100 2.94 6.56 -10.54
CA PRO A 100 1.51 6.68 -10.30
C PRO A 100 0.72 5.70 -11.18
N VAL A 101 -0.57 5.63 -10.93
CA VAL A 101 -1.44 4.75 -11.70
C VAL A 101 -2.52 5.58 -12.40
N THR A 102 -2.71 5.27 -13.67
CA THR A 102 -3.71 5.98 -14.47
C THR A 102 -5.10 5.42 -14.19
N ILE A 103 -5.13 4.19 -13.71
CA ILE A 103 -6.39 3.53 -13.40
C ILE A 103 -7.16 3.28 -14.70
N ARG A 104 -7.09 2.04 -15.17
CA ARG A 104 -7.76 1.66 -16.40
C ARG A 104 -7.55 0.17 -16.67
N GLU A 105 -8.57 -0.44 -17.27
CA GLU A 105 -8.51 -1.86 -17.60
C GLU A 105 -8.14 -2.05 -19.07
N SER A 106 -7.54 -3.20 -19.35
CA SER A 106 -7.12 -3.52 -20.70
C SER A 106 -6.77 -5.00 -20.80
N GLY A 107 -7.78 -5.81 -21.06
CA GLY A 107 -7.58 -7.25 -21.19
C GLY A 107 -8.92 -7.97 -21.33
N PRO A 108 -9.00 -8.83 -22.39
CA PRO A 108 -10.21 -9.59 -22.65
C PRO A 108 -10.37 -10.74 -21.65
N SER A 109 -11.62 -11.01 -21.31
CA SER A 109 -11.92 -12.08 -20.38
C SER A 109 -12.16 -13.40 -21.13
N SER A 110 -11.66 -14.47 -20.54
CA SER A 110 -11.81 -15.78 -21.15
C SER A 110 -11.71 -16.87 -20.07
N GLY A 111 -12.42 -17.97 -20.31
CA GLY A 111 -12.41 -19.07 -19.38
C GLY A 111 -11.11 -19.89 -19.50
N GLY A 1 18.49 7.15 23.42
CA GLY A 1 19.94 7.00 23.41
C GLY A 1 20.37 5.78 24.24
N SER A 2 20.53 6.02 25.52
CA SER A 2 20.94 4.96 26.43
C SER A 2 19.71 4.33 27.08
N SER A 3 19.10 3.41 26.34
CA SER A 3 17.91 2.72 26.83
C SER A 3 17.61 1.51 25.95
N GLY A 4 17.37 1.80 24.67
CA GLY A 4 17.07 0.74 23.71
C GLY A 4 15.56 0.67 23.44
N SER A 5 15.23 0.48 22.17
CA SER A 5 13.85 0.39 21.76
C SER A 5 13.71 -0.52 20.54
N SER A 6 12.49 -0.99 20.33
CA SER A 6 12.23 -1.88 19.21
C SER A 6 11.91 -1.06 17.95
N GLY A 7 10.80 -0.34 18.03
CA GLY A 7 10.37 0.50 16.92
C GLY A 7 9.40 -0.26 16.00
N PRO A 8 8.88 0.47 14.98
CA PRO A 8 7.94 -0.12 14.04
C PRO A 8 8.66 -1.03 13.06
N THR A 9 7.98 -2.10 12.68
CA THR A 9 8.54 -3.06 11.75
C THR A 9 9.17 -2.33 10.55
N SER A 10 10.02 -3.06 9.84
CA SER A 10 10.69 -2.51 8.68
C SER A 10 9.67 -2.26 7.55
N ALA A 11 9.72 -1.05 7.01
CA ALA A 11 8.82 -0.67 5.94
C ALA A 11 8.74 -1.82 4.93
N PRO A 12 7.63 -1.80 4.13
CA PRO A 12 7.42 -2.83 3.13
C PRO A 12 8.34 -2.61 1.92
N GLN A 13 8.54 -3.69 1.18
CA GLN A 13 9.40 -3.63 0.00
C GLN A 13 8.81 -4.50 -1.12
N HIS A 14 9.27 -4.22 -2.33
CA HIS A 14 8.81 -4.96 -3.49
C HIS A 14 7.32 -4.68 -3.71
N LEU A 15 6.96 -3.40 -3.61
CA LEU A 15 5.58 -3.00 -3.79
C LEU A 15 5.39 -2.49 -5.23
N THR A 16 4.69 -3.31 -6.01
CA THR A 16 4.42 -2.96 -7.40
C THR A 16 2.96 -3.22 -7.75
N VAL A 17 2.58 -2.78 -8.94
CA VAL A 17 1.21 -2.96 -9.41
C VAL A 17 1.12 -4.26 -10.22
N GLU A 18 0.42 -5.23 -9.66
CA GLU A 18 0.25 -6.50 -10.33
C GLU A 18 -0.73 -6.37 -11.50
N ASP A 19 -1.87 -5.76 -11.21
CA ASP A 19 -2.89 -5.57 -12.23
C ASP A 19 -3.61 -4.24 -11.97
N VAL A 20 -4.29 -3.77 -13.00
CA VAL A 20 -5.03 -2.51 -12.90
C VAL A 20 -6.39 -2.68 -13.57
N THR A 21 -7.43 -2.31 -12.84
CA THR A 21 -8.78 -2.40 -13.35
C THR A 21 -9.27 -1.03 -13.83
N ASP A 22 -10.59 -0.89 -13.88
CA ASP A 22 -11.19 0.36 -14.31
C ASP A 22 -11.52 1.21 -13.09
N THR A 23 -12.06 0.55 -12.07
CA THR A 23 -12.42 1.23 -10.84
C THR A 23 -11.71 0.59 -9.65
N THR A 24 -10.76 -0.26 -9.96
CA THR A 24 -10.00 -0.95 -8.92
C THR A 24 -8.55 -1.16 -9.37
N THR A 25 -7.73 -1.58 -8.42
CA THR A 25 -6.32 -1.81 -8.71
C THR A 25 -5.75 -2.84 -7.73
N THR A 26 -4.81 -3.63 -8.22
CA THR A 26 -4.17 -4.66 -7.41
C THR A 26 -2.77 -4.22 -7.00
N LEU A 27 -2.40 -4.59 -5.79
CA LEU A 27 -1.08 -4.24 -5.27
C LEU A 27 -0.47 -5.46 -4.58
N LYS A 28 0.83 -5.61 -4.76
CA LYS A 28 1.55 -6.72 -4.16
C LYS A 28 2.87 -6.21 -3.56
N TRP A 29 3.10 -6.58 -2.30
CA TRP A 29 4.30 -6.18 -1.61
C TRP A 29 4.89 -7.41 -0.92
N ARG A 30 5.97 -7.19 -0.19
CA ARG A 30 6.63 -8.27 0.52
C ARG A 30 6.82 -7.89 2.00
N PRO A 31 6.90 -8.93 2.85
CA PRO A 31 7.09 -8.72 4.28
C PRO A 31 8.53 -8.31 4.59
N PRO A 32 8.70 -7.65 5.76
CA PRO A 32 10.02 -7.21 6.19
C PRO A 32 10.86 -8.37 6.69
N ASP A 33 12.10 -8.07 7.03
CA ASP A 33 13.01 -9.08 7.52
C ASP A 33 13.17 -8.93 9.03
N ARG A 34 13.06 -7.69 9.49
CA ARG A 34 13.20 -7.40 10.91
C ARG A 34 11.82 -7.13 11.52
N ILE A 35 11.09 -8.21 11.77
CA ILE A 35 9.76 -8.10 12.35
C ILE A 35 9.88 -7.59 13.78
N GLY A 36 10.63 -8.35 14.58
CA GLY A 36 10.83 -7.99 15.98
C GLY A 36 10.20 -9.04 16.90
N ALA A 37 9.22 -8.59 17.67
CA ALA A 37 8.53 -9.47 18.60
C ALA A 37 7.02 -9.34 18.40
N GLY A 38 6.34 -10.46 18.57
CA GLY A 38 4.89 -10.48 18.40
C GLY A 38 4.50 -10.72 16.94
N GLY A 39 4.84 -9.75 16.10
CA GLY A 39 4.53 -9.86 14.68
C GLY A 39 3.94 -8.55 14.16
N ILE A 40 3.48 -8.60 12.92
CA ILE A 40 2.88 -7.44 12.29
C ILE A 40 1.36 -7.62 12.23
N ASP A 41 0.66 -6.54 12.52
CA ASP A 41 -0.80 -6.57 12.50
C ASP A 41 -1.28 -6.62 11.05
N GLY A 42 -0.64 -5.82 10.21
CA GLY A 42 -0.99 -5.77 8.80
C GLY A 42 -0.39 -4.54 8.13
N TYR A 43 -1.14 -3.99 7.18
CA TYR A 43 -0.68 -2.81 6.47
C TYR A 43 -1.85 -1.88 6.14
N LEU A 44 -1.55 -0.59 6.08
CA LEU A 44 -2.57 0.40 5.79
C LEU A 44 -2.31 0.99 4.40
N VAL A 45 -3.19 0.64 3.47
CA VAL A 45 -3.07 1.14 2.11
C VAL A 45 -3.81 2.47 1.98
N GLU A 46 -3.11 3.44 1.40
CA GLU A 46 -3.69 4.76 1.22
C GLU A 46 -3.22 5.36 -0.11
N TYR A 47 -4.12 6.06 -0.76
CA TYR A 47 -3.82 6.69 -2.04
C TYR A 47 -4.07 8.20 -1.98
N CYS A 48 -3.25 8.93 -2.71
CA CYS A 48 -3.36 10.38 -2.75
C CYS A 48 -3.55 10.81 -4.21
N LEU A 49 -4.73 11.31 -4.50
CA LEU A 49 -5.06 11.76 -5.84
C LEU A 49 -4.07 12.86 -6.26
N GLU A 50 -3.64 12.77 -7.50
CA GLU A 50 -2.69 13.75 -8.03
C GLU A 50 -3.25 15.17 -7.86
N GLY A 51 -2.58 15.93 -7.00
CA GLY A 51 -3.00 17.30 -6.74
C GLY A 51 -3.70 17.40 -5.39
N SER A 52 -3.52 16.37 -4.59
CA SER A 52 -4.13 16.34 -3.26
C SER A 52 -3.03 16.27 -2.19
N GLU A 53 -3.34 16.84 -1.03
CA GLU A 53 -2.40 16.85 0.07
C GLU A 53 -2.92 15.97 1.21
N GLU A 54 -3.96 15.20 0.90
CA GLU A 54 -4.55 14.32 1.88
C GLU A 54 -4.60 12.89 1.33
N TRP A 55 -3.92 11.99 2.04
CA TRP A 55 -3.88 10.59 1.63
C TRP A 55 -5.16 9.92 2.14
N VAL A 56 -5.93 9.41 1.19
CA VAL A 56 -7.18 8.73 1.53
C VAL A 56 -6.89 7.27 1.83
N PRO A 57 -7.62 6.75 2.86
CA PRO A 57 -7.45 5.35 3.26
C PRO A 57 -8.12 4.41 2.26
N ALA A 58 -7.33 3.49 1.75
CA ALA A 58 -7.83 2.52 0.79
C ALA A 58 -8.54 1.39 1.52
N ASN A 59 -7.91 0.94 2.60
CA ASN A 59 -8.48 -0.14 3.41
C ASN A 59 -8.68 0.36 4.85
N LYS A 60 -9.94 0.36 5.26
CA LYS A 60 -10.27 0.81 6.60
C LYS A 60 -9.41 0.05 7.62
N GLU A 61 -9.35 -1.25 7.45
CA GLU A 61 -8.56 -2.09 8.34
C GLU A 61 -7.32 -2.61 7.62
N PRO A 62 -6.30 -2.99 8.43
CA PRO A 62 -5.06 -3.51 7.88
C PRO A 62 -5.24 -4.94 7.38
N VAL A 63 -4.81 -5.16 6.15
CA VAL A 63 -4.92 -6.48 5.54
C VAL A 63 -3.86 -7.40 6.16
N GLU A 64 -4.01 -8.69 5.87
CA GLU A 64 -3.09 -9.68 6.39
C GLU A 64 -2.18 -10.19 5.26
N ARG A 65 -2.75 -10.27 4.07
CA ARG A 65 -2.01 -10.73 2.91
C ARG A 65 -0.93 -9.73 2.52
N CYS A 66 -0.12 -10.11 1.55
CA CYS A 66 0.95 -9.26 1.09
C CYS A 66 0.47 -8.49 -0.15
N GLY A 67 -0.77 -8.00 -0.05
CA GLY A 67 -1.36 -7.25 -1.14
C GLY A 67 -2.80 -6.85 -0.81
N PHE A 68 -3.36 -6.00 -1.66
CA PHE A 68 -4.71 -5.53 -1.47
C PHE A 68 -5.30 -5.00 -2.78
N THR A 69 -6.59 -4.69 -2.73
CA THR A 69 -7.28 -4.17 -3.91
C THR A 69 -8.08 -2.92 -3.54
N VAL A 70 -7.72 -1.82 -4.18
CA VAL A 70 -8.39 -0.56 -3.93
C VAL A 70 -9.61 -0.45 -4.85
N LYS A 71 -10.60 0.28 -4.38
CA LYS A 71 -11.82 0.47 -5.14
C LYS A 71 -12.17 1.96 -5.18
N ASP A 72 -13.15 2.28 -6.02
CA ASP A 72 -13.58 3.66 -6.17
C ASP A 72 -12.39 4.53 -6.58
N LEU A 73 -12.21 4.64 -7.88
CA LEU A 73 -11.11 5.43 -8.42
C LEU A 73 -11.53 6.02 -9.78
N PRO A 74 -11.05 7.27 -10.03
CA PRO A 74 -11.36 7.94 -11.28
C PRO A 74 -10.55 7.37 -12.44
N THR A 75 -11.28 6.83 -13.42
CA THR A 75 -10.65 6.24 -14.58
C THR A 75 -9.81 7.28 -15.32
N GLY A 76 -8.50 7.04 -15.33
CA GLY A 76 -7.58 7.95 -15.99
C GLY A 76 -7.14 9.07 -15.05
N ALA A 77 -6.70 8.67 -13.87
CA ALA A 77 -6.25 9.63 -12.88
C ALA A 77 -4.97 9.10 -12.21
N ARG A 78 -3.97 9.97 -12.15
CA ARG A 78 -2.70 9.61 -11.56
C ARG A 78 -2.84 9.51 -10.04
N ILE A 79 -3.00 8.28 -9.57
CA ILE A 79 -3.15 8.03 -8.16
C ILE A 79 -1.92 7.25 -7.65
N LEU A 80 -1.35 7.75 -6.57
CA LEU A 80 -0.19 7.12 -5.98
C LEU A 80 -0.62 6.26 -4.80
N PHE A 81 -0.20 5.00 -4.84
CA PHE A 81 -0.53 4.05 -3.79
C PHE A 81 0.66 3.82 -2.86
N ARG A 82 0.39 3.94 -1.57
CA ARG A 82 1.43 3.75 -0.57
C ARG A 82 0.96 2.75 0.49
N VAL A 83 1.86 1.84 0.83
CA VAL A 83 1.55 0.83 1.83
C VAL A 83 2.41 1.06 3.07
N VAL A 84 1.75 1.01 4.22
CA VAL A 84 2.45 1.22 5.49
C VAL A 84 2.07 0.10 6.46
N GLY A 85 3.09 -0.53 7.02
CA GLY A 85 2.88 -1.61 7.96
C GLY A 85 2.44 -1.07 9.32
N VAL A 86 1.31 -1.57 9.78
CA VAL A 86 0.76 -1.15 11.06
C VAL A 86 1.12 -2.20 12.12
N ASN A 87 1.12 -1.74 13.37
CA ASN A 87 1.44 -2.62 14.49
C ASN A 87 1.46 -1.81 15.78
N ILE A 88 1.67 -2.51 16.88
CA ILE A 88 1.72 -1.87 18.18
C ILE A 88 2.59 -0.61 18.10
N ALA A 89 3.74 -0.77 17.47
CA ALA A 89 4.67 0.33 17.31
C ALA A 89 3.93 1.53 16.70
N GLY A 90 3.15 1.23 15.68
CA GLY A 90 2.38 2.27 15.00
C GLY A 90 2.38 2.04 13.48
N ARG A 91 3.15 2.86 12.79
CA ARG A 91 3.24 2.76 11.34
C ARG A 91 4.71 2.83 10.90
N SER A 92 4.93 2.44 9.66
CA SER A 92 6.28 2.44 9.10
C SER A 92 6.31 3.30 7.83
N GLU A 93 7.52 3.50 7.32
CA GLU A 93 7.69 4.29 6.12
C GLU A 93 6.80 3.76 5.00
N PRO A 94 6.13 4.73 4.30
CA PRO A 94 5.24 4.39 3.21
C PRO A 94 6.03 3.98 1.97
N ALA A 95 5.78 2.74 1.53
CA ALA A 95 6.46 2.22 0.35
C ALA A 95 5.82 2.82 -0.90
N THR A 96 5.86 4.14 -0.98
CA THR A 96 5.29 4.84 -2.11
C THR A 96 5.70 4.16 -3.43
N LEU A 97 4.73 4.06 -4.33
CA LEU A 97 4.97 3.43 -5.61
C LEU A 97 5.98 4.27 -6.40
N LEU A 98 6.73 3.58 -7.24
CA LEU A 98 7.74 4.24 -8.06
C LEU A 98 7.05 5.25 -8.98
N GLN A 99 5.90 4.84 -9.50
CA GLN A 99 5.14 5.70 -10.39
C GLN A 99 3.64 5.59 -10.08
N PRO A 100 2.88 6.64 -10.51
CA PRO A 100 1.45 6.67 -10.28
C PRO A 100 0.72 5.72 -11.23
N VAL A 101 -0.57 5.58 -10.99
CA VAL A 101 -1.40 4.71 -11.82
C VAL A 101 -2.47 5.53 -12.52
N THR A 102 -2.64 5.27 -13.80
CA THR A 102 -3.62 5.97 -14.60
C THR A 102 -5.04 5.42 -14.32
N ILE A 103 -5.06 4.21 -13.79
CA ILE A 103 -6.32 3.57 -13.47
C ILE A 103 -7.09 3.29 -14.77
N ARG A 104 -7.01 2.06 -15.23
CA ARG A 104 -7.69 1.67 -16.44
C ARG A 104 -7.42 0.19 -16.75
N GLU A 105 -8.43 -0.46 -17.32
CA GLU A 105 -8.32 -1.87 -17.67
C GLU A 105 -7.91 -2.03 -19.13
N SER A 106 -7.54 -3.26 -19.48
CA SER A 106 -7.13 -3.54 -20.84
C SER A 106 -7.75 -4.86 -21.30
N GLY A 107 -8.66 -4.74 -22.27
CA GLY A 107 -9.33 -5.91 -22.81
C GLY A 107 -8.46 -6.61 -23.87
N PRO A 108 -8.54 -7.97 -23.86
CA PRO A 108 -7.77 -8.77 -24.80
C PRO A 108 -8.39 -8.70 -26.19
N SER A 109 -7.78 -9.44 -27.12
CA SER A 109 -8.26 -9.48 -28.48
C SER A 109 -8.06 -10.88 -29.07
N SER A 110 -9.03 -11.31 -29.85
CA SER A 110 -8.97 -12.62 -30.48
C SER A 110 -10.10 -12.77 -31.49
N GLY A 111 -9.72 -13.05 -32.73
CA GLY A 111 -10.69 -13.21 -33.80
C GLY A 111 -10.62 -14.62 -34.38
N GLY A 1 7.68 0.61 32.23
CA GLY A 1 9.09 0.62 32.54
C GLY A 1 9.92 0.49 31.26
N SER A 2 11.14 1.02 31.34
CA SER A 2 12.05 0.99 30.20
C SER A 2 12.45 -0.45 29.90
N SER A 3 12.43 -0.79 28.62
CA SER A 3 12.81 -2.13 28.19
C SER A 3 13.99 -2.06 27.22
N GLY A 4 13.79 -1.33 26.14
CA GLY A 4 14.83 -1.17 25.14
C GLY A 4 14.37 -0.26 24.00
N SER A 5 13.95 -0.88 22.91
CA SER A 5 13.48 -0.14 21.76
C SER A 5 13.10 -1.12 20.63
N SER A 6 11.85 -1.56 20.67
CA SER A 6 11.35 -2.49 19.68
C SER A 6 11.21 -1.77 18.33
N GLY A 7 10.40 -0.73 18.33
CA GLY A 7 10.17 0.04 17.11
C GLY A 7 9.23 -0.71 16.16
N PRO A 8 8.66 0.07 15.20
CA PRO A 8 7.74 -0.50 14.23
C PRO A 8 8.50 -1.30 13.17
N THR A 9 7.87 -2.38 12.72
CA THR A 9 8.47 -3.24 11.72
C THR A 9 9.01 -2.41 10.56
N SER A 10 9.99 -2.97 9.87
CA SER A 10 10.61 -2.30 8.75
C SER A 10 9.56 -2.05 7.65
N ALA A 11 9.64 -0.87 7.07
CA ALA A 11 8.71 -0.50 6.01
C ALA A 11 8.60 -1.65 5.01
N PRO A 12 7.48 -1.63 4.24
CA PRO A 12 7.24 -2.66 3.25
C PRO A 12 8.13 -2.47 2.03
N GLN A 13 8.31 -3.54 1.27
CA GLN A 13 9.12 -3.49 0.07
C GLN A 13 8.55 -4.43 -1.00
N HIS A 14 9.01 -4.23 -2.22
CA HIS A 14 8.56 -5.04 -3.34
C HIS A 14 7.10 -4.69 -3.65
N LEU A 15 6.77 -3.43 -3.46
CA LEU A 15 5.41 -2.97 -3.71
C LEU A 15 5.30 -2.51 -5.17
N THR A 16 4.51 -3.25 -5.93
CA THR A 16 4.30 -2.92 -7.33
C THR A 16 2.85 -3.19 -7.74
N VAL A 17 2.49 -2.69 -8.91
CA VAL A 17 1.15 -2.87 -9.42
C VAL A 17 1.09 -4.16 -10.24
N GLU A 18 0.24 -5.07 -9.79
CA GLU A 18 0.07 -6.34 -10.46
C GLU A 18 -0.96 -6.22 -11.59
N ASP A 19 -2.08 -5.59 -11.26
CA ASP A 19 -3.14 -5.40 -12.23
C ASP A 19 -3.85 -4.07 -11.95
N VAL A 20 -4.43 -3.51 -13.00
CA VAL A 20 -5.13 -2.25 -12.89
C VAL A 20 -6.47 -2.35 -13.62
N THR A 21 -7.54 -2.04 -12.88
CA THR A 21 -8.88 -2.10 -13.44
C THR A 21 -9.34 -0.70 -13.84
N ASP A 22 -10.66 -0.55 -13.91
CA ASP A 22 -11.25 0.72 -14.28
C ASP A 22 -11.43 1.57 -13.02
N THR A 23 -11.97 0.95 -11.99
CA THR A 23 -12.20 1.63 -10.73
C THR A 23 -11.54 0.87 -9.58
N THR A 24 -10.73 -0.11 -9.95
CA THR A 24 -10.03 -0.92 -8.97
C THR A 24 -8.61 -1.24 -9.44
N THR A 25 -7.75 -1.51 -8.46
CA THR A 25 -6.36 -1.82 -8.77
C THR A 25 -5.83 -2.88 -7.80
N THR A 26 -4.75 -3.52 -8.21
CA THR A 26 -4.14 -4.56 -7.39
C THR A 26 -2.72 -4.16 -6.99
N LEU A 27 -2.34 -4.56 -5.79
CA LEU A 27 -1.02 -4.24 -5.28
C LEU A 27 -0.40 -5.50 -4.65
N LYS A 28 0.92 -5.57 -4.73
CA LYS A 28 1.64 -6.70 -4.18
C LYS A 28 2.94 -6.22 -3.54
N TRP A 29 3.04 -6.41 -2.24
CA TRP A 29 4.22 -6.00 -1.50
C TRP A 29 4.79 -7.23 -0.79
N ARG A 30 5.91 -7.02 -0.13
CA ARG A 30 6.57 -8.11 0.60
C ARG A 30 6.79 -7.72 2.05
N PRO A 31 6.93 -8.76 2.91
CA PRO A 31 7.15 -8.53 4.34
C PRO A 31 8.58 -8.07 4.61
N PRO A 32 8.78 -7.47 5.80
CA PRO A 32 10.09 -6.98 6.20
C PRO A 32 11.01 -8.14 6.60
N ASP A 33 12.23 -7.80 6.95
CA ASP A 33 13.21 -8.79 7.36
C ASP A 33 13.44 -8.69 8.86
N ARG A 34 13.16 -7.51 9.40
CA ARG A 34 13.33 -7.28 10.82
C ARG A 34 11.98 -7.02 11.48
N ILE A 35 11.23 -8.09 11.66
CA ILE A 35 9.91 -7.99 12.27
C ILE A 35 10.06 -7.43 13.68
N GLY A 36 10.66 -8.24 14.55
CA GLY A 36 10.87 -7.84 15.93
C GLY A 36 10.25 -8.86 16.89
N ALA A 37 9.11 -8.49 17.45
CA ALA A 37 8.41 -9.35 18.38
C ALA A 37 6.91 -9.28 18.12
N GLY A 38 6.21 -10.31 18.58
CA GLY A 38 4.77 -10.38 18.40
C GLY A 38 4.41 -10.72 16.95
N GLY A 39 4.80 -9.82 16.06
CA GLY A 39 4.53 -10.02 14.64
C GLY A 39 3.66 -8.88 14.09
N ILE A 40 4.01 -8.44 12.89
CA ILE A 40 3.27 -7.36 12.24
C ILE A 40 1.77 -7.63 12.38
N ASP A 41 1.02 -6.55 12.48
CA ASP A 41 -0.42 -6.65 12.61
C ASP A 41 -1.06 -6.61 11.21
N GLY A 42 -0.47 -5.80 10.35
CA GLY A 42 -0.97 -5.66 9.00
C GLY A 42 -0.42 -4.40 8.33
N TYR A 43 -0.93 -4.12 7.14
CA TYR A 43 -0.51 -2.95 6.40
C TYR A 43 -1.71 -2.09 6.01
N LEU A 44 -1.49 -0.78 6.03
CA LEU A 44 -2.54 0.16 5.68
C LEU A 44 -2.25 0.75 4.30
N VAL A 45 -3.19 0.53 3.39
CA VAL A 45 -3.05 1.02 2.03
C VAL A 45 -3.81 2.35 1.91
N GLU A 46 -3.14 3.30 1.25
CA GLU A 46 -3.73 4.62 1.05
C GLU A 46 -3.20 5.24 -0.24
N TYR A 47 -4.05 6.06 -0.86
CA TYR A 47 -3.68 6.72 -2.10
C TYR A 47 -3.94 8.23 -2.01
N CYS A 48 -3.13 8.98 -2.74
CA CYS A 48 -3.28 10.43 -2.75
C CYS A 48 -3.48 10.88 -4.21
N LEU A 49 -4.65 11.45 -4.45
CA LEU A 49 -4.98 11.92 -5.78
C LEU A 49 -4.01 13.05 -6.18
N GLU A 50 -3.55 12.96 -7.42
CA GLU A 50 -2.62 13.95 -7.93
C GLU A 50 -3.13 15.37 -7.64
N GLY A 51 -2.37 16.09 -6.84
CA GLY A 51 -2.73 17.45 -6.47
C GLY A 51 -3.18 17.52 -5.01
N SER A 52 -3.63 16.38 -4.50
CA SER A 52 -4.08 16.31 -3.13
C SER A 52 -2.88 16.15 -2.19
N GLU A 53 -3.09 16.52 -0.93
CA GLU A 53 -2.04 16.42 0.07
C GLU A 53 -2.48 15.52 1.22
N GLU A 54 -3.56 14.78 0.97
CA GLU A 54 -4.09 13.87 1.97
C GLU A 54 -4.25 12.47 1.38
N TRP A 55 -3.66 11.50 2.06
CA TRP A 55 -3.73 10.12 1.61
C TRP A 55 -5.04 9.51 2.13
N VAL A 56 -5.82 9.01 1.20
CA VAL A 56 -7.10 8.40 1.55
C VAL A 56 -6.88 6.93 1.92
N PRO A 57 -7.57 6.51 3.01
CA PRO A 57 -7.46 5.14 3.48
C PRO A 57 -8.23 4.18 2.56
N ALA A 58 -7.48 3.36 1.86
CA ALA A 58 -8.08 2.39 0.95
C ALA A 58 -8.83 1.33 1.76
N ASN A 59 -8.18 0.88 2.83
CA ASN A 59 -8.77 -0.13 3.69
C ASN A 59 -8.90 0.44 5.11
N LYS A 60 -10.13 0.49 5.58
CA LYS A 60 -10.40 1.00 6.92
C LYS A 60 -9.59 0.20 7.93
N GLU A 61 -9.36 -1.06 7.59
CA GLU A 61 -8.59 -1.94 8.47
C GLU A 61 -7.38 -2.50 7.73
N PRO A 62 -6.34 -2.86 8.53
CA PRO A 62 -5.11 -3.40 7.96
C PRO A 62 -5.31 -4.85 7.52
N VAL A 63 -4.76 -5.16 6.36
CA VAL A 63 -4.87 -6.51 5.82
C VAL A 63 -3.79 -7.39 6.44
N GLU A 64 -3.83 -8.67 6.08
CA GLU A 64 -2.86 -9.63 6.59
C GLU A 64 -1.90 -10.05 5.48
N ARG A 65 -2.47 -10.30 4.31
CA ARG A 65 -1.67 -10.71 3.17
C ARG A 65 -0.69 -9.61 2.78
N CYS A 66 0.08 -9.89 1.73
CA CYS A 66 1.07 -8.93 1.26
C CYS A 66 0.52 -8.27 -0.01
N GLY A 67 -0.68 -7.74 0.10
CA GLY A 67 -1.32 -7.09 -1.03
C GLY A 67 -2.77 -6.71 -0.69
N PHE A 68 -3.36 -5.92 -1.58
CA PHE A 68 -4.73 -5.47 -1.39
C PHE A 68 -5.30 -4.90 -2.69
N THR A 69 -6.61 -4.76 -2.71
CA THR A 69 -7.30 -4.22 -3.88
C THR A 69 -8.06 -2.94 -3.52
N VAL A 70 -7.80 -1.90 -4.27
CA VAL A 70 -8.46 -0.62 -4.04
C VAL A 70 -9.69 -0.50 -4.96
N LYS A 71 -10.64 0.30 -4.51
CA LYS A 71 -11.86 0.50 -5.27
C LYS A 71 -12.26 1.98 -5.21
N ASP A 72 -13.26 2.32 -6.00
CA ASP A 72 -13.74 3.70 -6.05
C ASP A 72 -12.59 4.62 -6.45
N LEU A 73 -12.24 4.57 -7.73
CA LEU A 73 -11.17 5.40 -8.25
C LEU A 73 -11.59 5.97 -9.60
N PRO A 74 -11.11 7.21 -9.87
CA PRO A 74 -11.42 7.89 -11.12
C PRO A 74 -10.63 7.29 -12.28
N THR A 75 -11.37 6.77 -13.25
CA THR A 75 -10.75 6.16 -14.42
C THR A 75 -9.97 7.21 -15.21
N GLY A 76 -8.68 6.95 -15.37
CA GLY A 76 -7.82 7.86 -16.10
C GLY A 76 -7.31 8.98 -15.20
N ALA A 77 -6.88 8.59 -14.01
CA ALA A 77 -6.38 9.56 -13.04
C ALA A 77 -5.09 9.02 -12.43
N ARG A 78 -4.07 9.88 -12.40
CA ARG A 78 -2.79 9.51 -11.84
C ARG A 78 -2.84 9.53 -10.31
N ILE A 79 -3.02 8.34 -9.74
CA ILE A 79 -3.09 8.21 -8.30
C ILE A 79 -1.88 7.40 -7.81
N LEU A 80 -1.37 7.82 -6.66
CA LEU A 80 -0.22 7.15 -6.07
C LEU A 80 -0.70 6.21 -4.95
N PHE A 81 -0.04 5.06 -4.88
CA PHE A 81 -0.39 4.07 -3.87
C PHE A 81 0.78 3.84 -2.91
N ARG A 82 0.46 3.87 -1.62
CA ARG A 82 1.47 3.66 -0.60
C ARG A 82 0.98 2.63 0.42
N VAL A 83 1.90 1.79 0.85
CA VAL A 83 1.58 0.76 1.83
C VAL A 83 2.43 0.97 3.08
N VAL A 84 1.76 1.05 4.22
CA VAL A 84 2.44 1.24 5.49
C VAL A 84 2.07 0.10 6.45
N GLY A 85 3.10 -0.54 6.97
CA GLY A 85 2.90 -1.64 7.89
C GLY A 85 2.53 -1.13 9.29
N VAL A 86 1.31 -1.47 9.70
CA VAL A 86 0.83 -1.06 11.00
C VAL A 86 1.29 -2.06 12.06
N ASN A 87 1.31 -1.59 13.30
CA ASN A 87 1.73 -2.43 14.41
C ASN A 87 1.56 -1.66 15.72
N ILE A 88 1.76 -2.38 16.81
CA ILE A 88 1.63 -1.78 18.13
C ILE A 88 2.54 -0.55 18.22
N ALA A 89 3.64 -0.62 17.49
CA ALA A 89 4.59 0.49 17.47
C ALA A 89 4.01 1.65 16.66
N GLY A 90 3.02 1.33 15.83
CA GLY A 90 2.38 2.33 15.01
C GLY A 90 2.50 1.98 13.53
N ARG A 91 2.78 3.00 12.73
CA ARG A 91 2.91 2.82 11.29
C ARG A 91 4.38 2.97 10.88
N SER A 92 4.69 2.46 9.69
CA SER A 92 6.03 2.53 9.18
C SER A 92 6.08 3.42 7.94
N GLU A 93 7.28 3.58 7.39
CA GLU A 93 7.47 4.40 6.21
C GLU A 93 6.58 3.89 5.07
N PRO A 94 5.93 4.86 4.37
CA PRO A 94 5.06 4.51 3.25
C PRO A 94 5.88 4.12 2.01
N ALA A 95 5.69 2.88 1.58
CA ALA A 95 6.40 2.39 0.41
C ALA A 95 5.74 2.93 -0.86
N THR A 96 5.68 4.25 -0.93
CA THR A 96 5.08 4.91 -2.08
C THR A 96 5.54 4.25 -3.38
N LEU A 97 4.66 4.27 -4.36
CA LEU A 97 4.97 3.66 -5.65
C LEU A 97 5.95 4.57 -6.40
N LEU A 98 6.87 3.92 -7.11
CA LEU A 98 7.86 4.66 -7.88
C LEU A 98 7.16 5.46 -8.97
N GLN A 99 5.97 5.00 -9.35
CA GLN A 99 5.20 5.66 -10.38
C GLN A 99 3.71 5.58 -10.05
N PRO A 100 2.96 6.64 -10.48
CA PRO A 100 1.53 6.69 -10.23
C PRO A 100 0.78 5.76 -11.17
N VAL A 101 -0.52 5.66 -10.95
CA VAL A 101 -1.36 4.80 -11.76
C VAL A 101 -2.47 5.64 -12.42
N THR A 102 -2.62 5.44 -13.71
CA THR A 102 -3.63 6.17 -14.46
C THR A 102 -5.02 5.59 -14.20
N ILE A 103 -5.02 4.35 -13.70
CA ILE A 103 -6.27 3.67 -13.40
C ILE A 103 -7.05 3.45 -14.70
N ARG A 104 -6.95 2.22 -15.20
CA ARG A 104 -7.63 1.86 -16.43
C ARG A 104 -7.55 0.36 -16.66
N GLU A 105 -8.60 -0.18 -17.26
CA GLU A 105 -8.65 -1.60 -17.55
C GLU A 105 -8.25 -1.87 -19.00
N SER A 106 -7.94 -3.12 -19.28
CA SER A 106 -7.54 -3.53 -20.62
C SER A 106 -8.76 -3.97 -21.43
N GLY A 107 -8.62 -3.88 -22.74
CA GLY A 107 -9.70 -4.27 -23.63
C GLY A 107 -9.95 -3.18 -24.68
N PRO A 108 -9.24 -3.31 -25.83
CA PRO A 108 -9.38 -2.35 -26.91
C PRO A 108 -10.70 -2.57 -27.67
N SER A 109 -11.06 -1.58 -28.47
CA SER A 109 -12.28 -1.64 -29.25
C SER A 109 -12.11 -0.86 -30.55
N SER A 110 -12.48 -1.50 -31.64
CA SER A 110 -12.38 -0.88 -32.95
C SER A 110 -11.09 -0.07 -33.05
N GLY A 111 -10.04 -0.73 -33.51
CA GLY A 111 -8.75 -0.09 -33.65
C GLY A 111 -7.84 -0.42 -32.47
N GLY A 1 26.87 -2.95 20.30
CA GLY A 1 26.42 -2.29 19.09
C GLY A 1 26.16 -0.80 19.34
N SER A 2 25.58 -0.16 18.34
CA SER A 2 25.28 1.26 18.44
C SER A 2 23.86 1.44 19.01
N SER A 3 23.57 2.68 19.38
CA SER A 3 22.27 3.00 19.95
C SER A 3 21.17 2.67 18.94
N GLY A 4 20.47 1.59 19.20
CA GLY A 4 19.39 1.16 18.32
C GLY A 4 18.24 0.53 19.13
N SER A 5 17.09 1.17 19.03
CA SER A 5 15.91 0.70 19.74
C SER A 5 14.80 0.35 18.74
N SER A 6 14.58 -0.94 18.56
CA SER A 6 13.56 -1.42 17.65
C SER A 6 12.24 -0.70 17.92
N GLY A 7 11.44 -0.56 16.87
CA GLY A 7 10.16 0.11 16.99
C GLY A 7 9.13 -0.53 16.03
N PRO A 8 8.63 0.32 15.09
CA PRO A 8 7.64 -0.14 14.13
C PRO A 8 8.30 -1.02 13.06
N THR A 9 7.62 -2.10 12.73
CA THR A 9 8.12 -3.02 11.72
C THR A 9 8.75 -2.25 10.55
N SER A 10 9.63 -2.93 9.84
CA SER A 10 10.31 -2.32 8.71
C SER A 10 9.30 -2.03 7.59
N ALA A 11 9.47 -0.86 6.98
CA ALA A 11 8.59 -0.46 5.90
C ALA A 11 8.49 -1.60 4.88
N PRO A 12 7.40 -1.54 4.07
CA PRO A 12 7.16 -2.55 3.06
C PRO A 12 8.09 -2.34 1.85
N GLN A 13 8.36 -3.44 1.17
CA GLN A 13 9.24 -3.39 0.01
C GLN A 13 8.67 -4.25 -1.13
N HIS A 14 9.22 -4.06 -2.31
CA HIS A 14 8.79 -4.81 -3.48
C HIS A 14 7.29 -4.55 -3.72
N LEU A 15 6.93 -3.28 -3.60
CA LEU A 15 5.55 -2.88 -3.81
C LEU A 15 5.37 -2.41 -5.26
N THR A 16 4.75 -3.27 -6.05
CA THR A 16 4.51 -2.95 -7.44
C THR A 16 3.02 -3.12 -7.78
N VAL A 17 2.68 -2.74 -9.00
CA VAL A 17 1.31 -2.85 -9.46
C VAL A 17 1.15 -4.11 -10.31
N GLU A 18 0.47 -5.09 -9.74
CA GLU A 18 0.25 -6.35 -10.43
C GLU A 18 -0.74 -6.15 -11.58
N ASP A 19 -1.92 -5.64 -11.23
CA ASP A 19 -2.95 -5.39 -12.21
C ASP A 19 -3.62 -4.05 -11.93
N VAL A 20 -4.50 -3.66 -12.84
CA VAL A 20 -5.21 -2.40 -12.69
C VAL A 20 -6.56 -2.51 -13.41
N THR A 21 -7.61 -2.07 -12.71
CA THR A 21 -8.94 -2.11 -13.26
C THR A 21 -9.40 -0.70 -13.66
N ASP A 22 -10.70 -0.56 -13.83
CA ASP A 22 -11.27 0.72 -14.21
C ASP A 22 -11.59 1.53 -12.94
N THR A 23 -12.03 0.81 -11.92
CA THR A 23 -12.36 1.44 -10.65
C THR A 23 -11.64 0.75 -9.50
N THR A 24 -10.78 -0.18 -9.87
CA THR A 24 -10.01 -0.92 -8.88
C THR A 24 -8.59 -1.18 -9.38
N THR A 25 -7.73 -1.59 -8.46
CA THR A 25 -6.35 -1.87 -8.79
C THR A 25 -5.76 -2.89 -7.81
N THR A 26 -4.89 -3.75 -8.35
CA THR A 26 -4.26 -4.77 -7.53
C THR A 26 -2.84 -4.33 -7.14
N LEU A 27 -2.42 -4.80 -5.98
CA LEU A 27 -1.10 -4.46 -5.48
C LEU A 27 -0.47 -5.71 -4.85
N LYS A 28 0.86 -5.68 -4.77
CA LYS A 28 1.59 -6.79 -4.19
C LYS A 28 2.91 -6.28 -3.61
N TRP A 29 3.13 -6.60 -2.34
CA TRP A 29 4.33 -6.18 -1.66
C TRP A 29 4.90 -7.39 -0.91
N ARG A 30 6.03 -7.17 -0.26
CA ARG A 30 6.67 -8.23 0.51
C ARG A 30 6.71 -7.86 1.99
N PRO A 31 6.78 -8.92 2.85
CA PRO A 31 6.83 -8.72 4.28
C PRO A 31 8.21 -8.24 4.72
N PRO A 32 8.23 -7.51 5.86
CA PRO A 32 9.47 -6.98 6.41
C PRO A 32 10.30 -8.09 7.06
N ASP A 33 11.48 -7.71 7.51
CA ASP A 33 12.38 -8.66 8.15
C ASP A 33 12.41 -8.37 9.66
N ARG A 34 12.28 -7.10 9.99
CA ARG A 34 12.29 -6.69 11.38
C ARG A 34 10.86 -6.49 11.90
N ILE A 35 10.29 -7.60 12.36
CA ILE A 35 8.93 -7.56 12.87
C ILE A 35 8.97 -7.69 14.40
N GLY A 36 9.39 -8.87 14.85
CA GLY A 36 9.48 -9.13 16.28
C GLY A 36 8.50 -10.24 16.69
N ALA A 37 8.81 -11.45 16.24
CA ALA A 37 7.98 -12.59 16.56
C ALA A 37 6.67 -12.50 15.77
N GLY A 38 6.81 -12.31 14.46
CA GLY A 38 5.65 -12.19 13.59
C GLY A 38 4.63 -11.21 14.16
N GLY A 39 5.15 -10.21 14.86
CA GLY A 39 4.30 -9.20 15.46
C GLY A 39 3.93 -8.12 14.43
N ILE A 40 2.66 -8.10 14.07
CA ILE A 40 2.16 -7.14 13.10
C ILE A 40 0.65 -7.27 12.98
N ASP A 41 -0.01 -6.13 12.84
CA ASP A 41 -1.45 -6.10 12.71
C ASP A 41 -1.83 -6.19 11.23
N GLY A 42 -0.96 -5.64 10.40
CA GLY A 42 -1.19 -5.65 8.96
C GLY A 42 -0.56 -4.43 8.30
N TYR A 43 -1.25 -3.93 7.28
CA TYR A 43 -0.76 -2.77 6.55
C TYR A 43 -1.92 -1.83 6.19
N LEU A 44 -1.59 -0.55 6.08
CA LEU A 44 -2.58 0.46 5.74
C LEU A 44 -2.28 1.02 4.35
N VAL A 45 -3.12 0.62 3.40
CA VAL A 45 -2.96 1.08 2.03
C VAL A 45 -3.73 2.39 1.84
N GLU A 46 -2.98 3.43 1.51
CA GLU A 46 -3.57 4.75 1.29
C GLU A 46 -3.16 5.30 -0.07
N TYR A 47 -4.08 6.00 -0.69
CA TYR A 47 -3.82 6.60 -1.99
C TYR A 47 -4.09 8.10 -1.98
N CYS A 48 -3.29 8.82 -2.75
CA CYS A 48 -3.42 10.26 -2.83
C CYS A 48 -3.64 10.65 -4.30
N LEU A 49 -4.79 11.23 -4.56
CA LEU A 49 -5.13 11.65 -5.91
C LEU A 49 -4.18 12.76 -6.35
N GLU A 50 -3.71 12.64 -7.58
CA GLU A 50 -2.80 13.62 -8.14
C GLU A 50 -3.32 15.04 -7.89
N GLY A 51 -2.44 15.87 -7.34
CA GLY A 51 -2.82 17.25 -7.05
C GLY A 51 -3.22 17.41 -5.59
N SER A 52 -3.79 16.34 -5.05
CA SER A 52 -4.23 16.35 -3.67
C SER A 52 -3.05 16.10 -2.74
N GLU A 53 -3.16 16.63 -1.52
CA GLU A 53 -2.11 16.47 -0.54
C GLU A 53 -2.61 15.64 0.66
N GLU A 54 -3.74 14.99 0.44
CA GLU A 54 -4.34 14.17 1.48
C GLU A 54 -4.40 12.71 1.02
N TRP A 55 -3.74 11.85 1.79
CA TRP A 55 -3.71 10.44 1.47
C TRP A 55 -4.97 9.80 2.07
N VAL A 56 -5.80 9.28 1.18
CA VAL A 56 -7.04 8.63 1.60
C VAL A 56 -6.76 7.16 1.92
N PRO A 57 -7.44 6.67 2.99
CA PRO A 57 -7.27 5.28 3.41
C PRO A 57 -8.02 4.33 2.46
N ALA A 58 -7.24 3.54 1.74
CA ALA A 58 -7.80 2.59 0.80
C ALA A 58 -8.62 1.55 1.57
N ASN A 59 -8.03 1.05 2.64
CA ASN A 59 -8.69 0.05 3.46
C ASN A 59 -8.83 0.59 4.89
N LYS A 60 -10.07 0.64 5.35
CA LYS A 60 -10.35 1.12 6.70
C LYS A 60 -9.51 0.34 7.71
N GLU A 61 -9.46 -0.97 7.50
CA GLU A 61 -8.70 -1.84 8.38
C GLU A 61 -7.46 -2.36 7.66
N PRO A 62 -6.43 -2.75 8.48
CA PRO A 62 -5.20 -3.26 7.93
C PRO A 62 -5.37 -4.69 7.42
N VAL A 63 -4.89 -4.92 6.21
CA VAL A 63 -4.99 -6.24 5.60
C VAL A 63 -3.98 -7.17 6.26
N GLU A 64 -4.08 -8.45 5.91
CA GLU A 64 -3.18 -9.45 6.45
C GLU A 64 -2.22 -9.95 5.38
N ARG A 65 -2.72 -9.99 4.15
CA ARG A 65 -1.92 -10.45 3.02
C ARG A 65 -0.93 -9.35 2.61
N CYS A 66 0.00 -9.74 1.73
CA CYS A 66 1.00 -8.81 1.25
C CYS A 66 0.47 -8.16 -0.02
N GLY A 67 -0.76 -7.71 0.04
CA GLY A 67 -1.40 -7.07 -1.10
C GLY A 67 -2.81 -6.57 -0.75
N PHE A 68 -3.43 -5.95 -1.73
CA PHE A 68 -4.78 -5.43 -1.53
C PHE A 68 -5.37 -4.95 -2.86
N THR A 69 -6.67 -4.62 -2.81
CA THR A 69 -7.36 -4.14 -3.99
C THR A 69 -8.13 -2.86 -3.68
N VAL A 70 -7.65 -1.77 -4.25
CA VAL A 70 -8.29 -0.48 -4.05
C VAL A 70 -9.57 -0.41 -4.88
N LYS A 71 -10.49 0.42 -4.41
CA LYS A 71 -11.77 0.59 -5.09
C LYS A 71 -12.12 2.08 -5.13
N ASP A 72 -13.17 2.39 -5.89
CA ASP A 72 -13.62 3.76 -6.01
C ASP A 72 -12.44 4.64 -6.42
N LEU A 73 -12.20 4.69 -7.72
CA LEU A 73 -11.11 5.49 -8.25
C LEU A 73 -11.53 6.09 -9.59
N PRO A 74 -11.05 7.35 -9.83
CA PRO A 74 -11.38 8.03 -11.08
C PRO A 74 -10.57 7.46 -12.24
N THR A 75 -11.29 6.96 -13.23
CA THR A 75 -10.66 6.38 -14.40
C THR A 75 -9.84 7.45 -15.14
N GLY A 76 -8.53 7.20 -15.21
CA GLY A 76 -7.64 8.12 -15.88
C GLY A 76 -7.13 9.19 -14.91
N ALA A 77 -6.79 8.74 -13.71
CA ALA A 77 -6.27 9.64 -12.69
C ALA A 77 -4.99 9.07 -12.11
N ARG A 78 -3.96 9.92 -12.08
CA ARG A 78 -2.67 9.51 -11.55
C ARG A 78 -2.71 9.45 -10.03
N ILE A 79 -3.05 8.27 -9.53
CA ILE A 79 -3.15 8.05 -8.10
C ILE A 79 -1.90 7.29 -7.63
N LEU A 80 -1.38 7.73 -6.49
CA LEU A 80 -0.19 7.12 -5.92
C LEU A 80 -0.60 6.23 -4.74
N PHE A 81 -0.19 4.97 -4.81
CA PHE A 81 -0.51 4.02 -3.77
C PHE A 81 0.69 3.79 -2.85
N ARG A 82 0.42 3.78 -1.56
CA ARG A 82 1.47 3.57 -0.57
C ARG A 82 0.99 2.61 0.52
N VAL A 83 1.86 1.67 0.85
CA VAL A 83 1.54 0.69 1.88
C VAL A 83 2.41 0.93 3.11
N VAL A 84 1.76 0.93 4.27
CA VAL A 84 2.46 1.15 5.52
C VAL A 84 2.14 0.00 6.48
N GLY A 85 3.18 -0.50 7.12
CA GLY A 85 3.03 -1.59 8.07
C GLY A 85 2.57 -1.07 9.42
N VAL A 86 1.38 -1.51 9.83
CA VAL A 86 0.82 -1.10 11.10
C VAL A 86 1.11 -2.17 12.15
N ASN A 87 1.05 -1.76 13.41
CA ASN A 87 1.31 -2.67 14.51
C ASN A 87 1.24 -1.89 15.83
N ILE A 88 1.49 -2.60 16.91
CA ILE A 88 1.46 -2.00 18.23
C ILE A 88 2.33 -0.74 18.23
N ALA A 89 3.47 -0.84 17.56
CA ALA A 89 4.39 0.28 17.47
C ALA A 89 3.66 1.49 16.88
N GLY A 90 2.94 1.24 15.80
CA GLY A 90 2.19 2.28 15.13
C GLY A 90 2.20 2.08 13.61
N ARG A 91 2.99 2.90 12.94
CA ARG A 91 3.11 2.83 11.50
C ARG A 91 4.57 2.94 11.07
N SER A 92 4.81 2.63 9.81
CA SER A 92 6.16 2.69 9.26
C SER A 92 6.17 3.50 7.97
N GLU A 93 7.37 3.78 7.48
CA GLU A 93 7.52 4.54 6.26
C GLU A 93 6.68 3.93 5.15
N PRO A 94 5.97 4.82 4.41
CA PRO A 94 5.11 4.38 3.32
C PRO A 94 5.94 3.99 2.09
N ALA A 95 5.70 2.78 1.61
CA ALA A 95 6.42 2.28 0.46
C ALA A 95 5.79 2.85 -0.82
N THR A 96 5.69 4.17 -0.86
CA THR A 96 5.11 4.84 -2.00
C THR A 96 5.57 4.17 -3.30
N LEU A 97 4.66 4.15 -4.28
CA LEU A 97 4.95 3.55 -5.56
C LEU A 97 5.95 4.42 -6.32
N LEU A 98 6.80 3.76 -7.09
CA LEU A 98 7.80 4.47 -7.88
C LEU A 98 7.12 5.31 -8.96
N GLN A 99 5.94 4.85 -9.34
CA GLN A 99 5.17 5.55 -10.37
C GLN A 99 3.68 5.48 -10.05
N PRO A 100 2.95 6.54 -10.49
CA PRO A 100 1.52 6.61 -10.25
C PRO A 100 0.76 5.65 -11.18
N VAL A 101 -0.54 5.56 -10.94
CA VAL A 101 -1.39 4.69 -11.74
C VAL A 101 -2.45 5.53 -12.45
N THR A 102 -2.64 5.24 -13.72
CA THR A 102 -3.62 5.96 -14.52
C THR A 102 -5.03 5.44 -14.22
N ILE A 103 -5.08 4.21 -13.74
CA ILE A 103 -6.35 3.59 -13.41
C ILE A 103 -7.16 3.39 -14.69
N ARG A 104 -7.16 2.16 -15.17
CA ARG A 104 -7.88 1.84 -16.39
C ARG A 104 -7.71 0.35 -16.73
N GLU A 105 -8.75 -0.22 -17.31
CA GLU A 105 -8.72 -1.62 -17.69
C GLU A 105 -8.34 -1.77 -19.17
N SER A 106 -7.68 -2.88 -19.46
CA SER A 106 -7.25 -3.15 -20.82
C SER A 106 -7.69 -4.55 -21.24
N GLY A 107 -8.14 -4.65 -22.49
CA GLY A 107 -8.60 -5.92 -23.01
C GLY A 107 -9.99 -5.79 -23.65
N PRO A 108 -10.17 -6.50 -24.79
CA PRO A 108 -11.44 -6.48 -25.49
C PRO A 108 -12.50 -7.31 -24.76
N SER A 109 -13.75 -6.92 -24.96
CA SER A 109 -14.85 -7.63 -24.33
C SER A 109 -15.18 -8.90 -25.12
N SER A 110 -14.45 -9.96 -24.81
CA SER A 110 -14.66 -11.23 -25.48
C SER A 110 -16.11 -11.67 -25.32
N GLY A 111 -16.72 -12.02 -26.44
CA GLY A 111 -18.11 -12.46 -26.45
C GLY A 111 -18.95 -11.62 -25.49
#